data_1X5K
#
_entry.id   1X5K
#
_entity_poly.entity_id   1
_entity_poly.type   'polypeptide(L)'
_entity_poly.pdbx_seq_one_letter_code
;GSSGSSGTAHGTTFELVPTSPPKDVTVVSKEGKPKTIIVNWQPPSEANGKITGYIIYYSTDVNAEIHDWVIEPVVGNRLT
HQIQELTLDTPYYFKIQARNSKGMGPMSEAVQFRTPKASGPSSG
;
_entity_poly.pdbx_strand_id   A
#
# COMPACT_ATOMS: atom_id res chain seq x y z
N GLY A 1 32.60 5.57 2.99
CA GLY A 1 31.31 5.56 2.35
C GLY A 1 31.36 6.13 0.94
N SER A 2 31.77 7.39 0.82
CA SER A 2 31.85 8.04 -0.48
C SER A 2 32.96 9.09 -0.48
N SER A 3 33.18 9.70 -1.65
CA SER A 3 34.22 10.71 -1.79
C SER A 3 33.60 12.08 -2.15
N GLY A 4 33.90 13.08 -1.34
CA GLY A 4 33.38 14.41 -1.59
C GLY A 4 33.59 15.35 -0.42
N SER A 5 33.69 16.64 -0.70
CA SER A 5 33.89 17.65 0.35
C SER A 5 32.56 18.07 0.96
N SER A 6 32.64 18.96 1.96
CA SER A 6 31.45 19.44 2.63
C SER A 6 31.47 20.96 2.76
N GLY A 7 30.30 21.58 2.72
CA GLY A 7 30.21 23.01 2.83
C GLY A 7 28.79 23.50 3.08
N THR A 8 27.98 23.55 2.03
CA THR A 8 26.60 23.99 2.14
C THR A 8 25.69 22.83 2.56
N ALA A 9 25.59 22.61 3.86
CA ALA A 9 24.74 21.55 4.39
C ALA A 9 23.29 22.00 4.50
N HIS A 10 22.79 22.63 3.44
CA HIS A 10 21.41 23.12 3.43
C HIS A 10 20.47 22.06 2.89
N GLY A 11 20.45 20.90 3.54
CA GLY A 11 19.59 19.82 3.10
C GLY A 11 20.27 18.90 2.11
N THR A 12 19.47 18.13 1.37
CA THR A 12 20.00 17.21 0.38
C THR A 12 20.02 17.84 -1.01
N THR A 13 21.00 17.43 -1.83
CA THR A 13 21.13 17.97 -3.18
C THR A 13 20.27 17.17 -4.16
N PHE A 14 19.86 15.97 -3.76
CA PHE A 14 19.04 15.12 -4.60
C PHE A 14 18.36 14.03 -3.77
N GLU A 15 17.20 13.58 -4.24
CA GLU A 15 16.45 12.54 -3.55
C GLU A 15 16.34 11.28 -4.41
N LEU A 16 16.17 10.14 -3.75
CA LEU A 16 16.05 8.87 -4.45
C LEU A 16 14.78 8.13 -4.03
N VAL A 17 13.85 8.02 -4.97
CA VAL A 17 12.58 7.34 -4.70
C VAL A 17 12.81 6.00 -4.02
N PRO A 18 11.81 5.55 -3.24
CA PRO A 18 11.88 4.28 -2.52
C PRO A 18 11.84 3.08 -3.45
N THR A 19 13.01 2.58 -3.85
CA THR A 19 13.11 1.44 -4.74
C THR A 19 12.99 0.12 -3.97
N SER A 20 12.24 0.15 -2.87
CA SER A 20 12.06 -1.03 -2.04
C SER A 20 10.59 -1.17 -1.62
N PRO A 21 10.11 -2.42 -1.58
CA PRO A 21 8.73 -2.73 -1.19
C PRO A 21 8.48 -2.48 0.30
N PRO A 22 7.21 -2.21 0.64
CA PRO A 22 6.81 -1.95 2.03
C PRO A 22 6.88 -3.21 2.90
N LYS A 23 6.81 -3.02 4.21
CA LYS A 23 6.87 -4.14 5.15
C LYS A 23 5.59 -4.21 5.98
N ASP A 24 5.44 -5.31 6.72
CA ASP A 24 4.27 -5.49 7.57
C ASP A 24 2.98 -5.45 6.74
N VAL A 25 2.99 -6.15 5.60
CA VAL A 25 1.83 -6.18 4.73
C VAL A 25 0.78 -7.15 5.24
N THR A 26 -0.32 -6.62 5.77
CA THR A 26 -1.40 -7.45 6.30
C THR A 26 -2.74 -7.01 5.74
N VAL A 27 -3.63 -7.97 5.53
CA VAL A 27 -4.97 -7.67 5.01
C VAL A 27 -6.04 -8.39 5.83
N VAL A 28 -6.75 -7.62 6.65
CA VAL A 28 -7.81 -8.17 7.49
C VAL A 28 -9.18 -7.78 6.96
N SER A 29 -10.23 -8.30 7.60
CA SER A 29 -11.60 -7.99 7.20
C SER A 29 -12.33 -7.22 8.29
N LYS A 30 -13.13 -6.24 7.87
CA LYS A 30 -13.88 -5.41 8.81
C LYS A 30 -14.75 -6.28 9.71
N GLU A 31 -15.01 -5.80 10.93
CA GLU A 31 -15.83 -6.52 11.88
C GLU A 31 -17.32 -6.26 11.65
N GLY A 32 -17.99 -7.21 10.99
CA GLY A 32 -19.40 -7.07 10.71
C GLY A 32 -19.67 -6.80 9.24
N LYS A 33 -18.74 -6.13 8.58
CA LYS A 33 -18.89 -5.82 7.16
C LYS A 33 -17.91 -6.64 6.32
N PRO A 34 -18.45 -7.68 5.67
CA PRO A 34 -17.65 -8.58 4.81
C PRO A 34 -17.17 -7.88 3.54
N LYS A 35 -18.03 -7.03 2.98
CA LYS A 35 -17.70 -6.31 1.76
C LYS A 35 -16.61 -5.26 2.03
N THR A 36 -16.30 -5.06 3.30
CA THR A 36 -15.29 -4.09 3.69
C THR A 36 -14.06 -4.78 4.29
N ILE A 37 -12.88 -4.27 3.96
CA ILE A 37 -11.64 -4.84 4.47
C ILE A 37 -10.61 -3.75 4.75
N ILE A 38 -9.70 -4.02 5.68
CA ILE A 38 -8.66 -3.07 6.03
C ILE A 38 -7.27 -3.60 5.67
N VAL A 39 -6.46 -2.76 5.04
CA VAL A 39 -5.11 -3.15 4.65
C VAL A 39 -4.07 -2.29 5.36
N ASN A 40 -3.25 -2.93 6.19
CA ASN A 40 -2.20 -2.22 6.93
C ASN A 40 -0.83 -2.51 6.33
N TRP A 41 0.12 -1.61 6.59
CA TRP A 41 1.48 -1.77 6.07
C TRP A 41 2.45 -0.87 6.83
N GLN A 42 3.74 -1.00 6.51
CA GLN A 42 4.76 -0.19 7.15
C GLN A 42 5.82 0.25 6.15
N PRO A 43 6.51 1.35 6.46
CA PRO A 43 7.56 1.91 5.59
C PRO A 43 8.81 1.03 5.56
N PRO A 44 9.46 0.96 4.40
CA PRO A 44 10.68 0.17 4.22
C PRO A 44 11.86 0.75 4.98
N SER A 45 12.81 -0.12 5.34
CA SER A 45 13.99 0.31 6.06
C SER A 45 14.86 1.24 5.21
N GLU A 46 15.05 0.86 3.95
CA GLU A 46 15.86 1.65 3.04
C GLU A 46 15.48 3.13 3.12
N ALA A 47 14.21 3.43 2.86
CA ALA A 47 13.71 4.79 2.90
C ALA A 47 14.77 5.78 2.43
N ASN A 48 15.33 5.53 1.25
CA ASN A 48 16.36 6.39 0.69
C ASN A 48 16.12 7.84 1.07
N GLY A 49 14.84 8.23 1.17
CA GLY A 49 14.51 9.59 1.52
C GLY A 49 13.40 9.66 2.57
N LYS A 50 12.39 10.49 2.31
CA LYS A 50 11.27 10.63 3.22
C LYS A 50 9.99 10.07 2.62
N ILE A 51 8.89 10.23 3.34
CA ILE A 51 7.59 9.73 2.87
C ILE A 51 6.53 10.82 2.94
N THR A 52 5.58 10.77 2.01
CA THR A 52 4.50 11.75 1.97
C THR A 52 3.14 11.08 1.86
N GLY A 53 3.12 9.91 1.21
CA GLY A 53 1.87 9.18 1.05
C GLY A 53 2.10 7.77 0.54
N TYR A 54 1.01 7.06 0.28
CA TYR A 54 1.09 5.68 -0.21
C TYR A 54 0.00 5.40 -1.24
N ILE A 55 0.18 4.35 -2.01
CA ILE A 55 -0.79 3.98 -3.04
C ILE A 55 -1.02 2.47 -3.04
N ILE A 56 -2.29 2.09 -3.12
CA ILE A 56 -2.66 0.67 -3.14
C ILE A 56 -3.35 0.30 -4.45
N TYR A 57 -3.08 -0.91 -4.94
CA TYR A 57 -3.67 -1.39 -6.17
C TYR A 57 -4.50 -2.64 -5.93
N TYR A 58 -5.67 -2.69 -6.56
CA TYR A 58 -6.56 -3.84 -6.42
C TYR A 58 -7.38 -4.05 -7.68
N SER A 59 -7.58 -5.31 -8.05
CA SER A 59 -8.34 -5.65 -9.24
C SER A 59 -8.76 -7.12 -9.22
N THR A 60 -9.99 -7.40 -9.65
CA THR A 60 -10.50 -8.76 -9.69
C THR A 60 -9.51 -9.71 -10.34
N ASP A 61 -8.77 -9.21 -11.32
CA ASP A 61 -7.79 -10.01 -12.03
C ASP A 61 -6.39 -9.81 -11.44
N VAL A 62 -5.49 -10.73 -11.73
CA VAL A 62 -4.13 -10.65 -11.22
C VAL A 62 -3.12 -10.50 -12.35
N ASN A 63 -3.38 -11.19 -13.46
CA ASN A 63 -2.51 -11.13 -14.63
C ASN A 63 -2.73 -9.84 -15.41
N ALA A 64 -3.73 -9.07 -15.00
CA ALA A 64 -4.05 -7.82 -15.66
C ALA A 64 -2.89 -6.83 -15.58
N GLU A 65 -2.82 -5.92 -16.54
CA GLU A 65 -1.75 -4.93 -16.57
C GLU A 65 -2.02 -3.81 -15.57
N ILE A 66 -0.99 -3.42 -14.84
CA ILE A 66 -1.12 -2.36 -13.84
C ILE A 66 -2.09 -1.28 -14.31
N HIS A 67 -2.15 -1.07 -15.62
CA HIS A 67 -3.05 -0.08 -16.20
C HIS A 67 -4.48 -0.29 -15.72
N ASP A 68 -4.96 -1.52 -15.84
CA ASP A 68 -6.32 -1.86 -15.43
C ASP A 68 -6.47 -1.73 -13.91
N TRP A 69 -5.42 -2.06 -13.19
CA TRP A 69 -5.43 -1.98 -11.73
C TRP A 69 -5.81 -0.58 -11.27
N VAL A 70 -6.72 -0.51 -10.29
CA VAL A 70 -7.17 0.77 -9.77
C VAL A 70 -6.13 1.38 -8.84
N ILE A 71 -6.10 2.71 -8.78
CA ILE A 71 -5.16 3.42 -7.93
C ILE A 71 -5.85 4.02 -6.72
N GLU A 72 -5.52 3.50 -5.54
CA GLU A 72 -6.12 3.99 -4.30
C GLU A 72 -5.10 4.79 -3.49
N PRO A 73 -4.97 6.08 -3.83
CA PRO A 73 -4.04 6.99 -3.15
C PRO A 73 -4.47 7.30 -1.72
N VAL A 74 -3.54 7.15 -0.77
CA VAL A 74 -3.82 7.42 0.63
C VAL A 74 -3.31 8.79 1.04
N VAL A 75 -4.11 9.53 1.80
CA VAL A 75 -3.74 10.86 2.26
C VAL A 75 -3.28 10.82 3.71
N GLY A 76 -2.59 11.87 4.14
CA GLY A 76 -2.11 11.95 5.50
C GLY A 76 -1.06 10.89 5.80
N ASN A 77 -0.27 10.55 4.78
CA ASN A 77 0.77 9.54 4.94
C ASN A 77 0.29 8.39 5.83
N ARG A 78 -0.94 7.96 5.59
CA ARG A 78 -1.52 6.86 6.37
C ARG A 78 -0.90 5.52 5.96
N LEU A 79 -0.82 4.61 6.92
CA LEU A 79 -0.26 3.28 6.66
C LEU A 79 -1.35 2.23 6.56
N THR A 80 -2.61 2.68 6.61
CA THR A 80 -3.74 1.78 6.53
C THR A 80 -4.83 2.34 5.62
N HIS A 81 -5.58 1.45 4.97
CA HIS A 81 -6.65 1.86 4.07
C HIS A 81 -7.83 0.90 4.16
N GLN A 82 -9.03 1.43 3.97
CA GLN A 82 -10.25 0.63 4.02
C GLN A 82 -10.99 0.66 2.69
N ILE A 83 -11.42 -0.51 2.23
CA ILE A 83 -12.14 -0.61 0.97
C ILE A 83 -13.48 -1.31 1.16
N GLN A 84 -14.56 -0.57 0.93
CA GLN A 84 -15.91 -1.11 1.08
C GLN A 84 -16.57 -1.30 -0.28
N GLU A 85 -17.76 -1.89 -0.26
CA GLU A 85 -18.50 -2.14 -1.50
C GLU A 85 -17.72 -3.07 -2.42
N LEU A 86 -17.23 -4.16 -1.87
CA LEU A 86 -16.46 -5.14 -2.64
C LEU A 86 -17.29 -6.40 -2.89
N THR A 87 -16.69 -7.35 -3.60
CA THR A 87 -17.36 -8.61 -3.92
C THR A 87 -17.00 -9.69 -2.91
N LEU A 88 -17.95 -10.59 -2.66
CA LEU A 88 -17.73 -11.69 -1.72
C LEU A 88 -17.34 -12.97 -2.44
N ASP A 89 -16.89 -13.96 -1.69
CA ASP A 89 -16.48 -15.24 -2.27
C ASP A 89 -15.74 -15.03 -3.58
N THR A 90 -14.78 -14.11 -3.57
CA THR A 90 -14.00 -13.81 -4.76
C THR A 90 -12.56 -13.45 -4.40
N PRO A 91 -11.59 -14.11 -5.07
CA PRO A 91 -10.17 -13.87 -4.84
C PRO A 91 -9.72 -12.50 -5.33
N TYR A 92 -9.43 -11.59 -4.39
CA TYR A 92 -8.99 -10.25 -4.73
C TYR A 92 -7.52 -10.05 -4.38
N TYR A 93 -6.76 -9.52 -5.32
CA TYR A 93 -5.34 -9.28 -5.11
C TYR A 93 -5.06 -7.81 -4.81
N PHE A 94 -4.42 -7.55 -3.68
CA PHE A 94 -4.10 -6.19 -3.28
C PHE A 94 -2.59 -5.95 -3.30
N LYS A 95 -2.20 -4.70 -3.52
CA LYS A 95 -0.79 -4.35 -3.57
C LYS A 95 -0.55 -3.01 -2.88
N ILE A 96 0.55 -2.91 -2.14
CA ILE A 96 0.89 -1.67 -1.44
C ILE A 96 2.24 -1.14 -1.90
N GLN A 97 2.35 0.18 -2.00
CA GLN A 97 3.58 0.82 -2.44
C GLN A 97 3.87 2.06 -1.61
N ALA A 98 5.07 2.62 -1.76
CA ALA A 98 5.47 3.81 -1.03
C ALA A 98 5.93 4.91 -1.98
N ARG A 99 5.34 6.09 -1.87
CA ARG A 99 5.70 7.22 -2.71
C ARG A 99 6.09 8.43 -1.87
N ASN A 100 7.07 9.18 -2.35
CA ASN A 100 7.54 10.37 -1.64
C ASN A 100 7.52 11.60 -2.56
N SER A 101 7.99 12.73 -2.03
CA SER A 101 8.01 13.96 -2.80
C SER A 101 8.38 13.71 -4.25
N LYS A 102 9.36 12.81 -4.45
CA LYS A 102 9.81 12.47 -5.78
C LYS A 102 8.74 11.72 -6.55
N GLY A 103 8.52 10.46 -6.18
CA GLY A 103 7.51 9.65 -6.84
C GLY A 103 7.23 8.35 -6.10
N MET A 104 6.87 7.32 -6.84
CA MET A 104 6.57 6.01 -6.25
C MET A 104 7.65 5.01 -6.57
N GLY A 105 7.58 3.83 -5.95
CA GLY A 105 8.57 2.80 -6.19
C GLY A 105 7.95 1.50 -6.66
N PRO A 106 8.69 0.39 -6.53
CA PRO A 106 8.22 -0.93 -6.95
C PRO A 106 7.11 -1.46 -6.05
N MET A 107 6.15 -2.16 -6.66
CA MET A 107 5.02 -2.72 -5.92
C MET A 107 5.38 -4.08 -5.34
N SER A 108 4.79 -4.41 -4.19
CA SER A 108 5.04 -5.68 -3.52
C SER A 108 4.31 -6.82 -4.23
N GLU A 109 4.64 -8.05 -3.86
CA GLU A 109 4.01 -9.22 -4.45
C GLU A 109 2.49 -9.17 -4.28
N ALA A 110 1.78 -9.71 -5.26
CA ALA A 110 0.32 -9.74 -5.22
C ALA A 110 -0.19 -10.48 -4.00
N VAL A 111 -0.84 -9.77 -3.09
CA VAL A 111 -1.37 -10.37 -1.87
C VAL A 111 -2.76 -10.96 -2.12
N GLN A 112 -2.83 -12.29 -2.19
CA GLN A 112 -4.09 -12.98 -2.42
C GLN A 112 -4.87 -13.14 -1.12
N PHE A 113 -6.00 -12.43 -1.02
CA PHE A 113 -6.83 -12.50 0.17
C PHE A 113 -8.28 -12.81 -0.19
N ARG A 114 -8.71 -14.03 0.14
CA ARG A 114 -10.07 -14.46 -0.15
C ARG A 114 -11.08 -13.73 0.74
N THR A 115 -11.96 -12.97 0.11
CA THR A 115 -12.98 -12.21 0.83
C THR A 115 -13.81 -13.12 1.72
N PRO A 116 -14.27 -12.58 2.86
CA PRO A 116 -15.09 -13.33 3.82
C PRO A 116 -16.49 -13.63 3.29
N LYS A 117 -17.39 -14.01 4.18
CA LYS A 117 -18.76 -14.32 3.80
C LYS A 117 -19.74 -13.83 4.85
N ALA A 118 -20.94 -13.43 4.42
CA ALA A 118 -21.97 -12.95 5.32
C ALA A 118 -22.52 -14.09 6.19
N SER A 119 -22.29 -14.01 7.49
CA SER A 119 -22.77 -15.02 8.41
C SER A 119 -23.88 -14.48 9.31
N GLY A 120 -25.12 -14.70 8.91
CA GLY A 120 -26.25 -14.22 9.68
C GLY A 120 -26.83 -12.93 9.14
N PRO A 121 -28.15 -12.77 9.25
CA PRO A 121 -28.85 -11.57 8.77
C PRO A 121 -28.53 -10.35 9.61
N SER A 122 -27.89 -10.55 10.75
CA SER A 122 -27.53 -9.46 11.65
C SER A 122 -26.14 -8.92 11.30
N SER A 123 -26.01 -7.60 11.37
CA SER A 123 -24.74 -6.94 11.07
C SER A 123 -24.81 -5.45 11.38
N GLY A 124 -23.79 -4.96 12.08
CA GLY A 124 -23.75 -3.55 12.43
C GLY A 124 -23.08 -3.30 13.78
N GLY A 1 27.32 4.84 -2.45
CA GLY A 1 27.03 5.81 -1.41
C GLY A 1 27.67 5.45 -0.08
N SER A 2 27.53 6.34 0.90
CA SER A 2 28.11 6.11 2.21
C SER A 2 27.14 5.34 3.11
N SER A 3 25.94 5.87 3.27
CA SER A 3 24.92 5.24 4.10
C SER A 3 25.43 5.01 5.52
N GLY A 4 26.13 6.02 6.05
CA GLY A 4 26.66 5.91 7.39
C GLY A 4 25.98 6.86 8.36
N SER A 5 26.33 6.75 9.64
CA SER A 5 25.74 7.59 10.67
C SER A 5 26.58 8.85 10.89
N SER A 6 26.28 9.89 10.12
CA SER A 6 27.00 11.15 10.22
C SER A 6 26.06 12.33 10.07
N GLY A 7 26.04 13.20 11.07
CA GLY A 7 25.18 14.37 11.04
C GLY A 7 25.34 15.18 9.76
N THR A 8 24.28 15.25 8.96
CA THR A 8 24.32 15.99 7.71
C THR A 8 24.13 17.49 7.95
N ALA A 9 25.20 18.25 7.79
CA ALA A 9 25.14 19.69 7.99
C ALA A 9 24.89 20.41 6.67
N HIS A 10 23.90 19.94 5.92
CA HIS A 10 23.56 20.54 4.63
C HIS A 10 22.28 19.94 4.08
N GLY A 11 21.67 20.63 3.12
CA GLY A 11 20.43 20.15 2.52
C GLY A 11 20.68 19.28 1.30
N THR A 12 20.31 18.01 1.39
CA THR A 12 20.49 17.07 0.30
C THR A 12 20.29 17.75 -1.06
N THR A 13 21.20 17.49 -1.98
CA THR A 13 21.13 18.09 -3.31
C THR A 13 20.17 17.32 -4.21
N PHE A 14 19.73 16.15 -3.74
CA PHE A 14 18.81 15.32 -4.50
C PHE A 14 18.38 14.10 -3.69
N GLU A 15 17.12 14.10 -3.25
CA GLU A 15 16.60 13.00 -2.46
C GLU A 15 16.68 11.68 -3.22
N LEU A 16 16.50 10.57 -2.51
CA LEU A 16 16.56 9.26 -3.14
C LEU A 16 15.29 8.47 -2.86
N VAL A 17 14.49 8.25 -3.89
CA VAL A 17 13.24 7.51 -3.76
C VAL A 17 13.47 6.17 -3.07
N PRO A 18 12.42 5.67 -2.40
CA PRO A 18 12.48 4.40 -1.68
C PRO A 18 12.58 3.20 -2.62
N THR A 19 13.81 2.76 -2.87
CA THR A 19 14.05 1.62 -3.75
C THR A 19 13.72 0.31 -3.05
N SER A 20 13.14 0.40 -1.86
CA SER A 20 12.77 -0.78 -1.09
C SER A 20 11.26 -0.87 -0.91
N PRO A 21 10.72 -2.09 -1.07
CA PRO A 21 9.28 -2.34 -0.93
C PRO A 21 8.81 -2.20 0.52
N PRO A 22 7.48 -2.11 0.70
CA PRO A 22 6.86 -1.97 2.02
C PRO A 22 6.98 -3.25 2.85
N LYS A 23 6.75 -3.13 4.15
CA LYS A 23 6.83 -4.27 5.06
C LYS A 23 5.55 -4.41 5.87
N ASP A 24 5.51 -5.43 6.72
CA ASP A 24 4.34 -5.67 7.56
C ASP A 24 3.07 -5.67 6.73
N VAL A 25 3.16 -6.20 5.51
CA VAL A 25 2.01 -6.26 4.62
C VAL A 25 0.96 -7.24 5.14
N THR A 26 -0.17 -6.70 5.58
CA THR A 26 -1.26 -7.52 6.10
C THR A 26 -2.62 -7.02 5.62
N VAL A 27 -3.55 -7.94 5.43
CA VAL A 27 -4.89 -7.59 4.98
C VAL A 27 -5.96 -8.23 5.85
N VAL A 28 -6.67 -7.40 6.61
CA VAL A 28 -7.73 -7.89 7.49
C VAL A 28 -9.11 -7.47 6.98
N SER A 29 -10.14 -8.11 7.51
CA SER A 29 -11.51 -7.82 7.10
C SER A 29 -12.24 -7.05 8.20
N LYS A 30 -13.24 -6.26 7.80
CA LYS A 30 -14.02 -5.47 8.74
C LYS A 30 -15.15 -6.29 9.34
N GLU A 31 -15.53 -5.96 10.57
CA GLU A 31 -16.60 -6.68 11.25
C GLU A 31 -17.97 -6.09 10.89
N GLY A 32 -18.17 -4.82 11.22
CA GLY A 32 -19.43 -4.17 10.93
C GLY A 32 -19.90 -4.43 9.51
N LYS A 33 -18.95 -4.64 8.60
CA LYS A 33 -19.28 -4.90 7.21
C LYS A 33 -18.31 -5.91 6.60
N PRO A 34 -18.85 -6.94 5.95
CA PRO A 34 -18.04 -7.99 5.31
C PRO A 34 -17.30 -7.48 4.08
N LYS A 35 -18.03 -6.84 3.17
CA LYS A 35 -17.44 -6.31 1.95
C LYS A 35 -16.35 -5.28 2.28
N THR A 36 -16.38 -4.76 3.50
CA THR A 36 -15.39 -3.79 3.94
C THR A 36 -14.18 -4.46 4.57
N ILE A 37 -12.99 -4.09 4.11
CA ILE A 37 -11.75 -4.65 4.64
C ILE A 37 -10.75 -3.57 4.97
N ILE A 38 -9.75 -3.91 5.78
CA ILE A 38 -8.72 -2.97 6.17
C ILE A 38 -7.32 -3.53 5.91
N VAL A 39 -6.54 -2.84 5.08
CA VAL A 39 -5.20 -3.28 4.75
C VAL A 39 -4.16 -2.52 5.58
N ASN A 40 -3.41 -3.25 6.39
CA ASN A 40 -2.39 -2.65 7.24
C ASN A 40 -1.00 -2.90 6.66
N TRP A 41 -0.08 -1.98 6.94
CA TRP A 41 1.29 -2.10 6.45
C TRP A 41 2.20 -1.09 7.13
N GLN A 42 3.50 -1.14 6.80
CA GLN A 42 4.46 -0.23 7.39
C GLN A 42 5.52 0.17 6.36
N PRO A 43 6.18 1.32 6.60
CA PRO A 43 7.22 1.82 5.71
C PRO A 43 8.49 0.98 5.76
N PRO A 44 9.25 0.99 4.65
CA PRO A 44 10.50 0.23 4.54
C PRO A 44 11.61 0.80 5.42
N SER A 45 12.44 -0.09 5.94
CA SER A 45 13.54 0.32 6.81
C SER A 45 14.54 1.19 6.06
N GLU A 46 14.54 1.06 4.73
CA GLU A 46 15.45 1.84 3.89
C GLU A 46 14.75 3.06 3.33
N ALA A 47 14.24 3.92 4.21
CA ALA A 47 13.54 5.13 3.80
C ALA A 47 14.52 6.24 3.46
N ASN A 48 15.38 5.99 2.48
CA ASN A 48 16.38 6.97 2.06
C ASN A 48 15.82 8.39 2.19
N GLY A 49 14.53 8.55 1.92
CA GLY A 49 13.91 9.86 2.01
C GLY A 49 12.70 9.85 2.92
N LYS A 50 11.88 10.90 2.83
CA LYS A 50 10.69 11.03 3.65
C LYS A 50 9.44 10.67 2.84
N ILE A 51 8.58 9.83 3.42
CA ILE A 51 7.36 9.42 2.76
C ILE A 51 6.25 10.46 2.95
N THR A 52 5.52 10.72 1.88
CA THR A 52 4.43 11.70 1.92
C THR A 52 3.07 11.01 1.81
N GLY A 53 3.04 9.90 1.08
CA GLY A 53 1.81 9.16 0.91
C GLY A 53 2.01 7.82 0.26
N TYR A 54 0.93 7.09 0.05
CA TYR A 54 0.99 5.76 -0.57
C TYR A 54 -0.17 5.53 -1.52
N ILE A 55 -0.02 4.56 -2.40
CA ILE A 55 -1.07 4.25 -3.37
C ILE A 55 -1.24 2.74 -3.53
N ILE A 56 -2.41 2.23 -3.18
CA ILE A 56 -2.70 0.81 -3.27
C ILE A 56 -3.41 0.48 -4.58
N TYR A 57 -3.15 -0.70 -5.12
CA TYR A 57 -3.76 -1.13 -6.37
C TYR A 57 -4.37 -2.53 -6.23
N TYR A 58 -5.68 -2.61 -6.42
CA TYR A 58 -6.39 -3.89 -6.31
C TYR A 58 -7.08 -4.23 -7.62
N SER A 59 -7.19 -5.53 -7.91
CA SER A 59 -7.83 -6.00 -9.13
C SER A 59 -7.99 -7.51 -9.10
N THR A 60 -9.07 -7.99 -9.72
CA THR A 60 -9.34 -9.43 -9.77
C THR A 60 -8.35 -10.14 -10.69
N ASP A 61 -7.65 -9.37 -11.50
CA ASP A 61 -6.67 -9.94 -12.42
C ASP A 61 -5.25 -9.78 -11.88
N VAL A 62 -4.56 -10.91 -11.70
CA VAL A 62 -3.21 -10.91 -11.18
C VAL A 62 -2.19 -10.73 -12.31
N ASN A 63 -2.68 -10.58 -13.52
CA ASN A 63 -1.82 -10.40 -14.69
C ASN A 63 -2.12 -9.09 -15.39
N ALA A 64 -3.28 -8.52 -15.12
CA ALA A 64 -3.68 -7.25 -15.72
C ALA A 64 -2.56 -6.23 -15.65
N GLU A 65 -2.40 -5.46 -16.73
CA GLU A 65 -1.37 -4.45 -16.79
C GLU A 65 -1.26 -3.68 -15.47
N ILE A 66 -0.04 -3.59 -14.95
CA ILE A 66 0.19 -2.88 -13.70
C ILE A 66 -0.60 -1.57 -13.64
N HIS A 67 -0.79 -0.97 -14.81
CA HIS A 67 -1.53 0.29 -14.89
C HIS A 67 -3.03 0.04 -14.94
N ASP A 68 -3.41 -1.10 -15.51
CA ASP A 68 -4.82 -1.46 -15.61
C ASP A 68 -5.48 -1.52 -14.24
N TRP A 69 -4.67 -1.80 -13.22
CA TRP A 69 -5.17 -1.89 -11.85
C TRP A 69 -5.74 -0.55 -11.39
N VAL A 70 -6.65 -0.60 -10.43
CA VAL A 70 -7.27 0.61 -9.90
C VAL A 70 -6.31 1.37 -9.00
N ILE A 71 -6.41 2.69 -9.00
CA ILE A 71 -5.55 3.53 -8.18
C ILE A 71 -6.26 3.96 -6.90
N GLU A 72 -5.68 3.59 -5.76
CA GLU A 72 -6.26 3.94 -4.47
C GLU A 72 -5.25 4.68 -3.60
N PRO A 73 -5.16 6.00 -3.79
CA PRO A 73 -4.24 6.87 -3.04
C PRO A 73 -4.64 6.99 -1.57
N VAL A 74 -3.65 7.16 -0.71
CA VAL A 74 -3.89 7.30 0.72
C VAL A 74 -3.36 8.63 1.24
N VAL A 75 -4.26 9.45 1.77
CA VAL A 75 -3.89 10.76 2.30
C VAL A 75 -3.28 10.63 3.70
N GLY A 76 -2.62 11.69 4.15
CA GLY A 76 -1.99 11.67 5.45
C GLY A 76 -1.13 10.45 5.67
N ASN A 77 -0.46 10.00 4.61
CA ASN A 77 0.40 8.83 4.69
C ASN A 77 -0.15 7.80 5.67
N ARG A 78 -1.40 7.41 5.46
CA ARG A 78 -2.05 6.43 6.32
C ARG A 78 -1.53 5.02 6.03
N LEU A 79 -1.01 4.37 7.06
CA LEU A 79 -0.48 3.02 6.93
C LEU A 79 -1.61 2.00 6.83
N THR A 80 -2.84 2.47 6.96
CA THR A 80 -4.01 1.60 6.87
C THR A 80 -5.13 2.25 6.07
N HIS A 81 -5.78 1.45 5.22
CA HIS A 81 -6.87 1.96 4.39
C HIS A 81 -8.13 1.11 4.57
N GLN A 82 -9.27 1.69 4.25
CA GLN A 82 -10.55 1.00 4.38
C GLN A 82 -11.25 0.88 3.03
N ILE A 83 -11.10 -0.28 2.39
CA ILE A 83 -11.72 -0.51 1.09
C ILE A 83 -13.01 -1.32 1.24
N GLN A 84 -14.12 -0.73 0.80
CA GLN A 84 -15.41 -1.38 0.88
C GLN A 84 -16.07 -1.48 -0.49
N GLU A 85 -17.30 -1.98 -0.53
CA GLU A 85 -18.03 -2.11 -1.78
C GLU A 85 -17.31 -3.06 -2.73
N LEU A 86 -16.95 -4.24 -2.22
CA LEU A 86 -16.25 -5.24 -3.02
C LEU A 86 -17.08 -6.52 -3.14
N THR A 87 -16.60 -7.46 -3.95
CA THR A 87 -17.29 -8.73 -4.14
C THR A 87 -16.89 -9.74 -3.08
N LEU A 88 -17.84 -10.60 -2.70
CA LEU A 88 -17.59 -11.61 -1.69
C LEU A 88 -17.25 -12.96 -2.33
N ASP A 89 -16.81 -13.91 -1.51
CA ASP A 89 -16.46 -15.23 -2.01
C ASP A 89 -15.70 -15.14 -3.33
N THR A 90 -14.76 -14.20 -3.40
CA THR A 90 -13.96 -14.00 -4.61
C THR A 90 -12.53 -13.64 -4.27
N PRO A 91 -11.57 -14.31 -4.94
CA PRO A 91 -10.14 -14.06 -4.71
C PRO A 91 -9.70 -12.70 -5.24
N TYR A 92 -9.40 -11.79 -4.33
CA TYR A 92 -8.96 -10.45 -4.71
C TYR A 92 -7.48 -10.25 -4.38
N TYR A 93 -6.80 -9.48 -5.22
CA TYR A 93 -5.38 -9.21 -5.02
C TYR A 93 -5.14 -7.73 -4.75
N PHE A 94 -4.21 -7.44 -3.85
CA PHE A 94 -3.88 -6.07 -3.49
C PHE A 94 -2.38 -5.82 -3.60
N LYS A 95 -2.01 -4.57 -3.84
CA LYS A 95 -0.60 -4.20 -3.96
C LYS A 95 -0.33 -2.88 -3.25
N ILE A 96 0.72 -2.86 -2.43
CA ILE A 96 1.10 -1.66 -1.69
C ILE A 96 2.45 -1.13 -2.15
N GLN A 97 2.59 0.20 -2.16
CA GLN A 97 3.83 0.82 -2.58
C GLN A 97 3.99 2.19 -1.92
N ALA A 98 5.20 2.49 -1.48
CA ALA A 98 5.50 3.77 -0.83
C ALA A 98 6.17 4.74 -1.80
N ARG A 99 5.85 6.01 -1.67
CA ARG A 99 6.43 7.04 -2.54
C ARG A 99 6.54 8.37 -1.80
N ASN A 100 7.42 9.24 -2.29
CA ASN A 100 7.63 10.54 -1.68
C ASN A 100 7.46 11.65 -2.70
N SER A 101 7.71 12.89 -2.28
CA SER A 101 7.58 14.05 -3.17
C SER A 101 8.33 13.80 -4.47
N LYS A 102 9.42 13.05 -4.39
CA LYS A 102 10.22 12.74 -5.57
C LYS A 102 9.49 11.77 -6.49
N GLY A 103 9.34 10.53 -6.03
CA GLY A 103 8.65 9.53 -6.83
C GLY A 103 8.32 8.28 -6.03
N MET A 104 7.89 7.23 -6.72
CA MET A 104 7.55 5.97 -6.06
C MET A 104 8.66 4.94 -6.26
N GLY A 105 8.58 3.84 -5.51
CA GLY A 105 9.59 2.80 -5.62
C GLY A 105 9.02 1.52 -6.18
N PRO A 106 9.67 0.39 -5.87
CA PRO A 106 9.25 -0.93 -6.34
C PRO A 106 7.95 -1.40 -5.68
N MET A 107 7.11 -2.07 -6.46
CA MET A 107 5.83 -2.56 -5.95
C MET A 107 6.01 -3.89 -5.22
N SER A 108 5.12 -4.17 -4.28
CA SER A 108 5.19 -5.41 -3.51
C SER A 108 4.49 -6.55 -4.24
N GLU A 109 4.80 -7.77 -3.84
CA GLU A 109 4.21 -8.95 -4.46
C GLU A 109 2.72 -9.04 -4.16
N ALA A 110 1.90 -9.12 -5.21
CA ALA A 110 0.46 -9.21 -5.05
C ALA A 110 0.10 -10.04 -3.81
N VAL A 111 -0.98 -9.64 -3.14
CA VAL A 111 -1.44 -10.34 -1.95
C VAL A 111 -2.83 -10.92 -2.15
N GLN A 112 -2.88 -12.23 -2.39
CA GLN A 112 -4.15 -12.91 -2.60
C GLN A 112 -4.92 -13.06 -1.28
N PHE A 113 -5.89 -12.18 -1.07
CA PHE A 113 -6.70 -12.21 0.15
C PHE A 113 -8.15 -12.52 -0.17
N ARG A 114 -8.62 -13.68 0.27
CA ARG A 114 -9.99 -14.10 0.03
C ARG A 114 -10.96 -13.27 0.86
N THR A 115 -12.01 -12.77 0.21
CA THR A 115 -13.02 -11.96 0.88
C THR A 115 -13.85 -12.79 1.83
N PRO A 116 -14.32 -12.17 2.92
CA PRO A 116 -15.15 -12.83 3.93
C PRO A 116 -16.53 -13.18 3.41
N LYS A 117 -17.45 -13.49 4.33
CA LYS A 117 -18.82 -13.84 3.96
C LYS A 117 -19.81 -13.26 4.95
N ALA A 118 -21.00 -12.90 4.45
CA ALA A 118 -22.04 -12.33 5.30
C ALA A 118 -22.65 -13.40 6.20
N SER A 119 -21.94 -13.75 7.27
CA SER A 119 -22.41 -14.77 8.20
C SER A 119 -22.60 -14.16 9.60
N GLY A 120 -21.49 -13.83 10.24
CA GLY A 120 -21.55 -13.25 11.57
C GLY A 120 -20.23 -13.34 12.31
N PRO A 121 -19.29 -12.45 11.95
CA PRO A 121 -17.96 -12.41 12.57
C PRO A 121 -18.01 -11.93 14.01
N SER A 122 -18.03 -12.87 14.94
CA SER A 122 -18.08 -12.53 16.37
C SER A 122 -16.75 -11.95 16.83
N SER A 123 -16.78 -10.69 17.26
CA SER A 123 -15.58 -10.01 17.73
C SER A 123 -14.67 -10.98 18.46
N GLY A 124 -15.22 -11.70 19.43
CA GLY A 124 -14.43 -12.66 20.18
C GLY A 124 -15.02 -14.06 20.15
N GLY A 1 42.21 6.80 10.52
CA GLY A 1 41.46 7.99 10.20
C GLY A 1 40.03 7.94 10.71
N SER A 2 39.51 9.08 11.13
CA SER A 2 38.15 9.16 11.65
C SER A 2 37.69 10.61 11.78
N SER A 3 36.80 11.03 10.89
CA SER A 3 36.28 12.40 10.91
C SER A 3 34.99 12.50 10.09
N GLY A 4 33.97 13.09 10.71
CA GLY A 4 32.69 13.24 10.03
C GLY A 4 31.64 13.86 10.92
N SER A 5 30.59 14.40 10.30
CA SER A 5 29.52 15.05 11.05
C SER A 5 28.35 15.39 10.13
N SER A 6 27.18 15.63 10.73
CA SER A 6 25.98 15.97 9.95
C SER A 6 25.68 17.45 10.07
N GLY A 7 24.99 17.98 9.07
CA GLY A 7 24.64 19.39 9.07
C GLY A 7 23.85 19.80 7.84
N THR A 8 22.67 20.37 8.06
CA THR A 8 21.81 20.81 6.95
C THR A 8 22.58 21.68 5.97
N ALA A 9 22.34 21.46 4.68
CA ALA A 9 23.01 22.22 3.64
C ALA A 9 22.28 22.09 2.30
N HIS A 10 22.58 23.00 1.38
CA HIS A 10 21.95 22.98 0.06
C HIS A 10 22.79 22.18 -0.93
N GLY A 11 22.21 21.10 -1.44
CA GLY A 11 22.92 20.26 -2.40
C GLY A 11 22.03 19.82 -3.55
N THR A 12 22.51 20.02 -4.78
CA THR A 12 21.76 19.65 -5.96
C THR A 12 21.86 18.15 -6.22
N THR A 13 21.53 17.35 -5.20
CA THR A 13 21.58 15.90 -5.32
C THR A 13 20.20 15.32 -5.56
N PHE A 14 20.02 14.69 -6.72
CA PHE A 14 18.74 14.09 -7.08
C PHE A 14 18.44 12.88 -6.20
N GLU A 15 17.36 12.99 -5.42
CA GLU A 15 16.96 11.91 -4.51
C GLU A 15 16.79 10.60 -5.28
N LEU A 16 16.37 9.57 -4.57
CA LEU A 16 16.17 8.25 -5.18
C LEU A 16 14.90 7.60 -4.64
N VAL A 17 13.92 7.41 -5.52
CA VAL A 17 12.65 6.78 -5.14
C VAL A 17 12.89 5.46 -4.42
N PRO A 18 11.93 5.09 -3.55
CA PRO A 18 12.01 3.84 -2.78
C PRO A 18 11.85 2.61 -3.65
N THR A 19 12.96 1.96 -3.97
CA THR A 19 12.94 0.76 -4.81
C THR A 19 12.70 -0.48 -3.96
N SER A 20 12.03 -0.31 -2.83
CA SER A 20 11.74 -1.42 -1.93
C SER A 20 10.29 -1.35 -1.43
N PRO A 21 9.60 -2.49 -1.46
CA PRO A 21 8.20 -2.59 -1.01
C PRO A 21 8.07 -2.43 0.50
N PRO A 22 6.84 -2.15 0.95
CA PRO A 22 6.55 -1.96 2.37
C PRO A 22 6.66 -3.27 3.16
N LYS A 23 6.52 -3.17 4.48
CA LYS A 23 6.60 -4.34 5.35
C LYS A 23 5.30 -4.52 6.14
N ASP A 24 5.29 -5.52 7.03
CA ASP A 24 4.12 -5.79 7.84
C ASP A 24 2.84 -5.62 7.03
N VAL A 25 2.77 -6.31 5.90
CA VAL A 25 1.59 -6.24 5.04
C VAL A 25 0.54 -7.26 5.46
N THR A 26 -0.56 -6.77 6.00
CA THR A 26 -1.65 -7.64 6.44
C THR A 26 -2.99 -7.19 5.87
N VAL A 27 -3.86 -8.15 5.57
CA VAL A 27 -5.17 -7.85 5.02
C VAL A 27 -6.27 -8.57 5.78
N VAL A 28 -7.05 -7.81 6.54
CA VAL A 28 -8.15 -8.39 7.32
C VAL A 28 -9.50 -7.87 6.83
N SER A 29 -10.57 -8.52 7.28
CA SER A 29 -11.92 -8.14 6.88
C SER A 29 -12.62 -7.38 8.01
N LYS A 30 -13.60 -6.57 7.64
CA LYS A 30 -14.35 -5.78 8.62
C LYS A 30 -15.59 -6.54 9.09
N GLU A 31 -15.91 -6.39 10.36
CA GLU A 31 -17.08 -7.06 10.95
C GLU A 31 -18.37 -6.41 10.47
N GLY A 32 -18.58 -5.16 10.88
CA GLY A 32 -19.78 -4.44 10.49
C GLY A 32 -20.19 -4.75 9.07
N LYS A 33 -19.21 -4.88 8.18
CA LYS A 33 -19.48 -5.17 6.77
C LYS A 33 -18.43 -6.11 6.20
N PRO A 34 -18.89 -7.15 5.48
CA PRO A 34 -18.00 -8.13 4.86
C PRO A 34 -17.20 -7.55 3.70
N LYS A 35 -17.89 -6.90 2.77
CA LYS A 35 -17.25 -6.30 1.61
C LYS A 35 -16.12 -5.37 2.05
N THR A 36 -16.30 -4.69 3.17
CA THR A 36 -15.30 -3.77 3.70
C THR A 36 -14.12 -4.53 4.29
N ILE A 37 -12.91 -4.14 3.90
CA ILE A 37 -11.70 -4.79 4.39
C ILE A 37 -10.62 -3.76 4.74
N ILE A 38 -9.74 -4.13 5.66
CA ILE A 38 -8.66 -3.23 6.08
C ILE A 38 -7.31 -3.78 5.65
N VAL A 39 -6.47 -2.90 5.10
CA VAL A 39 -5.15 -3.31 4.64
C VAL A 39 -4.07 -2.47 5.34
N ASN A 40 -3.33 -3.11 6.24
CA ASN A 40 -2.26 -2.43 6.96
C ASN A 40 -0.90 -2.74 6.36
N TRP A 41 0.06 -1.85 6.58
CA TRP A 41 1.41 -2.03 6.05
C TRP A 41 2.39 -1.07 6.73
N GLN A 42 3.66 -1.16 6.33
CA GLN A 42 4.70 -0.31 6.91
C GLN A 42 5.69 0.13 5.84
N PRO A 43 6.33 1.28 6.06
CA PRO A 43 7.32 1.84 5.13
C PRO A 43 8.61 1.01 5.11
N PRO A 44 9.26 0.97 3.94
CA PRO A 44 10.51 0.22 3.74
C PRO A 44 11.68 0.87 4.47
N SER A 45 12.44 0.06 5.21
CA SER A 45 13.59 0.55 5.95
C SER A 45 14.47 1.42 5.08
N GLU A 46 14.49 1.12 3.78
CA GLU A 46 15.29 1.90 2.84
C GLU A 46 14.53 3.12 2.34
N ALA A 47 14.40 4.12 3.21
CA ALA A 47 13.69 5.34 2.85
C ALA A 47 14.61 6.34 2.16
N ASN A 48 15.19 5.92 1.04
CA ASN A 48 16.09 6.77 0.28
C ASN A 48 15.67 8.24 0.36
N GLY A 49 14.36 8.45 0.44
CA GLY A 49 13.84 9.81 0.52
C GLY A 49 12.66 9.92 1.48
N LYS A 50 12.23 11.14 1.73
CA LYS A 50 11.10 11.39 2.64
C LYS A 50 9.79 10.98 1.99
N ILE A 51 8.98 10.24 2.73
CA ILE A 51 7.69 9.78 2.24
C ILE A 51 6.63 10.87 2.35
N THR A 52 5.78 10.97 1.33
CA THR A 52 4.72 11.98 1.31
C THR A 52 3.35 11.32 1.25
N GLY A 53 3.32 10.04 0.92
CA GLY A 53 2.07 9.32 0.83
C GLY A 53 2.23 7.93 0.26
N TYR A 54 1.15 7.15 0.25
CA TYR A 54 1.18 5.80 -0.27
C TYR A 54 0.02 5.55 -1.24
N ILE A 55 0.18 4.56 -2.10
CA ILE A 55 -0.85 4.22 -3.07
C ILE A 55 -1.07 2.71 -3.14
N ILE A 56 -2.34 2.30 -3.06
CA ILE A 56 -2.68 0.89 -3.12
C ILE A 56 -3.38 0.54 -4.44
N TYR A 57 -3.04 -0.61 -4.99
CA TYR A 57 -3.63 -1.06 -6.25
C TYR A 57 -4.23 -2.45 -6.10
N TYR A 58 -5.55 -2.54 -6.24
CA TYR A 58 -6.24 -3.81 -6.12
C TYR A 58 -7.09 -4.09 -7.37
N SER A 59 -7.22 -5.36 -7.72
CA SER A 59 -8.00 -5.76 -8.89
C SER A 59 -8.19 -7.28 -8.93
N THR A 60 -9.28 -7.72 -9.55
CA THR A 60 -9.57 -9.13 -9.66
C THR A 60 -8.53 -9.85 -10.51
N ASP A 61 -8.10 -9.20 -11.59
CA ASP A 61 -7.10 -9.77 -12.48
C ASP A 61 -5.70 -9.59 -11.92
N VAL A 62 -4.88 -10.63 -12.01
CA VAL A 62 -3.51 -10.58 -11.51
C VAL A 62 -2.52 -10.36 -12.65
N ASN A 63 -3.04 -10.23 -13.86
CA ASN A 63 -2.21 -10.02 -15.03
C ASN A 63 -2.48 -8.66 -15.67
N ALA A 64 -3.68 -8.14 -15.43
CA ALA A 64 -4.07 -6.84 -15.97
C ALA A 64 -2.96 -5.81 -15.78
N GLU A 65 -2.75 -4.98 -16.80
CA GLU A 65 -1.72 -3.95 -16.74
C GLU A 65 -1.79 -3.18 -15.42
N ILE A 66 -0.64 -3.05 -14.75
CA ILE A 66 -0.58 -2.33 -13.48
C ILE A 66 -1.49 -1.11 -13.50
N HIS A 67 -1.49 -0.39 -14.61
CA HIS A 67 -2.31 0.80 -14.75
C HIS A 67 -3.79 0.44 -14.72
N ASP A 68 -4.14 -0.66 -15.37
CA ASP A 68 -5.54 -1.10 -15.42
C ASP A 68 -6.12 -1.20 -14.01
N TRP A 69 -5.26 -1.50 -13.05
CA TRP A 69 -5.69 -1.62 -11.65
C TRP A 69 -6.21 -0.28 -11.12
N VAL A 70 -6.98 -0.35 -10.04
CA VAL A 70 -7.54 0.86 -9.44
C VAL A 70 -6.51 1.56 -8.57
N ILE A 71 -6.56 2.90 -8.58
CA ILE A 71 -5.62 3.69 -7.79
C ILE A 71 -6.26 4.18 -6.49
N GLU A 72 -5.87 3.57 -5.39
CA GLU A 72 -6.40 3.95 -4.08
C GLU A 72 -5.36 4.70 -3.25
N PRO A 73 -5.28 6.02 -3.47
CA PRO A 73 -4.33 6.88 -2.77
C PRO A 73 -4.69 7.05 -1.29
N VAL A 74 -3.67 7.25 -0.45
CA VAL A 74 -3.88 7.43 0.98
C VAL A 74 -3.38 8.79 1.44
N VAL A 75 -4.28 9.58 2.01
CA VAL A 75 -3.93 10.91 2.50
C VAL A 75 -3.16 10.83 3.82
N GLY A 76 -2.38 11.86 4.10
CA GLY A 76 -1.61 11.88 5.34
C GLY A 76 -0.68 10.69 5.46
N ASN A 77 0.21 10.74 6.44
CA ASN A 77 1.16 9.65 6.67
C ASN A 77 0.46 8.44 7.28
N ARG A 78 -0.42 7.82 6.51
CA ARG A 78 -1.16 6.66 6.96
C ARG A 78 -0.64 5.38 6.30
N LEU A 79 -0.83 4.26 6.97
CA LEU A 79 -0.38 2.97 6.43
C LEU A 79 -1.53 1.98 6.38
N THR A 80 -2.73 2.46 6.64
CA THR A 80 -3.93 1.62 6.62
C THR A 80 -5.05 2.26 5.80
N HIS A 81 -5.72 1.44 5.00
CA HIS A 81 -6.82 1.94 4.17
C HIS A 81 -8.04 1.02 4.29
N GLN A 82 -9.23 1.62 4.17
CA GLN A 82 -10.47 0.86 4.26
C GLN A 82 -11.19 0.82 2.92
N ILE A 83 -11.01 -0.27 2.19
CA ILE A 83 -11.63 -0.42 0.88
C ILE A 83 -13.00 -1.08 1.01
N GLN A 84 -13.98 -0.54 0.30
CA GLN A 84 -15.34 -1.08 0.34
C GLN A 84 -15.84 -1.36 -1.08
N GLU A 85 -17.07 -1.85 -1.17
CA GLU A 85 -17.68 -2.18 -2.46
C GLU A 85 -16.88 -3.26 -3.17
N LEU A 86 -16.50 -4.30 -2.43
CA LEU A 86 -15.75 -5.41 -2.99
C LEU A 86 -16.60 -6.67 -3.08
N THR A 87 -16.25 -7.55 -4.02
CA THR A 87 -17.00 -8.79 -4.21
C THR A 87 -16.60 -9.83 -3.16
N LEU A 88 -17.56 -10.65 -2.76
CA LEU A 88 -17.30 -11.69 -1.77
C LEU A 88 -17.04 -13.04 -2.44
N ASP A 89 -16.58 -14.00 -1.66
CA ASP A 89 -16.29 -15.34 -2.17
C ASP A 89 -15.48 -15.26 -3.45
N THR A 90 -14.53 -14.32 -3.50
CA THR A 90 -13.68 -14.14 -4.67
C THR A 90 -12.28 -13.72 -4.27
N PRO A 91 -11.26 -14.42 -4.81
CA PRO A 91 -9.86 -14.13 -4.53
C PRO A 91 -9.40 -12.81 -5.15
N TYR A 92 -9.13 -11.83 -4.30
CA TYR A 92 -8.68 -10.53 -4.76
C TYR A 92 -7.19 -10.31 -4.47
N TYR A 93 -6.54 -9.53 -5.32
CA TYR A 93 -5.11 -9.26 -5.15
C TYR A 93 -4.87 -7.78 -4.85
N PHE A 94 -4.17 -7.52 -3.74
CA PHE A 94 -3.88 -6.15 -3.33
C PHE A 94 -2.38 -5.87 -3.42
N LYS A 95 -2.04 -4.62 -3.66
CA LYS A 95 -0.65 -4.21 -3.77
C LYS A 95 -0.39 -2.91 -3.01
N ILE A 96 0.74 -2.85 -2.32
CA ILE A 96 1.10 -1.66 -1.55
C ILE A 96 2.45 -1.11 -2.00
N GLN A 97 2.55 0.22 -2.04
CA GLN A 97 3.79 0.89 -2.45
C GLN A 97 3.86 2.30 -1.88
N ALA A 98 5.08 2.74 -1.57
CA ALA A 98 5.28 4.07 -1.02
C ALA A 98 5.73 5.05 -2.10
N ARG A 99 5.62 6.34 -1.80
CA ARG A 99 6.00 7.38 -2.75
C ARG A 99 6.52 8.62 -2.04
N ASN A 100 7.54 9.26 -2.61
CA ASN A 100 8.11 10.46 -2.01
C ASN A 100 8.17 11.59 -3.03
N SER A 101 8.73 12.73 -2.61
CA SER A 101 8.84 13.89 -3.48
C SER A 101 9.15 13.46 -4.92
N LYS A 102 10.03 12.48 -5.05
CA LYS A 102 10.42 11.97 -6.37
C LYS A 102 9.23 11.33 -7.08
N GLY A 103 8.88 10.12 -6.64
CA GLY A 103 7.76 9.41 -7.24
C GLY A 103 7.39 8.16 -6.48
N MET A 104 6.78 7.20 -7.17
CA MET A 104 6.37 5.95 -6.55
C MET A 104 7.43 4.86 -6.77
N GLY A 105 7.32 3.78 -6.01
CA GLY A 105 8.27 2.69 -6.13
C GLY A 105 7.66 1.45 -6.77
N PRO A 106 8.38 0.33 -6.70
CA PRO A 106 7.92 -0.94 -7.28
C PRO A 106 6.74 -1.54 -6.51
N MET A 107 5.77 -2.06 -7.25
CA MET A 107 4.59 -2.66 -6.64
C MET A 107 4.97 -3.91 -5.85
N SER A 108 4.46 -4.00 -4.62
CA SER A 108 4.75 -5.15 -3.77
C SER A 108 4.14 -6.43 -4.34
N GLU A 109 4.60 -7.57 -3.85
CA GLU A 109 4.11 -8.85 -4.32
C GLU A 109 2.59 -8.97 -4.10
N ALA A 110 1.86 -9.17 -5.19
CA ALA A 110 0.41 -9.30 -5.12
C ALA A 110 0.00 -10.19 -3.95
N VAL A 111 -0.87 -9.66 -3.09
CA VAL A 111 -1.34 -10.41 -1.93
C VAL A 111 -2.72 -11.01 -2.19
N GLN A 112 -2.78 -12.33 -2.24
CA GLN A 112 -4.04 -13.03 -2.48
C GLN A 112 -4.85 -13.17 -1.19
N PHE A 113 -5.96 -12.45 -1.11
CA PHE A 113 -6.81 -12.49 0.07
C PHE A 113 -8.26 -12.77 -0.31
N ARG A 114 -8.78 -13.91 0.14
CA ARG A 114 -10.15 -14.30 -0.16
C ARG A 114 -11.14 -13.46 0.66
N THR A 115 -12.10 -12.87 -0.04
CA THR A 115 -13.11 -12.05 0.63
C THR A 115 -13.96 -12.87 1.57
N PRO A 116 -14.45 -12.24 2.65
CA PRO A 116 -15.29 -12.90 3.65
C PRO A 116 -16.67 -13.25 3.11
N LYS A 117 -17.60 -13.54 4.03
CA LYS A 117 -18.96 -13.88 3.65
C LYS A 117 -19.97 -13.28 4.61
N ALA A 118 -21.13 -12.91 4.10
CA ALA A 118 -22.18 -12.32 4.92
C ALA A 118 -22.79 -13.36 5.85
N SER A 119 -23.05 -12.96 7.09
CA SER A 119 -23.64 -13.86 8.08
C SER A 119 -25.11 -13.54 8.30
N GLY A 120 -25.84 -14.50 8.87
CA GLY A 120 -27.25 -14.30 9.13
C GLY A 120 -27.53 -13.98 10.58
N PRO A 121 -27.54 -15.01 11.43
CA PRO A 121 -27.80 -14.86 12.87
C PRO A 121 -26.66 -14.15 13.58
N SER A 122 -26.93 -12.93 14.06
CA SER A 122 -25.94 -12.14 14.76
C SER A 122 -25.66 -12.72 16.14
N SER A 123 -24.39 -13.02 16.41
CA SER A 123 -23.99 -13.58 17.69
C SER A 123 -22.51 -13.36 17.95
N GLY A 124 -22.21 -12.44 18.86
CA GLY A 124 -20.83 -12.14 19.20
C GLY A 124 -20.60 -10.67 19.45
N GLY A 1 20.38 19.82 25.16
CA GLY A 1 20.15 19.03 23.97
C GLY A 1 20.21 17.53 24.27
N SER A 2 19.18 16.81 23.85
CA SER A 2 19.12 15.37 24.07
C SER A 2 19.60 14.60 22.83
N SER A 3 19.68 13.29 22.95
CA SER A 3 20.12 12.45 21.84
C SER A 3 19.41 12.81 20.56
N GLY A 4 20.18 13.19 19.53
CA GLY A 4 19.59 13.56 18.26
C GLY A 4 20.41 14.62 17.54
N SER A 5 20.80 14.31 16.30
CA SER A 5 21.60 15.24 15.51
C SER A 5 20.73 15.96 14.48
N SER A 6 20.68 17.29 14.59
CA SER A 6 19.89 18.10 13.68
C SER A 6 20.78 18.84 12.68
N GLY A 7 20.52 18.65 11.40
CA GLY A 7 21.30 19.31 10.37
C GLY A 7 21.09 18.69 9.00
N THR A 8 20.62 19.51 8.06
CA THR A 8 20.38 19.04 6.70
C THR A 8 21.68 18.92 5.91
N ALA A 9 21.78 17.88 5.10
CA ALA A 9 22.96 17.65 4.28
C ALA A 9 22.83 18.31 2.91
N HIS A 10 23.92 18.91 2.44
CA HIS A 10 23.92 19.57 1.14
C HIS A 10 23.08 18.80 0.13
N GLY A 11 22.19 19.50 -0.56
CA GLY A 11 21.33 18.86 -1.54
C GLY A 11 20.16 19.73 -1.95
N THR A 12 20.25 20.33 -3.13
CA THR A 12 19.20 21.21 -3.64
C THR A 12 17.92 20.41 -3.92
N THR A 13 17.02 20.39 -2.96
CA THR A 13 15.76 19.67 -3.10
C THR A 13 15.97 18.34 -3.80
N PHE A 14 16.99 17.59 -3.36
CA PHE A 14 17.30 16.29 -3.95
C PHE A 14 16.83 15.16 -3.04
N GLU A 15 16.61 13.99 -3.64
CA GLU A 15 16.16 12.83 -2.88
C GLU A 15 16.18 11.57 -3.74
N LEU A 16 16.20 10.41 -3.09
CA LEU A 16 16.24 9.13 -3.80
C LEU A 16 15.02 8.28 -3.45
N VAL A 17 14.13 8.09 -4.43
CA VAL A 17 12.94 7.29 -4.22
C VAL A 17 13.25 6.00 -3.48
N PRO A 18 12.25 5.45 -2.78
CA PRO A 18 12.40 4.21 -2.01
C PRO A 18 12.55 2.99 -2.91
N THR A 19 13.75 2.46 -2.99
CA THR A 19 14.02 1.29 -3.82
C THR A 19 13.70 0.00 -3.08
N SER A 20 12.85 0.11 -2.07
CA SER A 20 12.46 -1.05 -1.28
C SER A 20 10.95 -1.08 -1.04
N PRO A 21 10.35 -2.28 -1.12
CA PRO A 21 8.92 -2.46 -0.92
C PRO A 21 8.50 -2.25 0.53
N PRO A 22 7.18 -2.15 0.76
CA PRO A 22 6.63 -1.95 2.10
C PRO A 22 6.79 -3.17 2.99
N LYS A 23 6.35 -3.05 4.24
CA LYS A 23 6.45 -4.16 5.19
C LYS A 23 5.16 -4.29 6.00
N ASP A 24 5.17 -5.21 6.96
CA ASP A 24 4.00 -5.44 7.81
C ASP A 24 2.73 -5.49 6.97
N VAL A 25 2.84 -6.03 5.76
CA VAL A 25 1.69 -6.13 4.86
C VAL A 25 0.67 -7.14 5.39
N THR A 26 -0.51 -6.63 5.74
CA THR A 26 -1.56 -7.49 6.27
C THR A 26 -2.94 -7.07 5.72
N VAL A 27 -3.81 -8.04 5.50
CA VAL A 27 -5.14 -7.78 4.99
C VAL A 27 -6.21 -8.45 5.84
N VAL A 28 -7.08 -7.65 6.44
CA VAL A 28 -8.15 -8.17 7.28
C VAL A 28 -9.51 -7.72 6.78
N SER A 29 -10.57 -8.35 7.30
CA SER A 29 -11.92 -8.01 6.90
C SER A 29 -12.72 -7.46 8.08
N LYS A 30 -13.37 -6.31 7.88
CA LYS A 30 -14.16 -5.69 8.93
C LYS A 30 -15.08 -6.70 9.59
N GLU A 31 -15.41 -6.46 10.86
CA GLU A 31 -16.28 -7.35 11.61
C GLU A 31 -17.75 -6.96 11.42
N GLY A 32 -17.98 -5.69 11.12
CA GLY A 32 -19.34 -5.21 10.91
C GLY A 32 -19.72 -5.15 9.45
N LYS A 33 -18.80 -5.55 8.58
CA LYS A 33 -19.04 -5.53 7.14
C LYS A 33 -18.09 -6.47 6.41
N PRO A 34 -18.65 -7.55 5.84
CA PRO A 34 -17.86 -8.54 5.10
C PRO A 34 -17.31 -7.99 3.79
N LYS A 35 -18.01 -7.01 3.22
CA LYS A 35 -17.59 -6.41 1.96
C LYS A 35 -16.43 -5.43 2.19
N THR A 36 -16.30 -4.96 3.42
CA THR A 36 -15.25 -4.03 3.78
C THR A 36 -14.00 -4.76 4.27
N ILE A 37 -12.84 -4.20 3.98
CA ILE A 37 -11.57 -4.81 4.39
C ILE A 37 -10.53 -3.73 4.70
N ILE A 38 -9.62 -4.06 5.61
CA ILE A 38 -8.57 -3.13 6.00
C ILE A 38 -7.19 -3.69 5.66
N VAL A 39 -6.31 -2.81 5.16
CA VAL A 39 -4.96 -3.22 4.80
C VAL A 39 -3.92 -2.38 5.54
N ASN A 40 -3.20 -3.03 6.44
CA ASN A 40 -2.17 -2.34 7.23
C ASN A 40 -0.78 -2.68 6.70
N TRP A 41 0.16 -1.76 6.91
CA TRP A 41 1.54 -1.96 6.46
C TRP A 41 2.48 -0.96 7.12
N GLN A 42 3.74 -0.99 6.72
CA GLN A 42 4.74 -0.09 7.27
C GLN A 42 5.68 0.42 6.18
N PRO A 43 6.36 1.55 6.46
CA PRO A 43 7.30 2.16 5.51
C PRO A 43 8.56 1.32 5.33
N PRO A 44 9.28 1.55 4.22
CA PRO A 44 10.51 0.83 3.90
C PRO A 44 11.66 1.22 4.84
N SER A 45 12.56 0.28 5.09
CA SER A 45 13.70 0.52 5.96
C SER A 45 14.66 1.54 5.34
N GLU A 46 14.95 1.34 4.05
CA GLU A 46 15.85 2.23 3.34
C GLU A 46 15.35 3.67 3.39
N ALA A 47 14.19 3.91 2.79
CA ALA A 47 13.60 5.25 2.77
C ALA A 47 14.66 6.32 2.60
N ASN A 48 15.51 6.15 1.60
CA ASN A 48 16.58 7.11 1.33
C ASN A 48 16.08 8.53 1.49
N GLY A 49 14.78 8.73 1.32
CA GLY A 49 14.20 10.05 1.45
C GLY A 49 13.08 10.09 2.47
N LYS A 50 12.17 11.04 2.31
CA LYS A 50 11.04 11.19 3.23
C LYS A 50 9.73 10.84 2.53
N ILE A 51 8.98 9.92 3.14
CA ILE A 51 7.70 9.50 2.58
C ILE A 51 6.67 10.61 2.68
N THR A 52 5.77 10.68 1.70
CA THR A 52 4.73 11.69 1.67
C THR A 52 3.35 11.05 1.57
N GLY A 53 3.26 9.94 0.85
CA GLY A 53 1.99 9.25 0.69
C GLY A 53 2.16 7.83 0.19
N TYR A 54 1.05 7.10 0.09
CA TYR A 54 1.08 5.72 -0.36
C TYR A 54 -0.02 5.46 -1.38
N ILE A 55 0.16 4.41 -2.19
CA ILE A 55 -0.82 4.05 -3.19
C ILE A 55 -1.08 2.55 -3.21
N ILE A 56 -2.35 2.17 -3.16
CA ILE A 56 -2.73 0.76 -3.16
C ILE A 56 -3.36 0.37 -4.49
N TYR A 57 -3.07 -0.84 -4.94
CA TYR A 57 -3.62 -1.33 -6.21
C TYR A 57 -4.28 -2.69 -6.02
N TYR A 58 -5.54 -2.79 -6.42
CA TYR A 58 -6.28 -4.04 -6.29
C TYR A 58 -7.15 -4.29 -7.52
N SER A 59 -7.49 -5.55 -7.76
CA SER A 59 -8.30 -5.92 -8.91
C SER A 59 -8.69 -7.40 -8.84
N THR A 60 -9.54 -7.81 -9.78
CA THR A 60 -9.99 -9.20 -9.83
C THR A 60 -9.04 -10.06 -10.66
N ASP A 61 -7.76 -9.71 -10.64
CA ASP A 61 -6.75 -10.45 -11.38
C ASP A 61 -5.36 -10.16 -10.84
N VAL A 62 -4.45 -11.11 -11.04
CA VAL A 62 -3.08 -10.97 -10.57
C VAL A 62 -2.12 -10.72 -11.73
N ASN A 63 -2.52 -11.16 -12.92
CA ASN A 63 -1.70 -10.99 -14.12
C ASN A 63 -2.13 -9.76 -14.91
N ALA A 64 -3.34 -9.28 -14.63
CA ALA A 64 -3.89 -8.11 -15.31
C ALA A 64 -2.87 -6.97 -15.33
N GLU A 65 -2.89 -6.18 -16.40
CA GLU A 65 -1.98 -5.06 -16.53
C GLU A 65 -2.26 -3.98 -15.48
N ILE A 66 -1.21 -3.49 -14.85
CA ILE A 66 -1.35 -2.46 -13.82
C ILE A 66 -2.41 -1.43 -14.22
N HIS A 67 -2.62 -1.28 -15.53
CA HIS A 67 -3.61 -0.35 -16.03
C HIS A 67 -4.99 -0.61 -15.42
N ASP A 68 -5.44 -1.85 -15.52
CA ASP A 68 -6.74 -2.23 -14.98
C ASP A 68 -6.78 -2.04 -13.46
N TRP A 69 -5.66 -2.33 -12.81
CA TRP A 69 -5.55 -2.20 -11.36
C TRP A 69 -5.97 -0.80 -10.92
N VAL A 70 -6.98 -0.73 -10.06
CA VAL A 70 -7.47 0.54 -9.56
C VAL A 70 -6.42 1.24 -8.69
N ILE A 71 -6.49 2.56 -8.63
CA ILE A 71 -5.56 3.35 -7.85
C ILE A 71 -6.22 3.89 -6.58
N GLU A 72 -5.76 3.41 -5.43
CA GLU A 72 -6.31 3.85 -4.15
C GLU A 72 -5.25 4.59 -3.33
N PRO A 73 -5.15 5.90 -3.57
CA PRO A 73 -4.17 6.75 -2.86
C PRO A 73 -4.54 6.96 -1.40
N VAL A 74 -3.52 6.98 -0.54
CA VAL A 74 -3.74 7.17 0.89
C VAL A 74 -3.28 8.55 1.34
N VAL A 75 -4.25 9.43 1.62
CA VAL A 75 -3.94 10.78 2.06
C VAL A 75 -3.19 10.77 3.38
N GLY A 76 -2.54 11.89 3.69
CA GLY A 76 -1.79 11.99 4.93
C GLY A 76 -0.81 10.85 5.11
N ASN A 77 -0.05 10.89 6.20
CA ASN A 77 0.94 9.85 6.49
C ASN A 77 0.27 8.63 7.10
N ARG A 78 -0.69 8.06 6.38
CA ARG A 78 -1.41 6.89 6.86
C ARG A 78 -0.91 5.63 6.16
N LEU A 79 -0.79 4.55 6.92
CA LEU A 79 -0.31 3.27 6.37
C LEU A 79 -1.43 2.25 6.34
N THR A 80 -2.66 2.69 6.61
CA THR A 80 -3.81 1.82 6.62
C THR A 80 -4.95 2.38 5.77
N HIS A 81 -5.61 1.52 5.01
CA HIS A 81 -6.71 1.93 4.15
C HIS A 81 -7.94 1.08 4.39
N GLN A 82 -9.12 1.67 4.22
CA GLN A 82 -10.37 0.96 4.42
C GLN A 82 -11.20 0.93 3.14
N ILE A 83 -11.09 -0.17 2.39
CA ILE A 83 -11.82 -0.32 1.15
C ILE A 83 -13.15 -1.03 1.37
N GLN A 84 -14.19 -0.56 0.70
CA GLN A 84 -15.52 -1.14 0.82
C GLN A 84 -16.10 -1.47 -0.55
N GLU A 85 -17.32 -2.00 -0.55
CA GLU A 85 -17.99 -2.36 -1.81
C GLU A 85 -17.16 -3.37 -2.60
N LEU A 86 -16.76 -4.45 -1.94
CA LEU A 86 -15.96 -5.48 -2.58
C LEU A 86 -16.76 -6.76 -2.77
N THR A 87 -16.49 -7.47 -3.85
CA THR A 87 -17.19 -8.72 -4.16
C THR A 87 -16.74 -9.84 -3.22
N LEU A 88 -17.70 -10.55 -2.66
CA LEU A 88 -17.41 -11.65 -1.75
C LEU A 88 -17.09 -12.93 -2.52
N ASP A 89 -16.76 -13.99 -1.79
CA ASP A 89 -16.44 -15.27 -2.41
C ASP A 89 -15.69 -15.07 -3.73
N THR A 90 -14.71 -14.17 -3.70
CA THR A 90 -13.90 -13.88 -4.89
C THR A 90 -12.48 -13.49 -4.51
N PRO A 91 -11.50 -14.04 -5.25
CA PRO A 91 -10.08 -13.77 -5.01
C PRO A 91 -9.70 -12.34 -5.39
N TYR A 92 -9.14 -11.62 -4.43
CA TYR A 92 -8.73 -10.23 -4.65
C TYR A 92 -7.26 -10.04 -4.32
N TYR A 93 -6.50 -9.50 -5.28
CA TYR A 93 -5.08 -9.26 -5.09
C TYR A 93 -4.80 -7.79 -4.82
N PHE A 94 -4.20 -7.52 -3.67
CA PHE A 94 -3.88 -6.14 -3.27
C PHE A 94 -2.39 -5.88 -3.41
N LYS A 95 -2.03 -4.61 -3.59
CA LYS A 95 -0.63 -4.23 -3.73
C LYS A 95 -0.37 -2.87 -3.07
N ILE A 96 0.72 -2.78 -2.33
CA ILE A 96 1.08 -1.54 -1.65
C ILE A 96 2.30 -0.89 -2.31
N GLN A 97 2.32 0.44 -2.28
CA GLN A 97 3.43 1.19 -2.88
C GLN A 97 3.71 2.46 -2.09
N ALA A 98 4.98 2.69 -1.78
CA ALA A 98 5.38 3.87 -1.03
C ALA A 98 5.99 4.93 -1.95
N ARG A 99 5.43 6.13 -1.93
CA ARG A 99 5.92 7.23 -2.77
C ARG A 99 6.28 8.44 -1.91
N ASN A 100 7.27 9.19 -2.37
CA ASN A 100 7.72 10.39 -1.64
C ASN A 100 7.73 11.61 -2.56
N SER A 101 8.20 12.73 -2.03
CA SER A 101 8.26 13.97 -2.80
C SER A 101 8.82 13.71 -4.21
N LYS A 102 9.53 12.61 -4.35
CA LYS A 102 10.12 12.24 -5.64
C LYS A 102 9.12 11.48 -6.50
N GLY A 103 8.90 10.21 -6.16
CA GLY A 103 7.96 9.39 -6.90
C GLY A 103 7.59 8.12 -6.17
N MET A 104 7.27 7.07 -6.94
CA MET A 104 6.91 5.79 -6.36
C MET A 104 8.11 4.84 -6.32
N GLY A 105 7.97 3.74 -5.58
CA GLY A 105 9.05 2.78 -5.48
C GLY A 105 8.68 1.43 -6.06
N PRO A 106 9.34 0.37 -5.58
CA PRO A 106 9.09 -1.00 -6.05
C PRO A 106 7.73 -1.52 -5.59
N MET A 107 7.08 -2.27 -6.47
CA MET A 107 5.76 -2.84 -6.17
C MET A 107 5.90 -4.14 -5.40
N SER A 108 5.08 -4.30 -4.35
CA SER A 108 5.11 -5.50 -3.53
C SER A 108 4.54 -6.70 -4.29
N GLU A 109 4.69 -7.88 -3.71
CA GLU A 109 4.20 -9.11 -4.33
C GLU A 109 2.69 -9.22 -4.18
N ALA A 110 2.00 -9.41 -5.30
CA ALA A 110 0.54 -9.53 -5.29
C ALA A 110 0.07 -10.33 -4.07
N VAL A 111 -0.75 -9.70 -3.25
CA VAL A 111 -1.27 -10.34 -2.05
C VAL A 111 -2.66 -10.92 -2.30
N GLN A 112 -2.72 -12.25 -2.43
CA GLN A 112 -3.99 -12.93 -2.68
C GLN A 112 -4.76 -13.13 -1.38
N PHE A 113 -5.86 -12.40 -1.23
CA PHE A 113 -6.69 -12.50 -0.03
C PHE A 113 -8.14 -12.81 -0.39
N ARG A 114 -8.63 -13.94 0.08
CA ARG A 114 -10.00 -14.35 -0.19
C ARG A 114 -10.99 -13.55 0.65
N THR A 115 -12.03 -13.02 0.01
CA THR A 115 -13.04 -12.24 0.70
C THR A 115 -13.94 -13.12 1.54
N PRO A 116 -14.44 -12.57 2.66
CA PRO A 116 -15.33 -13.29 3.58
C PRO A 116 -16.70 -13.55 2.98
N LYS A 117 -17.67 -13.89 3.83
CA LYS A 117 -19.02 -14.16 3.38
C LYS A 117 -20.04 -13.59 4.36
N ALA A 118 -21.26 -13.36 3.88
CA ALA A 118 -22.33 -12.82 4.72
C ALA A 118 -22.93 -13.91 5.61
N SER A 119 -22.15 -14.37 6.58
CA SER A 119 -22.60 -15.41 7.49
C SER A 119 -22.68 -14.88 8.91
N GLY A 120 -21.61 -14.25 9.38
CA GLY A 120 -21.59 -13.71 10.72
C GLY A 120 -22.75 -12.77 10.99
N PRO A 121 -23.40 -12.95 12.15
CA PRO A 121 -24.55 -12.13 12.55
C PRO A 121 -24.15 -10.70 12.88
N SER A 122 -25.15 -9.86 13.16
CA SER A 122 -24.90 -8.46 13.48
C SER A 122 -24.80 -8.27 14.99
N SER A 123 -25.83 -8.68 15.71
CA SER A 123 -25.87 -8.55 17.16
C SER A 123 -26.49 -9.78 17.81
N GLY A 124 -25.74 -10.43 18.68
CA GLY A 124 -26.23 -11.62 19.36
C GLY A 124 -25.75 -12.90 18.71
N GLY A 1 26.31 8.42 -17.91
CA GLY A 1 26.04 9.83 -17.66
C GLY A 1 26.39 10.25 -16.24
N SER A 2 27.16 11.33 -16.12
CA SER A 2 27.57 11.83 -14.82
C SER A 2 26.59 12.87 -14.30
N SER A 3 26.26 13.84 -15.15
CA SER A 3 25.33 14.90 -14.78
C SER A 3 23.96 14.69 -15.44
N GLY A 4 23.09 13.97 -14.74
CA GLY A 4 21.76 13.71 -15.28
C GLY A 4 20.99 14.99 -15.54
N SER A 5 19.99 15.26 -14.70
CA SER A 5 19.16 16.45 -14.85
C SER A 5 18.57 16.87 -13.51
N SER A 6 18.40 18.18 -13.33
CA SER A 6 17.84 18.72 -12.09
C SER A 6 16.98 19.94 -12.37
N GLY A 7 16.26 20.39 -11.35
CA GLY A 7 15.41 21.56 -11.50
C GLY A 7 14.69 21.92 -10.21
N THR A 8 14.11 20.93 -9.57
CA THR A 8 13.38 21.14 -8.32
C THR A 8 14.30 21.05 -7.12
N ALA A 9 14.91 22.17 -6.74
CA ALA A 9 15.82 22.20 -5.60
C ALA A 9 16.09 23.64 -5.17
N HIS A 10 15.99 23.88 -3.86
CA HIS A 10 16.23 25.21 -3.31
C HIS A 10 17.58 25.27 -2.61
N GLY A 11 18.58 24.63 -3.19
CA GLY A 11 19.91 24.62 -2.60
C GLY A 11 20.64 23.31 -2.82
N THR A 12 20.78 22.94 -4.09
CA THR A 12 21.46 21.69 -4.44
C THR A 12 20.96 20.53 -3.59
N THR A 13 19.69 20.60 -3.19
CA THR A 13 19.10 19.55 -2.38
C THR A 13 18.54 18.43 -3.25
N PHE A 14 19.11 17.24 -3.12
CA PHE A 14 18.68 16.09 -3.89
C PHE A 14 18.19 14.97 -2.98
N GLU A 15 17.32 14.11 -3.51
CA GLU A 15 16.78 13.00 -2.74
C GLU A 15 16.80 11.71 -3.56
N LEU A 16 16.63 10.58 -2.87
CA LEU A 16 16.63 9.28 -3.54
C LEU A 16 15.33 8.53 -3.26
N VAL A 17 14.50 8.39 -4.28
CA VAL A 17 13.22 7.68 -4.14
C VAL A 17 13.42 6.31 -3.52
N PRO A 18 12.38 5.81 -2.84
CA PRO A 18 12.41 4.50 -2.19
C PRO A 18 12.43 3.35 -3.19
N THR A 19 13.62 2.84 -3.47
CA THR A 19 13.78 1.74 -4.41
C THR A 19 13.45 0.41 -3.76
N SER A 20 12.96 0.47 -2.53
CA SER A 20 12.60 -0.75 -1.78
C SER A 20 11.12 -0.75 -1.43
N PRO A 21 10.49 -1.93 -1.53
CA PRO A 21 9.07 -2.10 -1.22
C PRO A 21 8.77 -1.94 0.27
N PRO A 22 7.48 -1.86 0.61
CA PRO A 22 7.03 -1.71 1.99
C PRO A 22 7.27 -2.97 2.82
N LYS A 23 6.66 -3.02 4.01
CA LYS A 23 6.81 -4.17 4.89
C LYS A 23 5.56 -4.36 5.74
N ASP A 24 5.58 -5.38 6.60
CA ASP A 24 4.46 -5.67 7.47
C ASP A 24 3.13 -5.59 6.71
N VAL A 25 3.10 -6.24 5.55
CA VAL A 25 1.89 -6.25 4.72
C VAL A 25 0.84 -7.19 5.27
N THR A 26 -0.29 -6.65 5.69
CA THR A 26 -1.38 -7.44 6.24
C THR A 26 -2.73 -7.00 5.69
N VAL A 27 -3.61 -7.96 5.44
CA VAL A 27 -4.93 -7.67 4.91
C VAL A 27 -6.02 -8.38 5.71
N VAL A 28 -6.76 -7.62 6.51
CA VAL A 28 -7.82 -8.19 7.33
C VAL A 28 -9.19 -7.84 6.76
N SER A 29 -10.25 -8.29 7.44
CA SER A 29 -11.61 -8.02 7.00
C SER A 29 -12.38 -7.22 8.04
N LYS A 30 -13.42 -6.54 7.60
CA LYS A 30 -14.24 -5.73 8.50
C LYS A 30 -15.41 -6.54 9.04
N GLU A 31 -15.85 -6.20 10.26
CA GLU A 31 -16.97 -6.90 10.88
C GLU A 31 -18.29 -6.21 10.54
N GLY A 32 -18.40 -4.94 10.88
CA GLY A 32 -19.61 -4.19 10.61
C GLY A 32 -20.03 -4.29 9.15
N LYS A 33 -19.11 -4.72 8.30
CA LYS A 33 -19.39 -4.85 6.88
C LYS A 33 -18.48 -5.90 6.24
N PRO A 34 -19.10 -6.94 5.67
CA PRO A 34 -18.36 -8.04 5.02
C PRO A 34 -17.70 -7.59 3.71
N LYS A 35 -18.38 -6.70 2.99
CA LYS A 35 -17.86 -6.20 1.72
C LYS A 35 -16.77 -5.15 1.97
N THR A 36 -16.34 -5.02 3.22
CA THR A 36 -15.30 -4.06 3.58
C THR A 36 -14.08 -4.75 4.16
N ILE A 37 -12.90 -4.22 3.86
CA ILE A 37 -11.66 -4.79 4.36
C ILE A 37 -10.66 -3.69 4.73
N ILE A 38 -9.74 -4.01 5.63
CA ILE A 38 -8.73 -3.06 6.06
C ILE A 38 -7.32 -3.56 5.74
N VAL A 39 -6.57 -2.75 5.01
CA VAL A 39 -5.20 -3.11 4.63
C VAL A 39 -4.18 -2.28 5.40
N ASN A 40 -3.26 -2.96 6.08
CA ASN A 40 -2.24 -2.28 6.85
C ASN A 40 -0.85 -2.57 6.29
N TRP A 41 0.12 -1.74 6.64
CA TRP A 41 1.49 -1.91 6.17
C TRP A 41 2.44 -0.97 6.90
N GLN A 42 3.72 -1.04 6.57
CA GLN A 42 4.73 -0.19 7.19
C GLN A 42 5.76 0.27 6.16
N PRO A 43 6.39 1.43 6.44
CA PRO A 43 7.40 2.00 5.55
C PRO A 43 8.69 1.20 5.55
N PRO A 44 9.46 1.30 4.45
CA PRO A 44 10.73 0.59 4.31
C PRO A 44 11.81 1.13 5.23
N SER A 45 12.61 0.23 5.80
CA SER A 45 13.68 0.62 6.71
C SER A 45 14.68 1.52 6.01
N GLU A 46 14.87 1.30 4.71
CA GLU A 46 15.80 2.10 3.92
C GLU A 46 15.44 3.58 3.97
N ALA A 47 14.21 3.89 3.57
CA ALA A 47 13.72 5.26 3.56
C ALA A 47 14.84 6.23 3.21
N ASN A 48 15.52 5.97 2.09
CA ASN A 48 16.61 6.82 1.63
C ASN A 48 16.32 8.28 1.95
N GLY A 49 15.05 8.66 1.94
CA GLY A 49 14.67 10.02 2.23
C GLY A 49 13.52 10.11 3.23
N LYS A 50 12.33 10.40 2.74
CA LYS A 50 11.16 10.51 3.60
C LYS A 50 9.90 10.02 2.88
N ILE A 51 8.79 9.99 3.59
CA ILE A 51 7.52 9.55 3.02
C ILE A 51 6.41 10.56 3.28
N THR A 52 5.49 10.68 2.34
CA THR A 52 4.37 11.60 2.47
C THR A 52 3.04 10.89 2.24
N GLY A 53 3.07 9.84 1.44
CA GLY A 53 1.85 9.09 1.16
C GLY A 53 2.13 7.74 0.52
N TYR A 54 1.07 7.03 0.15
CA TYR A 54 1.21 5.72 -0.47
C TYR A 54 0.09 5.47 -1.49
N ILE A 55 0.17 4.35 -2.19
CA ILE A 55 -0.83 3.99 -3.18
C ILE A 55 -1.14 2.50 -3.14
N ILE A 56 -2.42 2.16 -3.18
CA ILE A 56 -2.85 0.77 -3.15
C ILE A 56 -3.51 0.38 -4.47
N TYR A 57 -3.07 -0.75 -5.02
CA TYR A 57 -3.62 -1.24 -6.28
C TYR A 57 -4.30 -2.59 -6.10
N TYR A 58 -5.61 -2.62 -6.32
CA TYR A 58 -6.39 -3.85 -6.17
C TYR A 58 -7.20 -4.14 -7.43
N SER A 59 -7.35 -5.42 -7.75
CA SER A 59 -8.09 -5.83 -8.93
C SER A 59 -8.56 -7.27 -8.80
N THR A 60 -9.45 -7.69 -9.69
CA THR A 60 -9.98 -9.05 -9.68
C THR A 60 -9.11 -9.99 -10.52
N ASP A 61 -8.24 -9.40 -11.34
CA ASP A 61 -7.35 -10.19 -12.19
C ASP A 61 -5.92 -10.13 -11.67
N VAL A 62 -5.25 -11.28 -11.65
CA VAL A 62 -3.88 -11.36 -11.18
C VAL A 62 -2.89 -11.23 -12.34
N ASN A 63 -3.41 -11.27 -13.56
CA ASN A 63 -2.58 -11.16 -14.75
C ASN A 63 -2.82 -9.83 -15.45
N ALA A 64 -3.95 -9.19 -15.13
CA ALA A 64 -4.30 -7.91 -15.74
C ALA A 64 -3.17 -6.89 -15.56
N GLU A 65 -2.89 -6.14 -16.62
CA GLU A 65 -1.83 -5.14 -16.58
C GLU A 65 -2.01 -4.21 -15.38
N ILE A 66 -0.90 -3.86 -14.74
CA ILE A 66 -0.93 -2.98 -13.58
C ILE A 66 -1.66 -1.68 -13.90
N HIS A 67 -1.79 -1.38 -15.19
CA HIS A 67 -2.46 -0.16 -15.62
C HIS A 67 -3.98 -0.33 -15.56
N ASP A 68 -4.44 -1.58 -15.66
CA ASP A 68 -5.86 -1.86 -15.61
C ASP A 68 -6.38 -1.83 -14.17
N TRP A 69 -5.50 -2.15 -13.23
CA TRP A 69 -5.87 -2.15 -11.82
C TRP A 69 -6.29 -0.76 -11.36
N VAL A 70 -7.03 -0.71 -10.26
CA VAL A 70 -7.50 0.56 -9.71
C VAL A 70 -6.42 1.22 -8.86
N ILE A 71 -6.49 2.55 -8.76
CA ILE A 71 -5.52 3.30 -7.98
C ILE A 71 -6.15 3.85 -6.70
N GLU A 72 -5.66 3.39 -5.56
CA GLU A 72 -6.19 3.84 -4.27
C GLU A 72 -5.12 4.62 -3.50
N PRO A 73 -5.02 5.92 -3.80
CA PRO A 73 -4.05 6.80 -3.15
C PRO A 73 -4.40 7.07 -1.68
N VAL A 74 -3.38 7.01 -0.82
CA VAL A 74 -3.59 7.25 0.60
C VAL A 74 -3.09 8.62 1.01
N VAL A 75 -4.00 9.44 1.56
CA VAL A 75 -3.64 10.79 2.00
C VAL A 75 -2.90 10.76 3.33
N GLY A 76 -2.35 11.91 3.71
CA GLY A 76 -1.62 11.99 4.96
C GLY A 76 -0.63 10.86 5.14
N ASN A 77 0.03 10.83 6.29
CA ASN A 77 1.01 9.78 6.58
C ASN A 77 0.33 8.52 7.11
N ARG A 78 -0.80 8.17 6.49
CA ARG A 78 -1.54 6.97 6.89
C ARG A 78 -0.98 5.73 6.21
N LEU A 79 -0.89 4.65 6.98
CA LEU A 79 -0.37 3.39 6.45
C LEU A 79 -1.47 2.34 6.35
N THR A 80 -2.71 2.78 6.53
CA THR A 80 -3.86 1.88 6.46
C THR A 80 -5.00 2.50 5.67
N HIS A 81 -5.75 1.66 4.95
CA HIS A 81 -6.86 2.13 4.14
C HIS A 81 -8.07 1.21 4.30
N GLN A 82 -9.24 1.69 3.88
CA GLN A 82 -10.46 0.91 3.97
C GLN A 82 -11.19 0.87 2.63
N ILE A 83 -11.19 -0.30 2.00
CA ILE A 83 -11.85 -0.49 0.71
C ILE A 83 -13.18 -1.22 0.87
N GLN A 84 -14.25 -0.59 0.40
CA GLN A 84 -15.58 -1.19 0.49
C GLN A 84 -16.14 -1.48 -0.89
N GLU A 85 -17.37 -1.95 -0.94
CA GLU A 85 -18.02 -2.27 -2.21
C GLU A 85 -17.27 -3.39 -2.94
N LEU A 86 -16.79 -4.37 -2.18
CA LEU A 86 -16.06 -5.48 -2.75
C LEU A 86 -16.94 -6.73 -2.86
N THR A 87 -16.54 -7.68 -3.68
CA THR A 87 -17.28 -8.91 -3.88
C THR A 87 -16.85 -9.98 -2.88
N LEU A 88 -17.83 -10.72 -2.36
CA LEU A 88 -17.55 -11.77 -1.39
C LEU A 88 -17.18 -13.08 -2.08
N ASP A 89 -16.75 -14.06 -1.31
CA ASP A 89 -16.37 -15.35 -1.85
C ASP A 89 -15.60 -15.19 -3.16
N THR A 90 -14.72 -14.19 -3.21
CA THR A 90 -13.93 -13.92 -4.40
C THR A 90 -12.50 -13.54 -4.03
N PRO A 91 -11.53 -14.22 -4.66
CA PRO A 91 -10.10 -13.98 -4.41
C PRO A 91 -9.64 -12.62 -4.95
N TYR A 92 -9.42 -11.68 -4.06
CA TYR A 92 -8.98 -10.34 -4.43
C TYR A 92 -7.50 -10.14 -4.14
N TYR A 93 -6.79 -9.54 -5.09
CA TYR A 93 -5.36 -9.30 -4.93
C TYR A 93 -5.08 -7.82 -4.69
N PHE A 94 -4.34 -7.53 -3.62
CA PHE A 94 -4.00 -6.15 -3.29
C PHE A 94 -2.50 -5.93 -3.36
N LYS A 95 -2.11 -4.68 -3.58
CA LYS A 95 -0.69 -4.32 -3.68
C LYS A 95 -0.42 -2.98 -3.01
N ILE A 96 0.65 -2.92 -2.23
CA ILE A 96 1.02 -1.69 -1.53
C ILE A 96 2.35 -1.16 -2.04
N GLN A 97 2.46 0.17 -2.11
CA GLN A 97 3.68 0.81 -2.59
C GLN A 97 3.90 2.14 -1.87
N ALA A 98 5.17 2.51 -1.70
CA ALA A 98 5.52 3.76 -1.04
C ALA A 98 5.92 4.82 -2.05
N ARG A 99 5.67 6.09 -1.71
CA ARG A 99 6.02 7.20 -2.59
C ARG A 99 6.28 8.47 -1.79
N ASN A 100 7.16 9.32 -2.31
CA ASN A 100 7.51 10.56 -1.64
C ASN A 100 7.34 11.75 -2.58
N SER A 101 7.55 12.96 -2.06
CA SER A 101 7.41 14.17 -2.84
C SER A 101 8.15 14.03 -4.18
N LYS A 102 9.19 13.20 -4.20
CA LYS A 102 9.97 12.97 -5.41
C LYS A 102 9.19 12.13 -6.41
N GLY A 103 9.04 10.84 -6.10
CA GLY A 103 8.32 9.95 -6.98
C GLY A 103 7.83 8.70 -6.27
N MET A 104 7.65 7.62 -7.02
CA MET A 104 7.18 6.36 -6.46
C MET A 104 8.24 5.28 -6.57
N GLY A 105 8.14 4.25 -5.73
CA GLY A 105 9.10 3.17 -5.75
C GLY A 105 8.52 1.90 -6.37
N PRO A 106 9.18 0.76 -6.08
CA PRO A 106 8.75 -0.55 -6.60
C PRO A 106 7.44 -1.01 -5.97
N MET A 107 6.72 -1.87 -6.69
CA MET A 107 5.45 -2.40 -6.20
C MET A 107 5.63 -3.78 -5.58
N SER A 108 4.87 -4.07 -4.54
CA SER A 108 4.95 -5.36 -3.86
C SER A 108 4.23 -6.44 -4.66
N GLU A 109 4.45 -7.70 -4.27
CA GLU A 109 3.83 -8.82 -4.96
C GLU A 109 2.32 -8.83 -4.73
N ALA A 110 1.59 -9.38 -5.70
CA ALA A 110 0.13 -9.45 -5.61
C ALA A 110 -0.30 -10.18 -4.35
N VAL A 111 -0.86 -9.44 -3.40
CA VAL A 111 -1.32 -10.02 -2.15
C VAL A 111 -2.72 -10.62 -2.30
N GLN A 112 -2.77 -11.95 -2.43
CA GLN A 112 -4.04 -12.64 -2.57
C GLN A 112 -4.74 -12.81 -1.23
N PHE A 113 -6.01 -12.44 -1.19
CA PHE A 113 -6.79 -12.54 0.04
C PHE A 113 -8.26 -12.84 -0.27
N ARG A 114 -8.79 -13.89 0.36
CA ARG A 114 -10.17 -14.29 0.15
C ARG A 114 -11.12 -13.44 0.98
N THR A 115 -12.30 -13.17 0.45
CA THR A 115 -13.30 -12.37 1.14
C THR A 115 -14.19 -13.23 2.03
N PRO A 116 -14.63 -12.66 3.16
CA PRO A 116 -15.49 -13.35 4.11
C PRO A 116 -16.90 -13.59 3.57
N LYS A 117 -17.82 -13.91 4.46
CA LYS A 117 -19.20 -14.15 4.06
C LYS A 117 -20.18 -13.53 5.07
N ALA A 118 -21.36 -13.16 4.58
CA ALA A 118 -22.38 -12.56 5.43
C ALA A 118 -22.92 -13.57 6.44
N SER A 119 -23.12 -13.11 7.68
CA SER A 119 -23.63 -13.97 8.74
C SER A 119 -24.95 -13.45 9.28
N GLY A 120 -25.73 -14.34 9.89
CA GLY A 120 -27.01 -13.94 10.44
C GLY A 120 -26.90 -13.46 11.88
N PRO A 121 -28.05 -13.22 12.51
CA PRO A 121 -28.11 -12.76 13.91
C PRO A 121 -27.69 -13.84 14.90
N SER A 122 -27.31 -13.42 16.10
CA SER A 122 -26.89 -14.36 17.14
C SER A 122 -28.03 -14.64 18.11
N SER A 123 -27.98 -15.83 18.72
CA SER A 123 -29.02 -16.23 19.67
C SER A 123 -28.56 -17.44 20.48
N GLY A 124 -28.28 -17.22 21.76
CA GLY A 124 -27.83 -18.31 22.62
C GLY A 124 -26.56 -17.98 23.37
N GLY A 1 32.10 17.33 10.96
CA GLY A 1 30.85 16.66 11.24
C GLY A 1 29.66 17.34 10.59
N SER A 2 28.92 18.11 11.38
CA SER A 2 27.75 18.81 10.87
C SER A 2 28.11 19.66 9.65
N SER A 3 27.10 19.98 8.84
CA SER A 3 27.32 20.78 7.63
C SER A 3 25.99 21.10 6.97
N GLY A 4 26.02 22.06 6.04
CA GLY A 4 24.81 22.44 5.33
C GLY A 4 24.97 22.37 3.82
N SER A 5 24.27 23.23 3.11
CA SER A 5 24.33 23.25 1.66
C SER A 5 23.81 24.57 1.10
N SER A 6 24.72 25.35 0.51
CA SER A 6 24.36 26.65 -0.06
C SER A 6 25.21 26.95 -1.30
N GLY A 7 24.54 27.35 -2.38
CA GLY A 7 25.25 27.67 -3.60
C GLY A 7 24.42 27.40 -4.84
N THR A 8 24.96 27.76 -6.00
CA THR A 8 24.26 27.55 -7.26
C THR A 8 24.41 26.11 -7.74
N ALA A 9 23.47 25.26 -7.35
CA ALA A 9 23.50 23.86 -7.75
C ALA A 9 22.16 23.43 -8.36
N HIS A 10 22.19 22.35 -9.15
CA HIS A 10 20.98 21.85 -9.78
C HIS A 10 20.09 21.13 -8.77
N GLY A 11 19.22 21.90 -8.11
CA GLY A 11 18.33 21.32 -7.12
C GLY A 11 19.03 21.03 -5.80
N THR A 12 19.20 22.08 -4.99
CA THR A 12 19.86 21.93 -3.71
C THR A 12 19.32 20.73 -2.94
N THR A 13 18.00 20.60 -2.90
CA THR A 13 17.36 19.49 -2.20
C THR A 13 17.67 18.16 -2.88
N PHE A 14 18.14 17.20 -2.11
CA PHE A 14 18.48 15.89 -2.64
C PHE A 14 17.64 14.80 -1.97
N GLU A 15 17.01 13.97 -2.79
CA GLU A 15 16.17 12.88 -2.28
C GLU A 15 16.32 11.63 -3.13
N LEU A 16 16.01 10.48 -2.55
CA LEU A 16 16.11 9.21 -3.25
C LEU A 16 14.86 8.36 -3.03
N VAL A 17 14.07 8.21 -4.09
CA VAL A 17 12.84 7.41 -4.01
C VAL A 17 13.09 6.08 -3.33
N PRO A 18 12.04 5.54 -2.69
CA PRO A 18 12.12 4.26 -1.98
C PRO A 18 12.27 3.07 -2.94
N THR A 19 13.50 2.58 -3.06
CA THR A 19 13.77 1.45 -3.94
C THR A 19 13.43 0.12 -3.27
N SER A 20 12.72 0.21 -2.15
CA SER A 20 12.32 -0.99 -1.40
C SER A 20 10.83 -0.96 -1.08
N PRO A 21 10.18 -2.12 -1.21
CA PRO A 21 8.74 -2.25 -0.93
C PRO A 21 8.43 -2.13 0.55
N PRO A 22 7.13 -1.97 0.87
CA PRO A 22 6.67 -1.83 2.25
C PRO A 22 6.80 -3.13 3.03
N LYS A 23 6.67 -3.04 4.36
CA LYS A 23 6.77 -4.21 5.22
C LYS A 23 5.46 -4.46 5.95
N ASP A 24 5.45 -5.47 6.82
CA ASP A 24 4.26 -5.81 7.57
C ASP A 24 3.00 -5.70 6.71
N VAL A 25 3.06 -6.30 5.53
CA VAL A 25 1.94 -6.27 4.60
C VAL A 25 0.89 -7.31 4.97
N THR A 26 -0.27 -6.83 5.44
CA THR A 26 -1.36 -7.71 5.83
C THR A 26 -2.70 -7.17 5.37
N VAL A 27 -3.65 -8.07 5.15
CA VAL A 27 -4.98 -7.69 4.70
C VAL A 27 -6.06 -8.36 5.54
N VAL A 28 -6.70 -7.57 6.41
CA VAL A 28 -7.75 -8.09 7.27
C VAL A 28 -9.14 -7.67 6.77
N SER A 29 -10.17 -8.14 7.45
CA SER A 29 -11.54 -7.82 7.07
C SER A 29 -12.24 -7.02 8.17
N LYS A 30 -13.20 -6.19 7.76
CA LYS A 30 -13.95 -5.37 8.70
C LYS A 30 -15.13 -6.14 9.28
N GLU A 31 -15.50 -5.82 10.51
CA GLU A 31 -16.61 -6.48 11.18
C GLU A 31 -17.94 -5.84 10.79
N GLY A 32 -18.14 -4.59 11.20
CA GLY A 32 -19.36 -3.88 10.89
C GLY A 32 -19.84 -4.18 9.47
N LYS A 33 -18.90 -4.50 8.59
CA LYS A 33 -19.24 -4.79 7.20
C LYS A 33 -18.29 -5.83 6.62
N PRO A 34 -18.85 -6.85 5.95
CA PRO A 34 -18.09 -7.93 5.34
C PRO A 34 -17.29 -7.45 4.13
N LYS A 35 -17.97 -6.80 3.20
CA LYS A 35 -17.33 -6.29 2.00
C LYS A 35 -16.21 -5.32 2.35
N THR A 36 -16.31 -4.70 3.52
CA THR A 36 -15.32 -3.74 3.98
C THR A 36 -14.09 -4.46 4.54
N ILE A 37 -12.91 -3.97 4.17
CA ILE A 37 -11.66 -4.56 4.64
C ILE A 37 -10.66 -3.48 5.02
N ILE A 38 -9.58 -3.89 5.69
CA ILE A 38 -8.54 -2.96 6.11
C ILE A 38 -7.15 -3.51 5.81
N VAL A 39 -6.42 -2.82 4.94
CA VAL A 39 -5.07 -3.23 4.57
C VAL A 39 -4.02 -2.53 5.43
N ASN A 40 -3.33 -3.31 6.26
CA ASN A 40 -2.29 -2.76 7.13
C ASN A 40 -0.90 -2.97 6.53
N TRP A 41 -0.06 -1.96 6.66
CA TRP A 41 1.30 -2.04 6.13
C TRP A 41 2.22 -1.03 6.81
N GLN A 42 3.52 -1.11 6.54
CA GLN A 42 4.49 -0.21 7.14
C GLN A 42 5.48 0.29 6.09
N PRO A 43 6.16 1.40 6.40
CA PRO A 43 7.14 2.00 5.50
C PRO A 43 8.41 1.16 5.37
N PRO A 44 9.11 1.30 4.24
CA PRO A 44 10.35 0.55 3.97
C PRO A 44 11.49 1.00 4.86
N SER A 45 12.44 0.09 5.11
CA SER A 45 13.60 0.41 5.95
C SER A 45 14.44 1.52 5.32
N GLU A 46 14.76 1.36 4.04
CA GLU A 46 15.56 2.35 3.34
C GLU A 46 15.05 3.76 3.62
N ALA A 47 13.77 4.00 3.36
CA ALA A 47 13.17 5.30 3.58
C ALA A 47 14.15 6.43 3.28
N ASN A 48 14.75 6.38 2.09
CA ASN A 48 15.71 7.38 1.67
C ASN A 48 15.00 8.68 1.27
N GLY A 49 14.14 9.17 2.15
CA GLY A 49 13.42 10.39 1.88
C GLY A 49 12.13 10.50 2.67
N LYS A 50 11.67 11.72 2.91
CA LYS A 50 10.45 11.96 3.65
C LYS A 50 9.24 11.41 2.90
N ILE A 51 8.54 10.46 3.53
CA ILE A 51 7.36 9.86 2.93
C ILE A 51 6.19 10.83 2.91
N THR A 52 5.55 10.97 1.75
CA THR A 52 4.42 11.87 1.60
C THR A 52 3.10 11.10 1.64
N GLY A 53 3.09 9.93 1.00
CA GLY A 53 1.88 9.11 0.97
C GLY A 53 2.13 7.74 0.39
N TYR A 54 1.08 6.92 0.35
CA TYR A 54 1.19 5.56 -0.18
C TYR A 54 0.06 5.27 -1.16
N ILE A 55 0.29 4.30 -2.04
CA ILE A 55 -0.71 3.93 -3.03
C ILE A 55 -1.05 2.45 -2.93
N ILE A 56 -2.32 2.12 -3.21
CA ILE A 56 -2.77 0.73 -3.15
C ILE A 56 -3.43 0.32 -4.46
N TYR A 57 -3.03 -0.84 -4.98
CA TYR A 57 -3.60 -1.35 -6.22
C TYR A 57 -4.29 -2.70 -6.01
N TYR A 58 -5.52 -2.80 -6.47
CA TYR A 58 -6.29 -4.03 -6.32
C TYR A 58 -7.15 -4.29 -7.55
N SER A 59 -7.17 -5.55 -8.00
CA SER A 59 -7.94 -5.93 -9.16
C SER A 59 -8.25 -7.43 -9.15
N THR A 60 -9.47 -7.78 -9.56
CA THR A 60 -9.87 -9.18 -9.60
C THR A 60 -8.84 -10.05 -10.31
N ASP A 61 -8.24 -9.50 -11.35
CA ASP A 61 -7.22 -10.23 -12.12
C ASP A 61 -5.85 -10.09 -11.46
N VAL A 62 -5.01 -11.10 -11.64
CA VAL A 62 -3.68 -11.09 -11.07
C VAL A 62 -2.61 -10.92 -12.15
N ASN A 63 -2.99 -11.25 -13.39
CA ASN A 63 -2.06 -11.14 -14.51
C ASN A 63 -2.46 -9.98 -15.42
N ALA A 64 -3.09 -8.96 -14.84
CA ALA A 64 -3.52 -7.80 -15.60
C ALA A 64 -2.55 -6.64 -15.42
N GLU A 65 -2.22 -5.97 -16.52
CA GLU A 65 -1.30 -4.84 -16.49
C GLU A 65 -1.68 -3.86 -15.38
N ILE A 66 -0.68 -3.43 -14.62
CA ILE A 66 -0.91 -2.50 -13.53
C ILE A 66 -1.82 -1.36 -13.96
N HIS A 67 -1.85 -1.10 -15.27
CA HIS A 67 -2.69 -0.03 -15.81
C HIS A 67 -4.16 -0.24 -15.44
N ASP A 68 -4.62 -1.48 -15.58
CA ASP A 68 -6.01 -1.82 -15.26
C ASP A 68 -6.26 -1.70 -13.76
N TRP A 69 -5.27 -2.07 -12.97
CA TRP A 69 -5.37 -2.01 -11.50
C TRP A 69 -5.79 -0.61 -11.06
N VAL A 70 -6.76 -0.55 -10.15
CA VAL A 70 -7.24 0.72 -9.64
C VAL A 70 -6.21 1.38 -8.73
N ILE A 71 -6.25 2.71 -8.66
CA ILE A 71 -5.32 3.46 -7.83
C ILE A 71 -5.99 3.98 -6.57
N GLU A 72 -5.58 3.45 -5.41
CA GLU A 72 -6.15 3.86 -4.14
C GLU A 72 -5.15 4.69 -3.34
N PRO A 73 -5.10 6.00 -3.62
CA PRO A 73 -4.20 6.93 -2.95
C PRO A 73 -4.58 7.15 -1.49
N VAL A 74 -3.60 7.10 -0.60
CA VAL A 74 -3.83 7.30 0.83
C VAL A 74 -3.46 8.72 1.25
N VAL A 75 -4.29 9.32 2.08
CA VAL A 75 -4.04 10.67 2.57
C VAL A 75 -3.58 10.67 4.02
N GLY A 76 -3.14 11.82 4.50
CA GLY A 76 -2.67 11.92 5.87
C GLY A 76 -1.55 10.95 6.18
N ASN A 77 -0.68 10.71 5.19
CA ASN A 77 0.43 9.79 5.36
C ASN A 77 0.01 8.55 6.15
N ARG A 78 -1.22 8.10 5.91
CA ARG A 78 -1.75 6.92 6.60
C ARG A 78 -1.11 5.65 6.06
N LEU A 79 -0.89 4.69 6.95
CA LEU A 79 -0.29 3.42 6.56
C LEU A 79 -1.35 2.34 6.41
N THR A 80 -2.61 2.74 6.48
CA THR A 80 -3.72 1.80 6.35
C THR A 80 -4.84 2.40 5.48
N HIS A 81 -5.65 1.52 4.90
CA HIS A 81 -6.76 1.96 4.05
C HIS A 81 -7.96 1.04 4.22
N GLN A 82 -9.15 1.61 4.13
CA GLN A 82 -10.38 0.84 4.26
C GLN A 82 -11.19 0.87 2.96
N ILE A 83 -11.20 -0.26 2.25
CA ILE A 83 -11.94 -0.36 1.00
C ILE A 83 -13.26 -1.09 1.20
N GLN A 84 -14.34 -0.50 0.68
CA GLN A 84 -15.66 -1.10 0.80
C GLN A 84 -16.25 -1.38 -0.58
N GLU A 85 -17.47 -1.93 -0.60
CA GLU A 85 -18.14 -2.25 -1.84
C GLU A 85 -17.35 -3.29 -2.63
N LEU A 86 -16.74 -4.23 -1.91
CA LEU A 86 -15.96 -5.28 -2.54
C LEU A 86 -16.78 -6.56 -2.68
N THR A 87 -16.40 -7.40 -3.64
CA THR A 87 -17.09 -8.66 -3.87
C THR A 87 -16.74 -9.70 -2.81
N LEU A 88 -17.70 -10.55 -2.50
CA LEU A 88 -17.49 -11.59 -1.49
C LEU A 88 -17.18 -12.93 -2.15
N ASP A 89 -16.79 -13.91 -1.34
CA ASP A 89 -16.45 -15.23 -1.85
C ASP A 89 -15.73 -15.14 -3.19
N THR A 90 -14.86 -14.14 -3.31
CA THR A 90 -14.10 -13.94 -4.54
C THR A 90 -12.65 -13.56 -4.24
N PRO A 91 -11.72 -14.19 -4.97
CA PRO A 91 -10.29 -13.94 -4.81
C PRO A 91 -9.87 -12.56 -5.30
N TYR A 92 -9.26 -11.79 -4.41
CA TYR A 92 -8.82 -10.44 -4.76
C TYR A 92 -7.35 -10.24 -4.40
N TYR A 93 -6.61 -9.61 -5.31
CA TYR A 93 -5.19 -9.35 -5.08
C TYR A 93 -4.95 -7.87 -4.78
N PHE A 94 -4.26 -7.61 -3.67
CA PHE A 94 -3.96 -6.25 -3.25
C PHE A 94 -2.47 -5.97 -3.36
N LYS A 95 -2.11 -4.68 -3.45
CA LYS A 95 -0.71 -4.28 -3.56
C LYS A 95 -0.49 -2.94 -2.87
N ILE A 96 0.70 -2.78 -2.28
CA ILE A 96 1.04 -1.53 -1.59
C ILE A 96 2.36 -0.97 -2.12
N GLN A 97 2.46 0.35 -2.13
CA GLN A 97 3.67 1.02 -2.59
C GLN A 97 3.85 2.38 -1.91
N ALA A 98 5.10 2.80 -1.75
CA ALA A 98 5.40 4.07 -1.10
C ALA A 98 5.85 5.10 -2.14
N ARG A 99 5.60 6.37 -1.83
CA ARG A 99 5.98 7.45 -2.73
C ARG A 99 6.27 8.74 -1.96
N ASN A 100 7.33 9.43 -2.33
CA ASN A 100 7.71 10.67 -1.67
C ASN A 100 7.80 11.82 -2.68
N SER A 101 8.18 13.00 -2.19
CA SER A 101 8.29 14.17 -3.04
C SER A 101 8.81 13.79 -4.43
N LYS A 102 9.84 12.96 -4.46
CA LYS A 102 10.43 12.51 -5.72
C LYS A 102 9.42 11.72 -6.54
N GLY A 103 9.11 10.52 -6.07
CA GLY A 103 8.15 9.69 -6.78
C GLY A 103 7.81 8.42 -6.02
N MET A 104 7.46 7.37 -6.75
CA MET A 104 7.12 6.09 -6.12
C MET A 104 8.24 5.07 -6.32
N GLY A 105 8.09 3.91 -5.69
CA GLY A 105 9.09 2.87 -5.80
C GLY A 105 8.55 1.60 -6.42
N PRO A 106 9.19 0.46 -6.09
CA PRO A 106 8.78 -0.85 -6.60
C PRO A 106 7.45 -1.32 -6.02
N MET A 107 6.75 -2.16 -6.76
CA MET A 107 5.46 -2.68 -6.31
C MET A 107 5.64 -4.03 -5.61
N SER A 108 4.99 -4.17 -4.45
CA SER A 108 5.07 -5.41 -3.67
C SER A 108 4.26 -6.52 -4.33
N GLU A 109 4.53 -7.76 -3.92
CA GLU A 109 3.82 -8.91 -4.47
C GLU A 109 2.31 -8.76 -4.29
N ALA A 110 1.55 -9.58 -5.01
CA ALA A 110 0.10 -9.54 -4.93
C ALA A 110 -0.42 -10.42 -3.79
N VAL A 111 -0.99 -9.79 -2.77
CA VAL A 111 -1.53 -10.51 -1.63
C VAL A 111 -2.93 -11.04 -1.91
N GLN A 112 -3.03 -12.35 -2.14
CA GLN A 112 -4.32 -12.97 -2.42
C GLN A 112 -5.12 -13.18 -1.13
N PHE A 113 -6.10 -12.30 -0.91
CA PHE A 113 -6.94 -12.38 0.27
C PHE A 113 -8.39 -12.65 -0.11
N ARG A 114 -8.88 -13.85 0.22
CA ARG A 114 -10.26 -14.22 -0.09
C ARG A 114 -11.24 -13.46 0.80
N THR A 115 -12.15 -12.73 0.17
CA THR A 115 -13.14 -11.96 0.91
C THR A 115 -13.98 -12.86 1.80
N PRO A 116 -14.37 -12.33 2.97
CA PRO A 116 -15.18 -13.07 3.95
C PRO A 116 -16.61 -13.29 3.46
N LYS A 117 -17.49 -13.65 4.38
CA LYS A 117 -18.89 -13.89 4.05
C LYS A 117 -19.82 -13.25 5.08
N ALA A 118 -20.99 -12.82 4.64
CA ALA A 118 -21.97 -12.20 5.52
C ALA A 118 -22.56 -13.22 6.49
N SER A 119 -22.28 -13.04 7.78
CA SER A 119 -22.77 -13.95 8.81
C SER A 119 -23.88 -13.28 9.63
N GLY A 120 -24.41 -14.02 10.60
CA GLY A 120 -25.46 -13.48 11.44
C GLY A 120 -25.30 -13.89 12.89
N PRO A 121 -24.26 -13.35 13.55
CA PRO A 121 -23.98 -13.64 14.96
C PRO A 121 -25.01 -13.04 15.90
N SER A 122 -25.66 -13.89 16.69
CA SER A 122 -26.67 -13.43 17.64
C SER A 122 -26.09 -12.42 18.62
N SER A 123 -26.92 -11.48 19.06
CA SER A 123 -26.50 -10.45 19.99
C SER A 123 -26.85 -10.83 21.43
N GLY A 124 -25.82 -11.04 22.24
CA GLY A 124 -26.04 -11.41 23.62
C GLY A 124 -24.75 -11.67 24.37
N GLY A 1 16.13 -6.58 17.44
CA GLY A 1 16.10 -7.38 16.23
C GLY A 1 16.50 -6.58 15.00
N SER A 2 16.01 -5.35 14.91
CA SER A 2 16.32 -4.49 13.77
C SER A 2 17.81 -4.19 13.71
N SER A 3 18.27 -3.73 12.54
CA SER A 3 19.68 -3.41 12.34
C SER A 3 19.84 -2.39 11.22
N GLY A 4 20.71 -1.41 11.45
CA GLY A 4 20.96 -0.39 10.46
C GLY A 4 22.00 0.61 10.89
N SER A 5 22.11 1.72 10.17
CA SER A 5 23.09 2.76 10.48
C SER A 5 22.45 4.14 10.41
N SER A 6 23.02 5.09 11.16
CA SER A 6 22.52 6.45 11.19
C SER A 6 23.60 7.42 11.62
N GLY A 7 23.37 8.71 11.35
CA GLY A 7 24.34 9.73 11.73
C GLY A 7 23.97 11.10 11.21
N THR A 8 24.95 11.80 10.63
CA THR A 8 24.72 13.13 10.09
C THR A 8 24.39 13.08 8.61
N ALA A 9 23.99 14.21 8.05
CA ALA A 9 23.64 14.28 6.64
C ALA A 9 24.68 15.10 5.86
N HIS A 10 24.63 15.00 4.53
CA HIS A 10 25.57 15.73 3.68
C HIS A 10 24.85 16.84 2.92
N GLY A 11 23.75 16.49 2.27
CA GLY A 11 23.00 17.48 1.51
C GLY A 11 21.50 17.24 1.58
N THR A 12 20.77 18.21 2.13
CA THR A 12 19.33 18.10 2.26
C THR A 12 18.61 18.63 1.02
N THR A 13 19.15 18.30 -0.15
CA THR A 13 18.58 18.75 -1.41
C THR A 13 18.20 17.58 -2.30
N PHE A 14 19.18 16.72 -2.59
CA PHE A 14 18.95 15.56 -3.43
C PHE A 14 18.46 14.37 -2.60
N GLU A 15 17.53 13.60 -3.16
CA GLU A 15 16.99 12.44 -2.47
C GLU A 15 16.94 11.24 -3.40
N LEU A 16 16.45 10.11 -2.87
CA LEU A 16 16.36 8.88 -3.65
C LEU A 16 15.04 8.16 -3.36
N VAL A 17 14.21 8.02 -4.40
CA VAL A 17 12.93 7.35 -4.26
C VAL A 17 13.10 5.92 -3.75
N PRO A 18 12.09 5.42 -3.03
CA PRO A 18 12.11 4.07 -2.47
C PRO A 18 11.99 3.00 -3.55
N THR A 19 13.13 2.39 -3.89
CA THR A 19 13.15 1.34 -4.91
C THR A 19 12.86 -0.02 -4.30
N SER A 20 12.18 -0.02 -3.15
CA SER A 20 11.83 -1.27 -2.48
C SER A 20 10.41 -1.21 -1.93
N PRO A 21 9.71 -2.35 -1.99
CA PRO A 21 8.32 -2.45 -1.50
C PRO A 21 8.24 -2.35 0.02
N PRO A 22 7.03 -2.06 0.52
CA PRO A 22 6.78 -1.93 1.97
C PRO A 22 6.87 -3.26 2.68
N LYS A 23 6.66 -3.23 4.00
CA LYS A 23 6.71 -4.44 4.80
C LYS A 23 5.49 -4.55 5.72
N ASP A 24 5.41 -5.63 6.48
CA ASP A 24 4.29 -5.84 7.40
C ASP A 24 2.96 -5.70 6.66
N VAL A 25 2.94 -6.14 5.40
CA VAL A 25 1.72 -6.07 4.60
C VAL A 25 0.71 -7.12 5.04
N THR A 26 -0.45 -6.66 5.50
CA THR A 26 -1.50 -7.56 5.96
C THR A 26 -2.87 -7.09 5.46
N VAL A 27 -3.75 -8.06 5.19
CA VAL A 27 -5.09 -7.76 4.72
C VAL A 27 -6.15 -8.50 5.52
N VAL A 28 -6.89 -7.75 6.33
CA VAL A 28 -7.94 -8.35 7.16
C VAL A 28 -9.31 -7.77 6.80
N SER A 29 -10.35 -8.38 7.35
CA SER A 29 -11.71 -7.94 7.09
C SER A 29 -12.19 -6.97 8.18
N LYS A 30 -13.31 -6.31 7.92
CA LYS A 30 -13.87 -5.37 8.87
C LYS A 30 -14.88 -6.05 9.80
N GLU A 31 -15.00 -5.55 11.02
CA GLU A 31 -15.92 -6.12 11.99
C GLU A 31 -17.35 -5.62 11.74
N GLY A 32 -18.19 -6.51 11.23
CA GLY A 32 -19.57 -6.15 10.94
C GLY A 32 -19.90 -6.22 9.46
N LYS A 33 -19.03 -5.65 8.64
CA LYS A 33 -19.23 -5.65 7.19
C LYS A 33 -18.16 -6.48 6.50
N PRO A 34 -18.59 -7.48 5.72
CA PRO A 34 -17.68 -8.36 4.98
C PRO A 34 -16.98 -7.64 3.83
N LYS A 35 -17.76 -6.90 3.05
CA LYS A 35 -17.22 -6.16 1.91
C LYS A 35 -16.08 -5.24 2.35
N THR A 36 -16.28 -4.56 3.48
CA THR A 36 -15.27 -3.65 4.00
C THR A 36 -14.08 -4.42 4.57
N ILE A 37 -12.88 -4.03 4.16
CA ILE A 37 -11.66 -4.68 4.62
C ILE A 37 -10.59 -3.65 4.98
N ILE A 38 -9.62 -4.08 5.78
CA ILE A 38 -8.54 -3.19 6.20
C ILE A 38 -7.18 -3.76 5.80
N VAL A 39 -6.38 -2.93 5.13
CA VAL A 39 -5.06 -3.35 4.68
C VAL A 39 -3.96 -2.54 5.38
N ASN A 40 -3.33 -3.14 6.37
CA ASN A 40 -2.27 -2.47 7.12
C ASN A 40 -0.90 -2.78 6.52
N TRP A 41 0.06 -1.90 6.74
CA TRP A 41 1.41 -2.08 6.22
C TRP A 41 2.39 -1.12 6.89
N GLN A 42 3.64 -1.14 6.44
CA GLN A 42 4.67 -0.27 7.00
C GLN A 42 5.69 0.12 5.94
N PRO A 43 6.41 1.22 6.18
CA PRO A 43 7.42 1.73 5.25
C PRO A 43 8.65 0.83 5.20
N PRO A 44 9.30 0.80 4.03
CA PRO A 44 10.50 -0.02 3.81
C PRO A 44 11.71 0.50 4.58
N SER A 45 12.59 -0.42 4.97
CA SER A 45 13.78 -0.06 5.72
C SER A 45 14.57 1.04 5.00
N GLU A 46 14.88 0.78 3.73
CA GLU A 46 15.64 1.74 2.92
C GLU A 46 15.24 3.17 3.28
N ALA A 47 13.95 3.46 3.22
CA ALA A 47 13.45 4.79 3.53
C ALA A 47 14.44 5.87 3.11
N ASN A 48 14.86 5.81 1.85
CA ASN A 48 15.81 6.78 1.31
C ASN A 48 15.12 8.12 1.04
N GLY A 49 14.38 8.61 2.02
CA GLY A 49 13.68 9.87 1.87
C GLY A 49 12.46 9.98 2.76
N LYS A 50 11.87 11.17 2.82
CA LYS A 50 10.69 11.39 3.65
C LYS A 50 9.42 10.98 2.90
N ILE A 51 8.76 9.95 3.39
CA ILE A 51 7.52 9.46 2.78
C ILE A 51 6.40 10.48 2.94
N THR A 52 5.60 10.62 1.88
CA THR A 52 4.48 11.56 1.90
C THR A 52 3.15 10.83 1.90
N GLY A 53 3.09 9.71 1.18
CA GLY A 53 1.87 8.93 1.12
C GLY A 53 2.09 7.54 0.58
N TYR A 54 1.01 6.87 0.18
CA TYR A 54 1.10 5.51 -0.34
C TYR A 54 -0.07 5.21 -1.27
N ILE A 55 0.21 4.45 -2.33
CA ILE A 55 -0.82 4.09 -3.29
C ILE A 55 -1.13 2.60 -3.23
N ILE A 56 -2.43 2.26 -3.30
CA ILE A 56 -2.85 0.88 -3.25
C ILE A 56 -3.49 0.45 -4.57
N TYR A 57 -3.15 -0.75 -5.02
CA TYR A 57 -3.68 -1.27 -6.27
C TYR A 57 -4.34 -2.64 -6.06
N TYR A 58 -5.59 -2.75 -6.48
CA TYR A 58 -6.34 -4.00 -6.33
C TYR A 58 -7.19 -4.27 -7.57
N SER A 59 -7.30 -5.55 -7.94
CA SER A 59 -8.08 -5.95 -9.11
C SER A 59 -8.37 -7.44 -9.08
N THR A 60 -9.43 -7.84 -9.77
CA THR A 60 -9.83 -9.25 -9.82
C THR A 60 -8.95 -10.02 -10.79
N ASP A 61 -7.99 -9.33 -11.40
CA ASP A 61 -7.08 -9.96 -12.35
C ASP A 61 -5.64 -9.84 -11.89
N VAL A 62 -4.99 -10.98 -11.68
CA VAL A 62 -3.61 -11.01 -11.23
C VAL A 62 -2.64 -10.84 -12.41
N ASN A 63 -3.05 -11.34 -13.57
CA ASN A 63 -2.21 -11.24 -14.76
C ASN A 63 -2.52 -9.96 -15.54
N ALA A 64 -3.23 -9.04 -14.89
CA ALA A 64 -3.59 -7.78 -15.51
C ALA A 64 -2.47 -6.75 -15.36
N GLU A 65 -2.28 -5.93 -16.39
CA GLU A 65 -1.24 -4.91 -16.37
C GLU A 65 -1.42 -3.98 -15.19
N ILE A 66 -0.32 -3.69 -14.50
CA ILE A 66 -0.36 -2.81 -13.34
C ILE A 66 -1.23 -1.59 -13.60
N HIS A 67 -1.21 -1.11 -14.84
CA HIS A 67 -2.01 0.06 -15.22
C HIS A 67 -3.50 -0.23 -15.05
N ASP A 68 -3.92 -1.44 -15.42
CA ASP A 68 -5.31 -1.84 -15.31
C ASP A 68 -5.77 -1.82 -13.86
N TRP A 69 -4.85 -2.15 -12.96
CA TRP A 69 -5.16 -2.17 -11.52
C TRP A 69 -5.64 -0.80 -11.05
N VAL A 70 -6.71 -0.79 -10.27
CA VAL A 70 -7.26 0.45 -9.75
C VAL A 70 -6.24 1.19 -8.89
N ILE A 71 -6.33 2.51 -8.87
CA ILE A 71 -5.41 3.33 -8.09
C ILE A 71 -6.11 3.90 -6.86
N GLU A 72 -5.63 3.49 -5.68
CA GLU A 72 -6.21 3.96 -4.43
C GLU A 72 -5.18 4.75 -3.62
N PRO A 73 -5.06 6.05 -3.91
CA PRO A 73 -4.11 6.94 -3.22
C PRO A 73 -4.51 7.20 -1.78
N VAL A 74 -3.52 7.23 -0.89
CA VAL A 74 -3.77 7.47 0.53
C VAL A 74 -3.25 8.83 0.95
N VAL A 75 -4.04 9.54 1.75
CA VAL A 75 -3.66 10.87 2.23
C VAL A 75 -3.23 10.82 3.69
N GLY A 76 -2.53 11.87 4.13
CA GLY A 76 -2.07 11.93 5.50
C GLY A 76 -1.09 10.82 5.83
N ASN A 77 -0.26 10.46 4.85
CA ASN A 77 0.73 9.40 5.04
C ASN A 77 0.17 8.29 5.92
N ARG A 78 -0.98 7.74 5.52
CA ARG A 78 -1.62 6.66 6.27
C ARG A 78 -1.05 5.31 5.87
N LEU A 79 -0.81 4.45 6.86
CA LEU A 79 -0.26 3.13 6.61
C LEU A 79 -1.38 2.10 6.47
N THR A 80 -2.62 2.56 6.52
CA THR A 80 -3.77 1.69 6.40
C THR A 80 -4.86 2.31 5.52
N HIS A 81 -5.61 1.47 4.81
CA HIS A 81 -6.66 1.94 3.93
C HIS A 81 -7.88 1.02 4.01
N GLN A 82 -9.07 1.62 4.01
CA GLN A 82 -10.30 0.85 4.07
C GLN A 82 -11.00 0.79 2.71
N ILE A 83 -11.41 -0.40 2.32
CA ILE A 83 -12.07 -0.59 1.03
C ILE A 83 -13.34 -1.42 1.19
N GLN A 84 -14.46 -0.89 0.71
CA GLN A 84 -15.73 -1.59 0.80
C GLN A 84 -16.39 -1.70 -0.58
N GLU A 85 -17.59 -2.27 -0.60
CA GLU A 85 -18.31 -2.44 -1.86
C GLU A 85 -17.57 -3.38 -2.80
N LEU A 86 -17.17 -4.54 -2.29
CA LEU A 86 -16.45 -5.52 -3.08
C LEU A 86 -17.23 -6.83 -3.18
N THR A 87 -16.75 -7.74 -4.03
CA THR A 87 -17.41 -9.03 -4.20
C THR A 87 -17.03 -10.00 -3.08
N LEU A 88 -17.90 -10.96 -2.81
CA LEU A 88 -17.66 -11.95 -1.78
C LEU A 88 -17.25 -13.29 -2.37
N ASP A 89 -16.67 -14.15 -1.55
CA ASP A 89 -16.24 -15.48 -2.00
C ASP A 89 -15.44 -15.37 -3.30
N THR A 90 -14.53 -14.42 -3.36
CA THR A 90 -13.70 -14.20 -4.54
C THR A 90 -12.29 -13.81 -4.16
N PRO A 91 -11.30 -14.46 -4.81
CA PRO A 91 -9.88 -14.18 -4.55
C PRO A 91 -9.45 -12.82 -5.07
N TYR A 92 -9.34 -11.85 -4.17
CA TYR A 92 -8.94 -10.50 -4.55
C TYR A 92 -7.49 -10.24 -4.17
N TYR A 93 -6.77 -9.56 -5.05
CA TYR A 93 -5.36 -9.26 -4.82
C TYR A 93 -5.17 -7.77 -4.56
N PHE A 94 -4.35 -7.44 -3.57
CA PHE A 94 -4.07 -6.06 -3.22
C PHE A 94 -2.58 -5.75 -3.31
N LYS A 95 -2.26 -4.46 -3.42
CA LYS A 95 -0.87 -4.04 -3.51
C LYS A 95 -0.65 -2.70 -2.82
N ILE A 96 0.54 -2.49 -2.29
CA ILE A 96 0.88 -1.25 -1.60
C ILE A 96 2.16 -0.65 -2.12
N GLN A 97 2.20 0.67 -2.21
CA GLN A 97 3.39 1.37 -2.71
C GLN A 97 3.66 2.63 -1.88
N ALA A 98 4.93 2.97 -1.74
CA ALA A 98 5.33 4.14 -0.98
C ALA A 98 6.00 5.18 -1.87
N ARG A 99 5.70 6.45 -1.62
CA ARG A 99 6.27 7.54 -2.41
C ARG A 99 6.66 8.71 -1.51
N ASN A 100 7.69 9.45 -1.93
CA ASN A 100 8.17 10.60 -1.17
C ASN A 100 8.06 11.88 -1.98
N SER A 101 8.37 13.01 -1.35
CA SER A 101 8.31 14.30 -2.01
C SER A 101 8.85 14.21 -3.43
N LYS A 102 9.72 13.22 -3.67
CA LYS A 102 10.32 13.03 -4.98
C LYS A 102 9.37 12.30 -5.90
N GLY A 103 9.16 11.01 -5.65
CA GLY A 103 8.27 10.22 -6.48
C GLY A 103 7.89 8.90 -5.83
N MET A 104 7.31 8.00 -6.61
CA MET A 104 6.91 6.70 -6.11
C MET A 104 7.90 5.61 -6.52
N GLY A 105 7.78 4.45 -5.92
CA GLY A 105 8.68 3.34 -6.24
C GLY A 105 8.00 2.25 -7.04
N PRO A 106 8.57 1.04 -6.99
CA PRO A 106 8.03 -0.12 -7.71
C PRO A 106 6.72 -0.61 -7.11
N MET A 107 6.32 -1.83 -7.47
CA MET A 107 5.08 -2.41 -6.97
C MET A 107 5.37 -3.66 -6.15
N SER A 108 4.64 -3.83 -5.05
CA SER A 108 4.82 -4.99 -4.18
C SER A 108 4.17 -6.22 -4.79
N GLU A 109 4.33 -7.35 -4.11
CA GLU A 109 3.75 -8.61 -4.58
C GLU A 109 2.25 -8.65 -4.32
N ALA A 110 1.50 -9.12 -5.32
CA ALA A 110 0.06 -9.22 -5.21
C ALA A 110 -0.35 -10.03 -3.98
N VAL A 111 -0.98 -9.35 -3.02
CA VAL A 111 -1.42 -10.01 -1.80
C VAL A 111 -2.81 -10.61 -1.97
N GLN A 112 -2.86 -11.93 -2.14
CA GLN A 112 -4.13 -12.64 -2.31
C GLN A 112 -4.83 -12.81 -0.97
N PHE A 113 -6.05 -12.27 -0.89
CA PHE A 113 -6.83 -12.37 0.35
C PHE A 113 -8.27 -12.75 0.03
N ARG A 114 -8.71 -13.90 0.55
CA ARG A 114 -10.07 -14.37 0.34
C ARG A 114 -11.07 -13.52 1.11
N THR A 115 -12.07 -13.00 0.40
CA THR A 115 -13.09 -12.17 1.02
C THR A 115 -13.97 -12.99 1.96
N PRO A 116 -14.51 -12.32 3.00
CA PRO A 116 -15.37 -12.97 3.99
C PRO A 116 -16.73 -13.38 3.41
N LYS A 117 -17.68 -13.66 4.29
CA LYS A 117 -19.02 -14.05 3.86
C LYS A 117 -20.08 -13.46 4.78
N ALA A 118 -21.27 -13.23 4.23
CA ALA A 118 -22.37 -12.67 5.01
C ALA A 118 -23.03 -13.74 5.86
N SER A 119 -22.23 -14.55 6.53
CA SER A 119 -22.74 -15.62 7.37
C SER A 119 -23.97 -15.16 8.15
N GLY A 120 -24.99 -16.01 8.19
CA GLY A 120 -26.21 -15.67 8.90
C GLY A 120 -26.01 -15.57 10.40
N PRO A 121 -26.23 -16.70 11.09
CA PRO A 121 -26.07 -16.77 12.55
C PRO A 121 -24.61 -16.66 12.99
N SER A 122 -24.39 -16.14 14.19
CA SER A 122 -23.05 -15.98 14.72
C SER A 122 -22.52 -17.30 15.27
N SER A 123 -21.24 -17.32 15.63
CA SER A 123 -20.61 -18.52 16.17
C SER A 123 -21.07 -18.77 17.60
N GLY A 124 -21.92 -19.78 17.78
CA GLY A 124 -22.42 -20.11 19.10
C GLY A 124 -22.68 -21.60 19.26
N GLY A 1 32.83 3.92 -6.36
CA GLY A 1 31.41 4.01 -6.65
C GLY A 1 30.60 4.49 -5.46
N SER A 2 30.15 5.73 -5.51
CA SER A 2 29.36 6.30 -4.42
C SER A 2 30.04 6.05 -3.08
N SER A 3 31.35 6.24 -3.05
CA SER A 3 32.12 6.03 -1.82
C SER A 3 31.75 7.06 -0.77
N GLY A 4 31.04 6.60 0.27
CA GLY A 4 30.63 7.48 1.34
C GLY A 4 29.29 8.14 1.06
N SER A 5 28.78 8.89 2.03
CA SER A 5 27.50 9.57 1.89
C SER A 5 27.64 11.06 2.13
N SER A 6 28.33 11.42 3.21
CA SER A 6 28.54 12.81 3.56
C SER A 6 29.99 13.22 3.33
N GLY A 7 30.28 14.50 3.55
CA GLY A 7 31.63 15.00 3.36
C GLY A 7 31.77 16.46 3.74
N THR A 8 32.13 16.72 4.99
CA THR A 8 32.30 18.08 5.48
C THR A 8 31.26 19.01 4.87
N ALA A 9 30.05 18.48 4.69
CA ALA A 9 28.94 19.27 4.12
C ALA A 9 27.80 19.41 5.11
N HIS A 10 27.02 20.46 4.96
CA HIS A 10 25.88 20.71 5.84
C HIS A 10 24.65 19.91 5.39
N GLY A 11 24.88 18.65 5.04
CA GLY A 11 23.77 17.81 4.59
C GLY A 11 23.69 17.73 3.08
N THR A 12 22.70 17.00 2.58
CA THR A 12 22.51 16.84 1.14
C THR A 12 21.05 17.00 0.77
N THR A 13 20.76 18.06 0.02
CA THR A 13 19.39 18.34 -0.42
C THR A 13 18.86 17.23 -1.31
N PHE A 14 19.63 16.88 -2.34
CA PHE A 14 19.24 15.82 -3.27
C PHE A 14 18.60 14.65 -2.51
N GLU A 15 17.43 14.22 -2.99
CA GLU A 15 16.71 13.12 -2.37
C GLU A 15 16.78 11.87 -3.25
N LEU A 16 16.45 10.72 -2.66
CA LEU A 16 16.46 9.46 -3.38
C LEU A 16 15.19 8.66 -3.12
N VAL A 17 14.42 8.41 -4.18
CA VAL A 17 13.18 7.66 -4.06
C VAL A 17 13.43 6.29 -3.44
N PRO A 18 12.45 5.79 -2.68
CA PRO A 18 12.53 4.48 -2.01
C PRO A 18 12.48 3.33 -3.01
N THR A 19 13.61 2.67 -3.21
CA THR A 19 13.70 1.54 -4.13
C THR A 19 13.36 0.23 -3.42
N SER A 20 12.74 0.33 -2.26
CA SER A 20 12.36 -0.84 -1.48
C SER A 20 10.86 -0.86 -1.22
N PRO A 21 10.24 -2.04 -1.38
CA PRO A 21 8.81 -2.21 -1.16
C PRO A 21 8.43 -2.11 0.32
N PRO A 22 7.12 -1.98 0.59
CA PRO A 22 6.60 -1.88 1.96
C PRO A 22 6.73 -3.18 2.73
N LYS A 23 6.58 -3.10 4.04
CA LYS A 23 6.69 -4.28 4.90
C LYS A 23 5.46 -4.40 5.79
N ASP A 24 5.42 -5.48 6.58
CA ASP A 24 4.29 -5.72 7.48
C ASP A 24 2.96 -5.63 6.73
N VAL A 25 2.92 -6.21 5.54
CA VAL A 25 1.71 -6.22 4.73
C VAL A 25 0.65 -7.15 5.30
N THR A 26 -0.39 -6.57 5.88
CA THR A 26 -1.47 -7.35 6.48
C THR A 26 -2.83 -6.91 5.94
N VAL A 27 -3.70 -7.86 5.68
CA VAL A 27 -5.03 -7.57 5.16
C VAL A 27 -6.10 -8.30 5.97
N VAL A 28 -6.92 -7.52 6.68
CA VAL A 28 -7.98 -8.08 7.50
C VAL A 28 -9.35 -7.59 7.04
N SER A 29 -10.41 -8.21 7.55
CA SER A 29 -11.77 -7.85 7.18
C SER A 29 -12.47 -7.14 8.34
N LYS A 30 -13.32 -6.17 8.01
CA LYS A 30 -14.06 -5.42 9.01
C LYS A 30 -14.85 -6.35 9.92
N GLU A 31 -15.08 -5.92 11.16
CA GLU A 31 -15.83 -6.72 12.12
C GLU A 31 -17.32 -6.45 11.99
N GLY A 32 -17.96 -7.11 11.03
CA GLY A 32 -19.38 -6.93 10.82
C GLY A 32 -19.74 -6.70 9.36
N LYS A 33 -18.78 -6.20 8.59
CA LYS A 33 -18.99 -5.94 7.17
C LYS A 33 -17.93 -6.64 6.33
N PRO A 34 -18.36 -7.66 5.57
CA PRO A 34 -17.47 -8.43 4.70
C PRO A 34 -16.98 -7.62 3.50
N LYS A 35 -17.87 -6.84 2.91
CA LYS A 35 -17.53 -6.01 1.77
C LYS A 35 -16.43 -5.01 2.12
N THR A 36 -16.21 -4.82 3.42
CA THR A 36 -15.19 -3.89 3.89
C THR A 36 -13.98 -4.64 4.44
N ILE A 37 -12.79 -4.18 4.08
CA ILE A 37 -11.56 -4.81 4.54
C ILE A 37 -10.49 -3.76 4.84
N ILE A 38 -9.68 -4.02 5.86
CA ILE A 38 -8.62 -3.10 6.25
C ILE A 38 -7.25 -3.67 5.88
N VAL A 39 -6.36 -2.80 5.42
CA VAL A 39 -5.01 -3.21 5.04
C VAL A 39 -3.96 -2.39 5.77
N ASN A 40 -3.32 -3.00 6.75
CA ASN A 40 -2.29 -2.33 7.54
C ASN A 40 -0.90 -2.72 7.05
N TRP A 41 -0.12 -1.73 6.64
CA TRP A 41 1.23 -1.97 6.15
C TRP A 41 2.24 -1.04 6.85
N GLN A 42 3.51 -1.20 6.49
CA GLN A 42 4.56 -0.38 7.08
C GLN A 42 5.50 0.15 6.02
N PRO A 43 6.16 1.29 6.30
CA PRO A 43 7.11 1.91 5.38
C PRO A 43 8.39 1.09 5.21
N PRO A 44 9.04 1.25 4.05
CA PRO A 44 10.28 0.54 3.74
C PRO A 44 11.46 1.04 4.57
N SER A 45 12.41 0.14 4.84
CA SER A 45 13.58 0.49 5.63
C SER A 45 14.42 1.54 4.92
N GLU A 46 14.49 1.44 3.60
CA GLU A 46 15.26 2.40 2.81
C GLU A 46 14.40 3.58 2.38
N ALA A 47 13.97 4.37 3.36
CA ALA A 47 13.12 5.53 3.09
C ALA A 47 13.81 6.49 2.13
N ASN A 48 15.09 6.75 2.37
CA ASN A 48 15.87 7.65 1.53
C ASN A 48 15.04 8.86 1.12
N GLY A 49 14.04 9.19 1.94
CA GLY A 49 13.18 10.33 1.64
C GLY A 49 11.95 10.35 2.52
N LYS A 50 11.38 11.54 2.70
CA LYS A 50 10.19 11.70 3.51
C LYS A 50 8.95 11.15 2.80
N ILE A 51 8.43 10.04 3.30
CA ILE A 51 7.25 9.41 2.72
C ILE A 51 6.03 10.30 2.85
N THR A 52 5.57 10.84 1.73
CA THR A 52 4.39 11.71 1.72
C THR A 52 3.12 10.91 1.89
N GLY A 53 3.04 9.77 1.21
CA GLY A 53 1.86 8.93 1.30
C GLY A 53 2.08 7.55 0.71
N TYR A 54 1.00 6.92 0.26
CA TYR A 54 1.08 5.58 -0.32
C TYR A 54 -0.10 5.32 -1.24
N ILE A 55 0.07 4.36 -2.15
CA ILE A 55 -0.99 4.01 -3.09
C ILE A 55 -1.25 2.51 -3.08
N ILE A 56 -2.51 2.13 -3.23
CA ILE A 56 -2.90 0.72 -3.24
C ILE A 56 -3.51 0.33 -4.58
N TYR A 57 -3.10 -0.81 -5.11
CA TYR A 57 -3.61 -1.31 -6.39
C TYR A 57 -4.22 -2.70 -6.23
N TYR A 58 -5.43 -2.87 -6.76
CA TYR A 58 -6.11 -4.15 -6.68
C TYR A 58 -6.98 -4.38 -7.91
N SER A 59 -7.29 -5.63 -8.19
CA SER A 59 -8.13 -5.99 -9.34
C SER A 59 -8.56 -7.45 -9.27
N THR A 60 -9.52 -7.80 -10.12
CA THR A 60 -10.03 -9.17 -10.15
C THR A 60 -9.16 -10.06 -11.03
N ASP A 61 -7.88 -9.76 -11.06
CA ASP A 61 -6.93 -10.54 -11.87
C ASP A 61 -5.49 -10.16 -11.54
N VAL A 62 -4.58 -11.10 -11.73
CA VAL A 62 -3.16 -10.86 -11.45
C VAL A 62 -2.38 -10.64 -12.74
N ASN A 63 -3.05 -10.85 -13.88
CA ASN A 63 -2.41 -10.68 -15.18
C ASN A 63 -2.80 -9.33 -15.79
N ALA A 64 -3.85 -8.72 -15.26
CA ALA A 64 -4.32 -7.43 -15.75
C ALA A 64 -3.18 -6.42 -15.81
N GLU A 65 -3.18 -5.59 -16.86
CA GLU A 65 -2.14 -4.58 -17.03
C GLU A 65 -2.12 -3.61 -15.85
N ILE A 66 -0.92 -3.37 -15.31
CA ILE A 66 -0.76 -2.48 -14.18
C ILE A 66 -1.72 -1.28 -14.29
N HIS A 67 -1.95 -0.84 -15.51
CA HIS A 67 -2.85 0.29 -15.75
C HIS A 67 -4.28 -0.05 -15.37
N ASP A 68 -4.73 -1.24 -15.78
CA ASP A 68 -6.08 -1.69 -15.47
C ASP A 68 -6.34 -1.67 -13.97
N TRP A 69 -5.29 -1.90 -13.19
CA TRP A 69 -5.40 -1.90 -11.75
C TRP A 69 -5.84 -0.55 -11.22
N VAL A 70 -6.78 -0.56 -10.27
CA VAL A 70 -7.29 0.67 -9.69
C VAL A 70 -6.24 1.36 -8.84
N ILE A 71 -6.33 2.68 -8.75
CA ILE A 71 -5.38 3.45 -7.96
C ILE A 71 -6.03 4.00 -6.69
N GLU A 72 -5.59 3.51 -5.55
CA GLU A 72 -6.14 3.95 -4.27
C GLU A 72 -5.13 4.84 -3.52
N PRO A 73 -5.13 6.14 -3.85
CA PRO A 73 -4.23 7.11 -3.22
C PRO A 73 -4.57 7.36 -1.75
N VAL A 74 -3.61 7.11 -0.88
CA VAL A 74 -3.81 7.30 0.56
C VAL A 74 -3.30 8.67 1.00
N VAL A 75 -4.17 9.45 1.64
CA VAL A 75 -3.81 10.79 2.11
C VAL A 75 -2.99 10.71 3.39
N GLY A 76 -2.34 11.81 3.74
CA GLY A 76 -1.54 11.85 4.95
C GLY A 76 -0.56 10.68 5.03
N ASN A 77 0.18 10.61 6.13
CA ASN A 77 1.15 9.55 6.33
C ASN A 77 0.48 8.31 6.94
N ARG A 78 -0.70 7.98 6.45
CA ARG A 78 -1.43 6.82 6.94
C ARG A 78 -0.98 5.54 6.24
N LEU A 79 -0.77 4.49 7.02
CA LEU A 79 -0.33 3.21 6.48
C LEU A 79 -1.48 2.20 6.46
N THR A 80 -2.68 2.68 6.75
CA THR A 80 -3.86 1.82 6.76
C THR A 80 -4.97 2.40 5.88
N HIS A 81 -5.65 1.51 5.15
CA HIS A 81 -6.73 1.93 4.27
C HIS A 81 -7.95 1.03 4.43
N GLN A 82 -9.13 1.62 4.35
CA GLN A 82 -10.37 0.86 4.50
C GLN A 82 -11.17 0.88 3.20
N ILE A 83 -11.17 -0.24 2.49
CA ILE A 83 -11.90 -0.35 1.24
C ILE A 83 -13.23 -1.07 1.43
N GLN A 84 -14.29 -0.50 0.89
CA GLN A 84 -15.62 -1.09 1.00
C GLN A 84 -16.24 -1.32 -0.39
N GLU A 85 -17.48 -1.76 -0.40
CA GLU A 85 -18.18 -2.04 -1.65
C GLU A 85 -17.43 -3.07 -2.48
N LEU A 86 -16.76 -3.99 -1.80
CA LEU A 86 -16.00 -5.03 -2.48
C LEU A 86 -16.85 -6.28 -2.68
N THR A 87 -16.45 -7.13 -3.63
CA THR A 87 -17.18 -8.37 -3.91
C THR A 87 -16.88 -9.43 -2.86
N LEU A 88 -17.67 -10.50 -2.87
CA LEU A 88 -17.49 -11.59 -1.93
C LEU A 88 -17.24 -12.91 -2.66
N ASP A 89 -16.82 -13.93 -1.92
CA ASP A 89 -16.55 -15.24 -2.50
C ASP A 89 -15.71 -15.11 -3.76
N THR A 90 -14.81 -14.13 -3.77
CA THR A 90 -13.95 -13.90 -4.92
C THR A 90 -12.55 -13.47 -4.48
N PRO A 91 -11.53 -14.12 -5.05
CA PRO A 91 -10.13 -13.81 -4.73
C PRO A 91 -9.69 -12.46 -5.26
N TYR A 92 -9.25 -11.59 -4.36
CA TYR A 92 -8.80 -10.25 -4.74
C TYR A 92 -7.34 -10.05 -4.36
N TYR A 93 -6.55 -9.55 -5.32
CA TYR A 93 -5.13 -9.30 -5.10
C TYR A 93 -4.87 -7.82 -4.85
N PHE A 94 -4.23 -7.53 -3.72
CA PHE A 94 -3.92 -6.15 -3.37
C PHE A 94 -2.42 -5.88 -3.48
N LYS A 95 -2.06 -4.63 -3.73
CA LYS A 95 -0.65 -4.24 -3.84
C LYS A 95 -0.39 -2.92 -3.12
N ILE A 96 0.76 -2.86 -2.44
CA ILE A 96 1.13 -1.65 -1.71
C ILE A 96 2.43 -1.07 -2.24
N GLN A 97 2.48 0.26 -2.33
CA GLN A 97 3.68 0.95 -2.81
C GLN A 97 3.89 2.26 -2.08
N ALA A 98 5.16 2.58 -1.80
CA ALA A 98 5.49 3.82 -1.11
C ALA A 98 6.05 4.86 -2.08
N ARG A 99 5.69 6.11 -1.86
CA ARG A 99 6.15 7.20 -2.72
C ARG A 99 6.37 8.48 -1.91
N ASN A 100 7.34 9.28 -2.34
CA ASN A 100 7.65 10.53 -1.65
C ASN A 100 7.52 11.72 -2.60
N SER A 101 7.83 12.91 -2.09
CA SER A 101 7.76 14.13 -2.89
C SER A 101 8.38 13.91 -4.26
N LYS A 102 9.52 13.22 -4.29
CA LYS A 102 10.22 12.95 -5.54
C LYS A 102 9.34 12.14 -6.49
N GLY A 103 9.14 10.87 -6.16
CA GLY A 103 8.31 10.01 -6.99
C GLY A 103 7.83 8.77 -6.25
N MET A 104 7.60 7.70 -7.00
CA MET A 104 7.13 6.45 -6.40
C MET A 104 8.19 5.37 -6.51
N GLY A 105 8.06 4.35 -5.66
CA GLY A 105 9.03 3.26 -5.67
C GLY A 105 8.46 2.00 -6.28
N PRO A 106 9.17 0.87 -6.09
CA PRO A 106 8.76 -0.43 -6.62
C PRO A 106 7.52 -0.97 -5.92
N MET A 107 6.65 -1.62 -6.69
CA MET A 107 5.42 -2.19 -6.13
C MET A 107 5.72 -3.49 -5.40
N SER A 108 4.86 -3.84 -4.44
CA SER A 108 5.03 -5.06 -3.67
C SER A 108 4.46 -6.26 -4.41
N GLU A 109 4.64 -7.45 -3.84
CA GLU A 109 4.15 -8.67 -4.45
C GLU A 109 2.63 -8.78 -4.30
N ALA A 110 1.98 -9.36 -5.31
CA ALA A 110 0.54 -9.53 -5.29
C ALA A 110 0.09 -10.30 -4.05
N VAL A 111 -0.70 -9.64 -3.20
CA VAL A 111 -1.20 -10.27 -1.98
C VAL A 111 -2.58 -10.86 -2.19
N GLN A 112 -2.64 -12.19 -2.23
CA GLN A 112 -3.92 -12.89 -2.41
C GLN A 112 -4.73 -12.91 -1.12
N PHE A 113 -5.94 -12.36 -1.19
CA PHE A 113 -6.81 -12.31 -0.02
C PHE A 113 -8.26 -12.61 -0.42
N ARG A 114 -8.75 -13.78 0.00
CA ARG A 114 -10.11 -14.19 -0.30
C ARG A 114 -11.12 -13.36 0.48
N THR A 115 -12.18 -12.92 -0.19
CA THR A 115 -13.22 -12.12 0.43
C THR A 115 -14.14 -12.98 1.29
N PRO A 116 -14.58 -12.43 2.43
CA PRO A 116 -15.47 -13.14 3.36
C PRO A 116 -16.87 -13.32 2.78
N LYS A 117 -17.82 -13.63 3.65
CA LYS A 117 -19.21 -13.83 3.24
C LYS A 117 -20.17 -13.17 4.22
N ALA A 118 -21.42 -12.98 3.77
CA ALA A 118 -22.43 -12.35 4.61
C ALA A 118 -23.05 -13.36 5.57
N SER A 119 -22.22 -14.24 6.12
CA SER A 119 -22.69 -15.26 7.05
C SER A 119 -23.06 -14.64 8.39
N GLY A 120 -22.13 -13.85 8.95
CA GLY A 120 -22.38 -13.21 10.23
C GLY A 120 -22.63 -14.21 11.34
N PRO A 121 -21.55 -14.80 11.86
CA PRO A 121 -21.63 -15.78 12.95
C PRO A 121 -22.05 -15.16 14.27
N SER A 122 -21.46 -14.01 14.60
CA SER A 122 -21.77 -13.32 15.84
C SER A 122 -22.21 -11.89 15.55
N SER A 123 -23.18 -11.41 16.34
CA SER A 123 -23.69 -10.05 16.17
C SER A 123 -22.82 -9.05 16.91
N GLY A 124 -22.55 -9.33 18.18
CA GLY A 124 -21.73 -8.44 18.99
C GLY A 124 -21.64 -8.87 20.44
N GLY A 1 30.01 35.21 13.38
CA GLY A 1 29.91 35.07 11.94
C GLY A 1 29.39 33.71 11.52
N SER A 2 28.71 33.65 10.38
CA SER A 2 28.16 32.41 9.88
C SER A 2 28.55 32.19 8.42
N SER A 3 29.61 31.41 8.22
CA SER A 3 30.10 31.12 6.86
C SER A 3 29.09 30.26 6.10
N GLY A 4 28.83 30.65 4.86
CA GLY A 4 27.89 29.91 4.04
C GLY A 4 27.16 30.79 3.05
N SER A 5 27.53 30.69 1.78
CA SER A 5 26.90 31.50 0.74
C SER A 5 27.30 30.98 -0.65
N SER A 6 26.61 31.48 -1.67
CA SER A 6 26.89 31.07 -3.05
C SER A 6 26.65 29.57 -3.23
N GLY A 7 25.54 29.08 -2.67
CA GLY A 7 25.22 27.67 -2.78
C GLY A 7 24.89 27.26 -4.20
N THR A 8 24.82 25.96 -4.44
CA THR A 8 24.51 25.42 -5.77
C THR A 8 23.01 25.19 -5.92
N ALA A 9 22.44 25.76 -6.97
CA ALA A 9 21.02 25.61 -7.24
C ALA A 9 20.60 24.15 -7.18
N HIS A 10 19.41 23.89 -6.65
CA HIS A 10 18.89 22.54 -6.53
C HIS A 10 19.74 21.71 -5.56
N GLY A 11 20.10 22.32 -4.44
CA GLY A 11 20.91 21.64 -3.45
C GLY A 11 22.21 21.09 -4.04
N THR A 12 22.72 20.02 -3.43
CA THR A 12 23.96 19.41 -3.89
C THR A 12 23.75 17.93 -4.18
N THR A 13 23.30 17.19 -3.17
CA THR A 13 23.07 15.76 -3.33
C THR A 13 21.60 15.47 -3.63
N PHE A 14 21.33 15.07 -4.86
CA PHE A 14 19.97 14.76 -5.28
C PHE A 14 19.40 13.61 -4.47
N GLU A 15 18.19 13.80 -3.94
CA GLU A 15 17.53 12.77 -3.15
C GLU A 15 17.50 11.44 -3.89
N LEU A 16 16.89 10.44 -3.26
CA LEU A 16 16.79 9.12 -3.85
C LEU A 16 15.45 8.46 -3.51
N VAL A 17 14.59 8.33 -4.50
CA VAL A 17 13.28 7.73 -4.30
C VAL A 17 13.41 6.36 -3.62
N PRO A 18 12.34 5.95 -2.91
CA PRO A 18 12.31 4.66 -2.21
C PRO A 18 12.25 3.48 -3.17
N THR A 19 13.41 2.91 -3.48
CA THR A 19 13.48 1.78 -4.39
C THR A 19 13.30 0.46 -3.63
N SER A 20 12.63 0.53 -2.50
CA SER A 20 12.39 -0.66 -1.68
C SER A 20 10.91 -0.80 -1.35
N PRO A 21 10.42 -2.05 -1.39
CA PRO A 21 9.00 -2.34 -1.10
C PRO A 21 8.67 -2.15 0.38
N PRO A 22 7.37 -1.99 0.68
CA PRO A 22 6.89 -1.80 2.05
C PRO A 22 7.03 -3.07 2.89
N LYS A 23 6.78 -2.93 4.19
CA LYS A 23 6.88 -4.06 5.11
C LYS A 23 5.57 -4.23 5.89
N ASP A 24 5.55 -5.22 6.79
CA ASP A 24 4.37 -5.49 7.60
C ASP A 24 3.11 -5.50 6.74
N VAL A 25 3.24 -6.01 5.52
CA VAL A 25 2.11 -6.08 4.60
C VAL A 25 1.08 -7.11 5.07
N THR A 26 -0.07 -6.63 5.51
CA THR A 26 -1.13 -7.50 5.99
C THR A 26 -2.49 -7.02 5.50
N VAL A 27 -3.41 -7.97 5.32
CA VAL A 27 -4.76 -7.65 4.85
C VAL A 27 -5.81 -8.35 5.71
N VAL A 28 -6.56 -7.56 6.46
CA VAL A 28 -7.62 -8.11 7.32
C VAL A 28 -9.01 -7.84 6.73
N SER A 29 -10.03 -8.26 7.46
CA SER A 29 -11.41 -8.07 7.01
C SER A 29 -12.24 -7.37 8.08
N LYS A 30 -13.28 -6.66 7.65
CA LYS A 30 -14.15 -5.95 8.56
C LYS A 30 -15.37 -6.80 8.93
N GLU A 31 -15.42 -7.26 10.17
CA GLU A 31 -16.52 -8.08 10.65
C GLU A 31 -17.85 -7.34 10.49
N GLY A 32 -17.84 -6.04 10.76
CA GLY A 32 -19.04 -5.24 10.65
C GLY A 32 -19.48 -5.05 9.21
N LYS A 33 -18.55 -5.27 8.28
CA LYS A 33 -18.84 -5.11 6.86
C LYS A 33 -18.04 -6.12 6.04
N PRO A 34 -18.74 -7.15 5.51
CA PRO A 34 -18.12 -8.18 4.69
C PRO A 34 -17.68 -7.68 3.33
N LYS A 35 -18.31 -6.59 2.88
CA LYS A 35 -17.99 -6.00 1.59
C LYS A 35 -16.84 -4.99 1.72
N THR A 36 -16.30 -4.88 2.93
CA THR A 36 -15.20 -3.95 3.20
C THR A 36 -14.04 -4.67 3.86
N ILE A 37 -12.83 -4.14 3.68
CA ILE A 37 -11.64 -4.73 4.26
C ILE A 37 -10.65 -3.65 4.70
N ILE A 38 -9.68 -4.03 5.53
CA ILE A 38 -8.68 -3.10 6.02
C ILE A 38 -7.27 -3.61 5.74
N VAL A 39 -6.48 -2.81 5.03
CA VAL A 39 -5.12 -3.19 4.70
C VAL A 39 -4.12 -2.44 5.56
N ASN A 40 -3.34 -3.17 6.35
CA ASN A 40 -2.34 -2.57 7.23
C ASN A 40 -0.94 -2.81 6.69
N TRP A 41 -0.05 -1.85 6.92
CA TRP A 41 1.33 -1.95 6.46
C TRP A 41 2.22 -0.95 7.19
N GLN A 42 3.49 -0.90 6.79
CA GLN A 42 4.44 0.02 7.41
C GLN A 42 5.49 0.48 6.40
N PRO A 43 6.17 1.59 6.71
CA PRO A 43 7.21 2.15 5.84
C PRO A 43 8.45 1.28 5.79
N PRO A 44 9.16 1.31 4.64
CA PRO A 44 10.38 0.53 4.44
C PRO A 44 11.54 1.05 5.28
N SER A 45 12.53 0.19 5.52
CA SER A 45 13.69 0.56 6.30
C SER A 45 14.57 1.55 5.54
N GLU A 46 14.67 1.37 4.22
CA GLU A 46 15.46 2.25 3.39
C GLU A 46 14.65 3.45 2.91
N ALA A 47 14.38 4.37 3.84
CA ALA A 47 13.61 5.57 3.52
C ALA A 47 14.50 6.67 2.94
N ASN A 48 15.25 6.33 1.91
CA ASN A 48 16.15 7.29 1.27
C ASN A 48 15.52 8.67 1.23
N GLY A 49 14.20 8.72 1.18
CA GLY A 49 13.49 9.99 1.13
C GLY A 49 12.26 10.00 2.01
N LYS A 50 11.95 11.16 2.58
CA LYS A 50 10.79 11.31 3.44
C LYS A 50 9.52 10.80 2.76
N ILE A 51 8.70 10.09 3.51
CA ILE A 51 7.46 9.55 2.98
C ILE A 51 6.30 10.53 3.16
N THR A 52 5.40 10.56 2.18
CA THR A 52 4.25 11.45 2.23
C THR A 52 2.94 10.67 2.16
N GLY A 53 2.98 9.53 1.50
CA GLY A 53 1.79 8.70 1.38
C GLY A 53 2.06 7.37 0.71
N TYR A 54 1.00 6.68 0.31
CA TYR A 54 1.14 5.38 -0.35
C TYR A 54 0.02 5.16 -1.36
N ILE A 55 0.21 4.20 -2.25
CA ILE A 55 -0.78 3.88 -3.27
C ILE A 55 -1.14 2.39 -3.24
N ILE A 56 -2.44 2.11 -3.23
CA ILE A 56 -2.91 0.73 -3.21
C ILE A 56 -3.54 0.35 -4.55
N TYR A 57 -3.28 -0.88 -4.99
CA TYR A 57 -3.81 -1.36 -6.26
C TYR A 57 -4.56 -2.68 -6.06
N TYR A 58 -5.82 -2.71 -6.46
CA TYR A 58 -6.65 -3.91 -6.33
C TYR A 58 -7.51 -4.11 -7.57
N SER A 59 -7.81 -5.38 -7.87
CA SER A 59 -8.62 -5.71 -9.03
C SER A 59 -9.01 -7.19 -9.01
N THR A 60 -10.01 -7.54 -9.82
CA THR A 60 -10.47 -8.92 -9.89
C THR A 60 -9.67 -9.71 -10.92
N ASP A 61 -8.36 -9.57 -10.89
CA ASP A 61 -7.48 -10.27 -11.82
C ASP A 61 -6.02 -10.06 -11.45
N VAL A 62 -5.28 -11.16 -11.33
CA VAL A 62 -3.86 -11.11 -10.98
C VAL A 62 -3.00 -10.90 -12.22
N ASN A 63 -3.40 -11.52 -13.33
CA ASN A 63 -2.66 -11.40 -14.58
C ASN A 63 -3.16 -10.21 -15.40
N ALA A 64 -3.74 -9.23 -14.72
CA ALA A 64 -4.27 -8.04 -15.38
C ALA A 64 -3.23 -6.92 -15.37
N GLU A 65 -3.04 -6.30 -16.54
CA GLU A 65 -2.08 -5.21 -16.67
C GLU A 65 -2.26 -4.18 -15.54
N ILE A 66 -1.17 -3.81 -14.91
CA ILE A 66 -1.20 -2.84 -13.82
C ILE A 66 -2.11 -1.67 -14.16
N HIS A 67 -2.27 -1.40 -15.45
CA HIS A 67 -3.11 -0.31 -15.91
C HIS A 67 -4.58 -0.57 -15.56
N ASP A 68 -5.01 -1.80 -15.74
CA ASP A 68 -6.39 -2.19 -15.44
C ASP A 68 -6.68 -2.05 -13.95
N TRP A 69 -5.66 -2.28 -13.13
CA TRP A 69 -5.80 -2.18 -11.68
C TRP A 69 -6.18 -0.76 -11.26
N VAL A 70 -7.04 -0.67 -10.25
CA VAL A 70 -7.48 0.64 -9.75
C VAL A 70 -6.40 1.30 -8.91
N ILE A 71 -6.42 2.63 -8.86
CA ILE A 71 -5.45 3.38 -8.09
C ILE A 71 -6.09 4.03 -6.86
N GLU A 72 -5.79 3.47 -5.69
CA GLU A 72 -6.34 3.99 -4.44
C GLU A 72 -5.26 4.69 -3.62
N PRO A 73 -5.08 6.00 -3.89
CA PRO A 73 -4.08 6.81 -3.20
C PRO A 73 -4.46 7.07 -1.75
N VAL A 74 -3.46 7.04 -0.87
CA VAL A 74 -3.68 7.27 0.55
C VAL A 74 -3.19 8.65 0.98
N VAL A 75 -4.10 9.48 1.48
CA VAL A 75 -3.76 10.82 1.91
C VAL A 75 -3.06 10.80 3.26
N GLY A 76 -2.50 11.94 3.65
CA GLY A 76 -1.81 12.03 4.93
C GLY A 76 -0.79 10.91 5.11
N ASN A 77 -0.23 10.81 6.31
CA ASN A 77 0.76 9.78 6.61
C ASN A 77 0.09 8.53 7.17
N ARG A 78 -1.01 8.13 6.54
CA ARG A 78 -1.74 6.94 6.97
C ARG A 78 -1.16 5.69 6.33
N LEU A 79 -1.11 4.60 7.11
CA LEU A 79 -0.56 3.34 6.62
C LEU A 79 -1.67 2.29 6.52
N THR A 80 -2.91 2.72 6.70
CA THR A 80 -4.06 1.82 6.62
C THR A 80 -5.16 2.40 5.74
N HIS A 81 -5.75 1.56 4.90
CA HIS A 81 -6.81 1.99 4.01
C HIS A 81 -8.05 1.11 4.18
N GLN A 82 -9.23 1.71 4.00
CA GLN A 82 -10.48 0.99 4.14
C GLN A 82 -11.25 0.97 2.82
N ILE A 83 -11.23 -0.18 2.15
CA ILE A 83 -11.93 -0.32 0.87
C ILE A 83 -13.27 -1.04 1.06
N GLN A 84 -14.34 -0.40 0.59
CA GLN A 84 -15.68 -0.98 0.70
C GLN A 84 -16.24 -1.32 -0.67
N GLU A 85 -17.49 -1.75 -0.71
CA GLU A 85 -18.16 -2.10 -1.96
C GLU A 85 -17.41 -3.23 -2.67
N LEU A 86 -17.03 -4.25 -1.91
CA LEU A 86 -16.30 -5.39 -2.46
C LEU A 86 -17.17 -6.64 -2.42
N THR A 87 -17.09 -7.44 -3.48
CA THR A 87 -17.85 -8.67 -3.59
C THR A 87 -17.49 -9.64 -2.47
N LEU A 88 -18.21 -10.76 -2.40
CA LEU A 88 -17.95 -11.77 -1.38
C LEU A 88 -17.38 -13.03 -2.01
N ASP A 89 -16.83 -13.91 -1.16
CA ASP A 89 -16.25 -15.16 -1.62
C ASP A 89 -15.56 -14.97 -2.97
N THR A 90 -14.63 -14.01 -3.03
CA THR A 90 -13.90 -13.72 -4.26
C THR A 90 -12.44 -13.40 -3.97
N PRO A 91 -11.53 -14.08 -4.68
CA PRO A 91 -10.09 -13.87 -4.52
C PRO A 91 -9.63 -12.52 -5.04
N TYR A 92 -9.26 -11.63 -4.12
CA TYR A 92 -8.80 -10.30 -4.48
C TYR A 92 -7.29 -10.16 -4.26
N TYR A 93 -6.64 -9.41 -5.15
CA TYR A 93 -5.21 -9.20 -5.04
C TYR A 93 -4.88 -7.72 -4.90
N PHE A 94 -4.30 -7.36 -3.75
CA PHE A 94 -3.94 -5.97 -3.47
C PHE A 94 -2.42 -5.78 -3.55
N LYS A 95 -2.01 -4.54 -3.80
CA LYS A 95 -0.59 -4.22 -3.89
C LYS A 95 -0.30 -2.87 -3.25
N ILE A 96 0.68 -2.84 -2.35
CA ILE A 96 1.07 -1.61 -1.67
C ILE A 96 2.38 -1.07 -2.22
N GLN A 97 2.50 0.25 -2.24
CA GLN A 97 3.71 0.90 -2.74
C GLN A 97 3.99 2.19 -1.98
N ALA A 98 5.27 2.45 -1.71
CA ALA A 98 5.66 3.65 -0.99
C ALA A 98 6.24 4.70 -1.94
N ARG A 99 5.77 5.93 -1.81
CA ARG A 99 6.24 7.01 -2.66
C ARG A 99 6.42 8.30 -1.86
N ASN A 100 7.36 9.13 -2.27
CA ASN A 100 7.63 10.40 -1.58
C ASN A 100 7.40 11.58 -2.52
N SER A 101 7.66 12.78 -2.02
CA SER A 101 7.49 14.00 -2.81
C SER A 101 8.28 13.92 -4.12
N LYS A 102 9.27 13.04 -4.14
CA LYS A 102 10.10 12.87 -5.32
C LYS A 102 9.40 11.99 -6.35
N GLY A 103 9.31 10.70 -6.07
CA GLY A 103 8.66 9.78 -6.98
C GLY A 103 8.06 8.59 -6.27
N MET A 104 7.73 7.54 -7.03
CA MET A 104 7.14 6.33 -6.46
C MET A 104 8.10 5.16 -6.57
N GLY A 105 8.08 4.28 -5.57
CA GLY A 105 8.96 3.12 -5.59
C GLY A 105 8.31 1.92 -6.25
N PRO A 106 8.96 0.75 -6.13
CA PRO A 106 8.48 -0.50 -6.72
C PRO A 106 7.24 -1.02 -6.01
N MET A 107 6.54 -1.96 -6.64
CA MET A 107 5.33 -2.54 -6.07
C MET A 107 5.64 -3.87 -5.40
N SER A 108 4.98 -4.12 -4.27
CA SER A 108 5.19 -5.36 -3.52
C SER A 108 4.46 -6.52 -4.19
N GLU A 109 4.77 -7.73 -3.73
CA GLU A 109 4.14 -8.93 -4.29
C GLU A 109 2.62 -8.85 -4.16
N ALA A 110 1.93 -9.47 -5.11
CA ALA A 110 0.47 -9.49 -5.11
C ALA A 110 -0.07 -10.21 -3.89
N VAL A 111 -0.74 -9.47 -3.02
CA VAL A 111 -1.32 -10.05 -1.80
C VAL A 111 -2.67 -10.68 -2.08
N GLN A 112 -2.71 -12.00 -2.04
CA GLN A 112 -3.95 -12.74 -2.28
C GLN A 112 -4.75 -12.93 -1.00
N PHE A 113 -5.94 -12.35 -0.96
CA PHE A 113 -6.79 -12.44 0.22
C PHE A 113 -8.26 -12.64 -0.19
N ARG A 114 -8.85 -13.72 0.29
CA ARG A 114 -10.25 -14.03 -0.03
C ARG A 114 -11.19 -13.18 0.83
N THR A 115 -12.32 -12.79 0.24
CA THR A 115 -13.31 -11.99 0.95
C THR A 115 -14.16 -12.84 1.87
N PRO A 116 -14.66 -12.23 2.96
CA PRO A 116 -15.51 -12.92 3.94
C PRO A 116 -16.87 -13.28 3.38
N LYS A 117 -17.81 -13.60 4.27
CA LYS A 117 -19.17 -13.96 3.86
C LYS A 117 -20.20 -13.29 4.76
N ALA A 118 -21.43 -13.21 4.29
CA ALA A 118 -22.52 -12.61 5.05
C ALA A 118 -22.90 -13.47 6.25
N SER A 119 -23.32 -14.71 5.97
CA SER A 119 -23.72 -15.62 7.02
C SER A 119 -22.71 -15.64 8.15
N GLY A 120 -23.22 -15.62 9.39
CA GLY A 120 -22.34 -15.62 10.55
C GLY A 120 -22.87 -16.48 11.67
N PRO A 121 -21.98 -17.25 12.31
CA PRO A 121 -22.36 -18.13 13.42
C PRO A 121 -22.72 -17.36 14.68
N SER A 122 -22.40 -16.07 14.70
CA SER A 122 -22.70 -15.22 15.84
C SER A 122 -23.19 -13.84 15.38
N SER A 123 -23.53 -12.99 16.35
CA SER A 123 -24.01 -11.65 16.04
C SER A 123 -23.28 -10.60 16.88
N GLY A 124 -23.21 -10.85 18.19
CA GLY A 124 -22.55 -9.92 19.08
C GLY A 124 -23.40 -8.72 19.42
N GLY A 1 29.83 9.26 24.93
CA GLY A 1 29.92 10.53 24.23
C GLY A 1 28.55 11.17 24.03
N SER A 2 28.51 12.50 24.12
CA SER A 2 27.26 13.23 23.94
C SER A 2 27.52 14.62 23.38
N SER A 3 27.16 14.82 22.11
CA SER A 3 27.36 16.09 21.45
C SER A 3 26.49 16.21 20.19
N GLY A 4 26.46 17.40 19.60
CA GLY A 4 25.67 17.61 18.40
C GLY A 4 26.20 18.75 17.55
N SER A 5 25.98 18.65 16.25
CA SER A 5 26.44 19.68 15.32
C SER A 5 25.42 19.91 14.21
N SER A 6 25.37 21.14 13.71
CA SER A 6 24.43 21.49 12.65
C SER A 6 25.18 21.82 11.35
N GLY A 7 24.45 21.80 10.24
CA GLY A 7 25.06 22.09 8.96
C GLY A 7 24.33 21.42 7.81
N THR A 8 23.85 22.22 6.87
CA THR A 8 23.12 21.70 5.71
C THR A 8 23.76 22.16 4.41
N ALA A 9 23.75 21.29 3.41
CA ALA A 9 24.33 21.61 2.11
C ALA A 9 23.51 22.68 1.40
N HIS A 10 22.20 22.51 1.40
CA HIS A 10 21.30 23.46 0.75
C HIS A 10 21.83 23.86 -0.61
N GLY A 11 22.33 22.89 -1.36
CA GLY A 11 22.87 23.16 -2.68
C GLY A 11 22.76 21.96 -3.61
N THR A 12 23.91 21.42 -4.01
CA THR A 12 23.94 20.27 -4.91
C THR A 12 23.67 18.98 -4.14
N THR A 13 22.40 18.65 -3.98
CA THR A 13 22.00 17.44 -3.27
C THR A 13 20.61 16.99 -3.68
N PHE A 14 20.55 15.86 -4.41
CA PHE A 14 19.28 15.32 -4.87
C PHE A 14 18.88 14.10 -4.05
N GLU A 15 17.60 14.03 -3.69
CA GLU A 15 17.09 12.91 -2.91
C GLU A 15 17.01 11.64 -3.75
N LEU A 16 16.81 10.51 -3.08
CA LEU A 16 16.72 9.23 -3.78
C LEU A 16 15.43 8.51 -3.42
N VAL A 17 14.53 8.39 -4.39
CA VAL A 17 13.24 7.73 -4.18
C VAL A 17 13.45 6.34 -3.62
N PRO A 18 12.44 5.85 -2.87
CA PRO A 18 12.47 4.52 -2.26
C PRO A 18 12.38 3.40 -3.29
N THR A 19 13.53 2.87 -3.68
CA THR A 19 13.57 1.79 -4.67
C THR A 19 13.30 0.44 -4.02
N SER A 20 12.78 0.47 -2.80
CA SER A 20 12.47 -0.76 -2.07
C SER A 20 11.00 -0.78 -1.67
N PRO A 21 10.38 -1.97 -1.79
CA PRO A 21 8.97 -2.17 -1.45
C PRO A 21 8.72 -2.08 0.05
N PRO A 22 7.44 -1.93 0.44
CA PRO A 22 7.04 -1.83 1.84
C PRO A 22 7.21 -3.15 2.59
N LYS A 23 6.72 -3.19 3.83
CA LYS A 23 6.81 -4.39 4.64
C LYS A 23 5.61 -4.50 5.58
N ASP A 24 5.47 -5.66 6.22
CA ASP A 24 4.37 -5.89 7.14
C ASP A 24 3.02 -5.74 6.45
N VAL A 25 2.95 -6.23 5.21
CA VAL A 25 1.71 -6.15 4.43
C VAL A 25 0.69 -7.16 4.92
N THR A 26 -0.37 -6.65 5.54
CA THR A 26 -1.43 -7.51 6.07
C THR A 26 -2.80 -7.02 5.63
N VAL A 27 -3.74 -7.96 5.44
CA VAL A 27 -5.09 -7.62 5.02
C VAL A 27 -6.12 -8.29 5.91
N VAL A 28 -6.77 -7.50 6.75
CA VAL A 28 -7.78 -8.02 7.66
C VAL A 28 -9.18 -7.56 7.25
N SER A 29 -10.20 -8.23 7.78
CA SER A 29 -11.59 -7.89 7.47
C SER A 29 -12.13 -6.86 8.44
N LYS A 30 -13.32 -6.35 8.15
CA LYS A 30 -13.96 -5.35 8.99
C LYS A 30 -14.97 -5.99 9.93
N GLU A 31 -15.09 -5.46 11.14
CA GLU A 31 -16.03 -5.98 12.12
C GLU A 31 -17.44 -5.47 11.86
N GLY A 32 -18.30 -6.36 11.37
CA GLY A 32 -19.67 -5.98 11.08
C GLY A 32 -20.01 -6.13 9.61
N LYS A 33 -19.09 -5.71 8.75
CA LYS A 33 -19.30 -5.79 7.31
C LYS A 33 -18.15 -6.54 6.63
N PRO A 34 -18.50 -7.59 5.87
CA PRO A 34 -17.51 -8.41 5.16
C PRO A 34 -16.86 -7.66 4.01
N LYS A 35 -17.70 -7.10 3.13
CA LYS A 35 -17.21 -6.35 1.99
C LYS A 35 -16.11 -5.38 2.40
N THR A 36 -16.26 -4.77 3.57
CA THR A 36 -15.28 -3.83 4.07
C THR A 36 -14.07 -4.55 4.67
N ILE A 37 -12.87 -4.16 4.24
CA ILE A 37 -11.65 -4.77 4.74
C ILE A 37 -10.59 -3.72 5.02
N ILE A 38 -9.76 -3.98 6.02
CA ILE A 38 -8.68 -3.05 6.38
C ILE A 38 -7.33 -3.57 5.94
N VAL A 39 -6.63 -2.80 5.11
CA VAL A 39 -5.32 -3.18 4.62
C VAL A 39 -4.21 -2.44 5.36
N ASN A 40 -3.56 -3.14 6.28
CA ASN A 40 -2.48 -2.56 7.06
C ASN A 40 -1.12 -2.85 6.44
N TRP A 41 -0.15 -1.99 6.69
CA TRP A 41 1.19 -2.16 6.15
C TRP A 41 2.16 -1.18 6.79
N GLN A 42 3.43 -1.25 6.37
CA GLN A 42 4.46 -0.38 6.91
C GLN A 42 5.45 0.03 5.82
N PRO A 43 6.09 1.20 6.01
CA PRO A 43 7.08 1.72 5.06
C PRO A 43 8.36 0.90 5.04
N PRO A 44 9.13 1.03 3.95
CA PRO A 44 10.40 0.31 3.78
C PRO A 44 11.48 0.81 4.74
N SER A 45 12.29 -0.12 5.25
CA SER A 45 13.36 0.23 6.17
C SER A 45 14.31 1.25 5.55
N GLU A 46 14.50 1.13 4.24
CA GLU A 46 15.39 2.04 3.52
C GLU A 46 14.64 3.29 3.06
N ALA A 47 14.31 4.16 4.01
CA ALA A 47 13.59 5.39 3.71
C ALA A 47 14.53 6.46 3.17
N ASN A 48 15.19 6.16 2.06
CA ASN A 48 16.12 7.09 1.43
C ASN A 48 15.64 8.52 1.61
N GLY A 49 14.32 8.72 1.61
CA GLY A 49 13.77 10.04 1.77
C GLY A 49 12.71 10.10 2.86
N LYS A 50 11.54 10.62 2.52
CA LYS A 50 10.44 10.72 3.48
C LYS A 50 9.11 10.34 2.83
N ILE A 51 8.47 9.32 3.39
CA ILE A 51 7.19 8.86 2.86
C ILE A 51 6.05 9.77 3.32
N THR A 52 5.36 10.38 2.35
CA THR A 52 4.25 11.27 2.65
C THR A 52 3.00 10.88 1.87
N GLY A 53 3.10 9.79 1.12
CA GLY A 53 1.97 9.33 0.33
C GLY A 53 2.10 7.86 -0.06
N TYR A 54 0.99 7.14 0.04
CA TYR A 54 0.98 5.72 -0.29
C TYR A 54 -0.07 5.42 -1.36
N ILE A 55 0.12 4.33 -2.08
CA ILE A 55 -0.81 3.92 -3.13
C ILE A 55 -1.10 2.43 -3.07
N ILE A 56 -2.38 2.07 -3.15
CA ILE A 56 -2.79 0.68 -3.10
C ILE A 56 -3.44 0.26 -4.41
N TYR A 57 -2.93 -0.82 -5.01
CA TYR A 57 -3.46 -1.33 -6.27
C TYR A 57 -4.14 -2.68 -6.06
N TYR A 58 -5.40 -2.76 -6.47
CA TYR A 58 -6.18 -3.99 -6.33
C TYR A 58 -7.01 -4.26 -7.59
N SER A 59 -7.23 -5.53 -7.87
CA SER A 59 -8.01 -5.92 -9.05
C SER A 59 -8.33 -7.42 -9.01
N THR A 60 -9.14 -7.86 -9.97
CA THR A 60 -9.52 -9.27 -10.05
C THR A 60 -8.63 -10.02 -11.04
N ASP A 61 -7.36 -9.66 -11.07
CA ASP A 61 -6.41 -10.32 -11.96
C ASP A 61 -4.97 -10.13 -11.46
N VAL A 62 -4.25 -11.23 -11.33
CA VAL A 62 -2.87 -11.18 -10.86
C VAL A 62 -1.90 -11.01 -12.03
N ASN A 63 -2.28 -11.56 -13.19
CA ASN A 63 -1.44 -11.46 -14.38
C ASN A 63 -1.87 -10.30 -15.26
N ALA A 64 -2.45 -9.28 -14.63
CA ALA A 64 -2.92 -8.10 -15.37
C ALA A 64 -1.94 -6.94 -15.21
N GLU A 65 -1.76 -6.18 -16.29
CA GLU A 65 -0.85 -5.04 -16.26
C GLU A 65 -1.31 -4.00 -15.24
N ILE A 66 -0.35 -3.45 -14.51
CA ILE A 66 -0.65 -2.45 -13.49
C ILE A 66 -1.67 -1.45 -13.99
N HIS A 67 -1.73 -1.27 -15.31
CA HIS A 67 -2.68 -0.34 -15.92
C HIS A 67 -4.11 -0.69 -15.52
N ASP A 68 -4.45 -1.97 -15.61
CA ASP A 68 -5.79 -2.42 -15.26
C ASP A 68 -6.06 -2.24 -13.76
N TRP A 69 -5.01 -2.39 -12.96
CA TRP A 69 -5.13 -2.24 -11.52
C TRP A 69 -5.57 -0.83 -11.15
N VAL A 70 -6.48 -0.73 -10.18
CA VAL A 70 -6.98 0.56 -9.74
C VAL A 70 -5.96 1.28 -8.86
N ILE A 71 -6.03 2.60 -8.83
CA ILE A 71 -5.11 3.41 -8.03
C ILE A 71 -5.82 4.00 -6.83
N GLU A 72 -5.48 3.52 -5.64
CA GLU A 72 -6.09 4.00 -4.40
C GLU A 72 -5.08 4.81 -3.59
N PRO A 73 -4.96 6.10 -3.90
CA PRO A 73 -4.03 7.00 -3.20
C PRO A 73 -4.47 7.29 -1.77
N VAL A 74 -3.57 7.05 -0.82
CA VAL A 74 -3.86 7.28 0.59
C VAL A 74 -3.47 8.70 1.01
N VAL A 75 -4.22 9.26 1.95
CA VAL A 75 -3.96 10.61 2.44
C VAL A 75 -3.36 10.57 3.84
N GLY A 76 -2.90 11.74 4.30
CA GLY A 76 -2.32 11.81 5.63
C GLY A 76 -1.29 10.72 5.87
N ASN A 77 -0.51 10.40 4.85
CA ASN A 77 0.51 9.37 4.96
C ASN A 77 0.01 8.19 5.79
N ARG A 78 -1.28 7.88 5.64
CA ARG A 78 -1.88 6.77 6.37
C ARG A 78 -1.35 5.43 5.87
N LEU A 79 -1.05 4.54 6.81
CA LEU A 79 -0.53 3.22 6.47
C LEU A 79 -1.66 2.21 6.34
N THR A 80 -2.88 2.65 6.63
CA THR A 80 -4.04 1.79 6.54
C THR A 80 -5.13 2.41 5.68
N HIS A 81 -5.78 1.58 4.87
CA HIS A 81 -6.84 2.05 3.98
C HIS A 81 -8.06 1.13 4.07
N GLN A 82 -9.25 1.74 4.19
CA GLN A 82 -10.48 0.98 4.28
C GLN A 82 -11.16 0.88 2.92
N ILE A 83 -11.34 -0.34 2.44
CA ILE A 83 -11.98 -0.57 1.15
C ILE A 83 -13.30 -1.31 1.31
N GLN A 84 -14.38 -0.69 0.84
CA GLN A 84 -15.70 -1.30 0.94
C GLN A 84 -16.30 -1.53 -0.45
N GLU A 85 -17.53 -2.00 -0.49
CA GLU A 85 -18.22 -2.27 -1.75
C GLU A 85 -17.45 -3.32 -2.56
N LEU A 86 -16.82 -4.26 -1.86
CA LEU A 86 -16.06 -5.32 -2.51
C LEU A 86 -16.92 -6.56 -2.71
N THR A 87 -16.45 -7.46 -3.57
CA THR A 87 -17.17 -8.70 -3.85
C THR A 87 -16.77 -9.80 -2.87
N LEU A 88 -17.76 -10.59 -2.44
CA LEU A 88 -17.51 -11.68 -1.51
C LEU A 88 -17.19 -12.97 -2.25
N ASP A 89 -16.62 -13.93 -1.53
CA ASP A 89 -16.27 -15.22 -2.12
C ASP A 89 -15.48 -15.02 -3.41
N THR A 90 -14.53 -14.10 -3.38
CA THR A 90 -13.70 -13.81 -4.55
C THR A 90 -12.29 -13.37 -4.14
N PRO A 91 -11.28 -14.06 -4.68
CA PRO A 91 -9.88 -13.76 -4.39
C PRO A 91 -9.44 -12.43 -5.00
N TYR A 92 -9.22 -11.43 -4.16
CA TYR A 92 -8.80 -10.12 -4.61
C TYR A 92 -7.34 -9.86 -4.24
N TYR A 93 -6.53 -9.53 -5.25
CA TYR A 93 -5.12 -9.25 -5.03
C TYR A 93 -4.89 -7.79 -4.68
N PHE A 94 -4.21 -7.55 -3.56
CA PHE A 94 -3.93 -6.19 -3.12
C PHE A 94 -2.44 -5.89 -3.20
N LYS A 95 -2.10 -4.64 -3.49
CA LYS A 95 -0.71 -4.23 -3.60
C LYS A 95 -0.48 -2.89 -2.88
N ILE A 96 0.74 -2.69 -2.39
CA ILE A 96 1.08 -1.47 -1.69
C ILE A 96 2.40 -0.89 -2.20
N GLN A 97 2.49 0.43 -2.23
CA GLN A 97 3.69 1.11 -2.70
C GLN A 97 3.96 2.37 -1.88
N ALA A 98 5.23 2.78 -1.83
CA ALA A 98 5.62 3.96 -1.08
C ALA A 98 6.08 5.08 -2.02
N ARG A 99 5.52 6.26 -1.84
CA ARG A 99 5.87 7.41 -2.67
C ARG A 99 6.12 8.66 -1.81
N ASN A 100 7.08 9.46 -2.22
CA ASN A 100 7.42 10.68 -1.50
C ASN A 100 7.35 11.91 -2.42
N SER A 101 7.59 13.08 -1.84
CA SER A 101 7.55 14.32 -2.60
C SER A 101 8.34 14.19 -3.90
N LYS A 102 9.26 13.23 -3.92
CA LYS A 102 10.09 12.99 -5.11
C LYS A 102 9.34 12.17 -6.14
N GLY A 103 8.98 10.94 -5.77
CA GLY A 103 8.26 10.07 -6.69
C GLY A 103 7.79 8.79 -6.02
N MET A 104 7.68 7.73 -6.81
CA MET A 104 7.24 6.43 -6.29
C MET A 104 8.28 5.35 -6.59
N GLY A 105 8.23 4.27 -5.81
CA GLY A 105 9.17 3.18 -6.01
C GLY A 105 8.54 1.99 -6.71
N PRO A 106 9.20 0.82 -6.61
CA PRO A 106 8.71 -0.41 -7.23
C PRO A 106 7.46 -0.94 -6.55
N MET A 107 6.64 -1.66 -7.32
CA MET A 107 5.40 -2.23 -6.78
C MET A 107 5.71 -3.46 -5.92
N SER A 108 4.85 -3.70 -4.93
CA SER A 108 5.03 -4.84 -4.03
C SER A 108 4.37 -6.09 -4.61
N GLU A 109 4.57 -7.22 -3.94
CA GLU A 109 4.01 -8.49 -4.39
C GLU A 109 2.49 -8.50 -4.20
N ALA A 110 1.79 -9.12 -5.14
CA ALA A 110 0.34 -9.21 -5.07
C ALA A 110 -0.11 -10.12 -3.94
N VAL A 111 -0.88 -9.55 -3.01
CA VAL A 111 -1.38 -10.32 -1.86
C VAL A 111 -2.79 -10.84 -2.12
N GLN A 112 -2.89 -12.16 -2.35
CA GLN A 112 -4.18 -12.78 -2.60
C GLN A 112 -4.97 -12.97 -1.31
N PHE A 113 -5.92 -12.08 -1.06
CA PHE A 113 -6.74 -12.15 0.14
C PHE A 113 -8.17 -12.53 -0.20
N ARG A 114 -8.60 -13.71 0.28
CA ARG A 114 -9.95 -14.18 0.03
C ARG A 114 -10.97 -13.39 0.83
N THR A 115 -11.90 -12.74 0.13
CA THR A 115 -12.93 -11.93 0.77
C THR A 115 -13.78 -12.79 1.71
N PRO A 116 -14.23 -12.18 2.81
CA PRO A 116 -15.07 -12.87 3.81
C PRO A 116 -16.47 -13.18 3.27
N LYS A 117 -17.39 -13.48 4.19
CA LYS A 117 -18.76 -13.80 3.82
C LYS A 117 -19.74 -13.19 4.81
N ALA A 118 -21.00 -13.08 4.40
CA ALA A 118 -22.05 -12.53 5.25
C ALA A 118 -22.73 -13.62 6.07
N SER A 119 -21.94 -14.56 6.57
CA SER A 119 -22.46 -15.66 7.36
C SER A 119 -21.57 -15.94 8.56
N GLY A 120 -22.18 -16.02 9.75
CA GLY A 120 -21.44 -16.28 10.96
C GLY A 120 -22.33 -16.60 12.14
N PRO A 121 -22.65 -15.56 12.94
CA PRO A 121 -23.51 -15.71 14.12
C PRO A 121 -24.96 -16.00 13.75
N SER A 122 -25.76 -16.34 14.76
CA SER A 122 -27.18 -16.64 14.53
C SER A 122 -28.02 -15.37 14.65
N SER A 123 -28.89 -15.16 13.67
CA SER A 123 -29.76 -13.99 13.66
C SER A 123 -31.04 -14.26 14.45
N GLY A 124 -31.76 -13.18 14.78
CA GLY A 124 -32.99 -13.32 15.53
C GLY A 124 -32.76 -13.32 17.03
N GLY A 1 35.54 18.21 10.54
CA GLY A 1 36.09 17.65 9.31
C GLY A 1 35.96 16.13 9.27
N SER A 2 34.89 15.65 8.67
CA SER A 2 34.66 14.20 8.56
C SER A 2 35.41 13.62 7.38
N SER A 3 35.84 12.36 7.52
CA SER A 3 36.58 11.69 6.46
C SER A 3 35.63 11.02 5.48
N GLY A 4 36.00 11.01 4.20
CA GLY A 4 35.17 10.40 3.19
C GLY A 4 35.48 10.91 1.79
N SER A 5 36.46 10.28 1.15
CA SER A 5 36.87 10.68 -0.19
C SER A 5 35.85 10.21 -1.23
N SER A 6 35.55 8.91 -1.21
CA SER A 6 34.60 8.33 -2.15
C SER A 6 33.18 8.43 -1.61
N GLY A 7 32.55 9.59 -1.83
CA GLY A 7 31.19 9.79 -1.36
C GLY A 7 30.44 10.80 -2.20
N THR A 8 30.01 11.88 -1.57
CA THR A 8 29.26 12.93 -2.27
C THR A 8 29.27 14.23 -1.47
N ALA A 9 29.23 15.36 -2.17
CA ALA A 9 29.23 16.66 -1.54
C ALA A 9 28.06 16.80 -0.57
N HIS A 10 28.28 17.52 0.53
CA HIS A 10 27.25 17.73 1.53
C HIS A 10 26.13 18.62 0.98
N GLY A 11 24.95 18.50 1.58
CA GLY A 11 23.82 19.30 1.13
C GLY A 11 23.04 18.64 0.01
N THR A 12 22.55 17.42 0.27
CA THR A 12 21.78 16.68 -0.73
C THR A 12 20.69 17.54 -1.34
N THR A 13 20.68 17.63 -2.67
CA THR A 13 19.68 18.43 -3.37
C THR A 13 18.60 17.54 -4.00
N PHE A 14 19.04 16.50 -4.69
CA PHE A 14 18.11 15.56 -5.33
C PHE A 14 17.91 14.32 -4.47
N GLU A 15 16.65 13.96 -4.24
CA GLU A 15 16.32 12.79 -3.44
C GLU A 15 16.24 11.54 -4.31
N LEU A 16 16.22 10.37 -3.67
CA LEU A 16 16.14 9.11 -4.38
C LEU A 16 14.92 8.31 -3.95
N VAL A 17 13.94 8.21 -4.84
CA VAL A 17 12.71 7.47 -4.56
C VAL A 17 13.01 6.18 -3.81
N PRO A 18 12.02 5.70 -3.04
CA PRO A 18 12.15 4.47 -2.25
C PRO A 18 12.20 3.22 -3.14
N THR A 19 13.41 2.72 -3.37
CA THR A 19 13.59 1.53 -4.19
C THR A 19 13.39 0.25 -3.38
N SER A 20 12.60 0.36 -2.31
CA SER A 20 12.33 -0.78 -1.44
C SER A 20 10.84 -0.93 -1.18
N PRO A 21 10.34 -2.17 -1.25
CA PRO A 21 8.92 -2.47 -1.01
C PRO A 21 8.52 -2.28 0.45
N PRO A 22 7.22 -2.07 0.69
CA PRO A 22 6.68 -1.87 2.03
C PRO A 22 6.72 -3.15 2.86
N LYS A 23 6.73 -2.98 4.19
CA LYS A 23 6.77 -4.13 5.09
C LYS A 23 5.51 -4.17 5.94
N ASP A 24 5.38 -5.24 6.73
CA ASP A 24 4.22 -5.42 7.60
C ASP A 24 2.93 -5.46 6.79
N VAL A 25 3.01 -6.02 5.59
CA VAL A 25 1.85 -6.13 4.71
C VAL A 25 0.84 -7.13 5.26
N THR A 26 -0.35 -6.63 5.60
CA THR A 26 -1.40 -7.48 6.14
C THR A 26 -2.76 -7.04 5.63
N VAL A 27 -3.61 -8.02 5.31
CA VAL A 27 -4.96 -7.73 4.81
C VAL A 27 -6.01 -8.49 5.62
N VAL A 28 -6.80 -7.75 6.39
CA VAL A 28 -7.85 -8.34 7.20
C VAL A 28 -9.23 -8.01 6.65
N SER A 29 -10.27 -8.52 7.32
CA SER A 29 -11.64 -8.27 6.89
C SER A 29 -12.42 -7.55 7.99
N LYS A 30 -13.36 -6.71 7.57
CA LYS A 30 -14.19 -5.96 8.52
C LYS A 30 -15.47 -6.72 8.85
N GLU A 31 -15.80 -6.79 10.13
CA GLU A 31 -17.00 -7.48 10.58
C GLU A 31 -18.26 -6.68 10.24
N GLY A 32 -18.40 -5.52 10.88
CA GLY A 32 -19.55 -4.69 10.63
C GLY A 32 -19.97 -4.69 9.17
N LYS A 33 -19.00 -4.77 8.28
CA LYS A 33 -19.27 -4.78 6.84
C LYS A 33 -18.32 -5.73 6.12
N PRO A 34 -18.88 -6.75 5.47
CA PRO A 34 -18.10 -7.74 4.73
C PRO A 34 -17.48 -7.17 3.46
N LYS A 35 -18.23 -6.31 2.77
CA LYS A 35 -17.74 -5.68 1.55
C LYS A 35 -16.60 -4.71 1.85
N THR A 36 -16.29 -4.56 3.14
CA THR A 36 -15.21 -3.66 3.55
C THR A 36 -14.06 -4.43 4.17
N ILE A 37 -12.84 -4.03 3.83
CA ILE A 37 -11.65 -4.69 4.35
C ILE A 37 -10.60 -3.67 4.79
N ILE A 38 -9.69 -4.10 5.65
CA ILE A 38 -8.63 -3.22 6.15
C ILE A 38 -7.26 -3.78 5.82
N VAL A 39 -6.36 -2.89 5.38
CA VAL A 39 -5.00 -3.29 5.04
C VAL A 39 -3.98 -2.44 5.77
N ASN A 40 -3.19 -3.06 6.64
CA ASN A 40 -2.16 -2.36 7.39
C ASN A 40 -0.78 -2.62 6.81
N TRP A 41 0.15 -1.72 7.10
CA TRP A 41 1.53 -1.84 6.60
C TRP A 41 2.44 -0.83 7.26
N GLN A 42 3.73 -0.88 6.91
CA GLN A 42 4.71 0.05 7.48
C GLN A 42 5.67 0.54 6.41
N PRO A 43 6.33 1.67 6.68
CA PRO A 43 7.29 2.27 5.75
C PRO A 43 8.57 1.44 5.63
N PRO A 44 9.19 1.49 4.44
CA PRO A 44 10.43 0.75 4.17
C PRO A 44 11.62 1.33 4.92
N SER A 45 12.47 0.45 5.46
CA SER A 45 13.65 0.87 6.20
C SER A 45 14.57 1.71 5.32
N GLU A 46 14.71 1.30 4.07
CA GLU A 46 15.56 2.02 3.12
C GLU A 46 14.79 3.15 2.44
N ALA A 47 14.61 4.26 3.17
CA ALA A 47 13.90 5.40 2.63
C ALA A 47 14.86 6.54 2.31
N ASN A 48 15.70 6.34 1.30
CA ASN A 48 16.67 7.35 0.90
C ASN A 48 16.10 8.75 1.05
N GLY A 49 14.79 8.87 0.87
CA GLY A 49 14.14 10.16 1.00
C GLY A 49 13.11 10.18 2.11
N LYS A 50 12.11 11.04 1.98
CA LYS A 50 11.05 11.16 2.98
C LYS A 50 9.71 10.70 2.42
N ILE A 51 8.96 9.95 3.22
CA ILE A 51 7.66 9.45 2.79
C ILE A 51 6.56 10.48 3.05
N THR A 52 5.60 10.56 2.13
CA THR A 52 4.50 11.51 2.26
C THR A 52 3.16 10.82 2.06
N GLY A 53 3.15 9.78 1.23
CA GLY A 53 1.93 9.05 0.98
C GLY A 53 2.18 7.69 0.35
N TYR A 54 1.11 6.95 0.11
CA TYR A 54 1.22 5.62 -0.49
C TYR A 54 0.11 5.39 -1.52
N ILE A 55 0.26 4.32 -2.30
CA ILE A 55 -0.73 3.98 -3.31
C ILE A 55 -1.00 2.48 -3.35
N ILE A 56 -2.26 2.10 -3.19
CA ILE A 56 -2.65 0.70 -3.21
C ILE A 56 -3.32 0.32 -4.53
N TYR A 57 -3.00 -0.86 -5.03
CA TYR A 57 -3.58 -1.34 -6.28
C TYR A 57 -4.23 -2.70 -6.10
N TYR A 58 -5.47 -2.82 -6.56
CA TYR A 58 -6.22 -4.07 -6.44
C TYR A 58 -7.11 -4.29 -7.67
N SER A 59 -7.19 -5.54 -8.11
CA SER A 59 -8.00 -5.88 -9.28
C SER A 59 -8.36 -7.37 -9.26
N THR A 60 -9.55 -7.69 -9.77
CA THR A 60 -10.01 -9.06 -9.82
C THR A 60 -9.00 -9.97 -10.49
N ASP A 61 -8.28 -9.41 -11.47
CA ASP A 61 -7.27 -10.17 -12.20
C ASP A 61 -5.88 -9.91 -11.63
N VAL A 62 -5.04 -10.94 -11.63
CA VAL A 62 -3.68 -10.82 -11.11
C VAL A 62 -2.68 -10.68 -12.25
N ASN A 63 -3.11 -11.03 -13.47
CA ASN A 63 -2.25 -10.93 -14.64
C ASN A 63 -2.46 -9.62 -15.37
N ALA A 64 -3.58 -8.96 -15.07
CA ALA A 64 -3.90 -7.68 -15.71
C ALA A 64 -2.76 -6.69 -15.55
N GLU A 65 -2.64 -5.77 -16.50
CA GLU A 65 -1.59 -4.76 -16.47
C GLU A 65 -1.89 -3.69 -15.43
N ILE A 66 -0.87 -3.30 -14.68
CA ILE A 66 -1.02 -2.29 -13.65
C ILE A 66 -2.00 -1.21 -14.08
N HIS A 67 -2.06 -0.94 -15.38
CA HIS A 67 -2.96 0.07 -15.92
C HIS A 67 -4.40 -0.22 -15.50
N ASP A 68 -4.83 -1.46 -15.68
CA ASP A 68 -6.18 -1.86 -15.33
C ASP A 68 -6.40 -1.77 -13.82
N TRP A 69 -5.37 -2.09 -13.06
CA TRP A 69 -5.45 -2.05 -11.61
C TRP A 69 -5.87 -0.66 -11.13
N VAL A 70 -6.84 -0.63 -10.21
CA VAL A 70 -7.34 0.62 -9.67
C VAL A 70 -6.27 1.32 -8.83
N ILE A 71 -6.40 2.64 -8.72
CA ILE A 71 -5.44 3.43 -7.94
C ILE A 71 -6.09 3.97 -6.66
N GLU A 72 -5.68 3.42 -5.52
CA GLU A 72 -6.22 3.85 -4.24
C GLU A 72 -5.18 4.67 -3.45
N PRO A 73 -5.13 5.98 -3.72
CA PRO A 73 -4.19 6.89 -3.05
C PRO A 73 -4.53 7.09 -1.58
N VAL A 74 -3.53 7.00 -0.73
CA VAL A 74 -3.71 7.18 0.71
C VAL A 74 -3.16 8.53 1.17
N VAL A 75 -4.07 9.45 1.47
CA VAL A 75 -3.68 10.79 1.92
C VAL A 75 -2.78 10.70 3.15
N GLY A 76 -2.20 11.83 3.53
CA GLY A 76 -1.32 11.87 4.69
C GLY A 76 -0.33 10.72 4.69
N ASN A 77 0.31 10.50 5.83
CA ASN A 77 1.30 9.44 5.97
C ASN A 77 0.63 8.14 6.45
N ARG A 78 -0.70 8.15 6.49
CA ARG A 78 -1.45 6.97 6.93
C ARG A 78 -0.79 5.70 6.45
N LEU A 79 -0.95 4.62 7.21
CA LEU A 79 -0.36 3.33 6.86
C LEU A 79 -1.44 2.27 6.69
N THR A 80 -2.71 2.70 6.76
CA THR A 80 -3.83 1.79 6.63
C THR A 80 -4.91 2.37 5.71
N HIS A 81 -5.63 1.50 5.02
CA HIS A 81 -6.69 1.93 4.12
C HIS A 81 -7.92 1.04 4.26
N GLN A 82 -9.10 1.63 4.07
CA GLN A 82 -10.35 0.90 4.18
C GLN A 82 -11.10 0.90 2.86
N ILE A 83 -10.93 -0.16 2.09
CA ILE A 83 -11.59 -0.30 0.79
C ILE A 83 -12.97 -0.93 0.94
N GLN A 84 -14.00 -0.18 0.56
CA GLN A 84 -15.37 -0.69 0.65
C GLN A 84 -15.94 -0.97 -0.74
N GLU A 85 -17.20 -1.38 -0.78
CA GLU A 85 -17.85 -1.70 -2.05
C GLU A 85 -17.11 -2.80 -2.79
N LEU A 86 -16.68 -3.81 -2.05
CA LEU A 86 -15.96 -4.94 -2.64
C LEU A 86 -16.87 -6.15 -2.79
N THR A 87 -16.44 -7.11 -3.61
CA THR A 87 -17.22 -8.32 -3.85
C THR A 87 -16.98 -9.35 -2.75
N LEU A 88 -17.93 -10.27 -2.60
CA LEU A 88 -17.82 -11.31 -1.59
C LEU A 88 -17.45 -12.65 -2.22
N ASP A 89 -16.95 -13.57 -1.41
CA ASP A 89 -16.57 -14.89 -1.88
C ASP A 89 -15.81 -14.79 -3.21
N THR A 90 -14.86 -13.87 -3.27
CA THR A 90 -14.06 -13.67 -4.48
C THR A 90 -12.61 -13.34 -4.14
N PRO A 91 -11.68 -14.05 -4.78
CA PRO A 91 -10.25 -13.86 -4.57
C PRO A 91 -9.75 -12.52 -5.11
N TYR A 92 -9.45 -11.59 -4.22
CA TYR A 92 -8.97 -10.27 -4.61
C TYR A 92 -7.49 -10.11 -4.30
N TYR A 93 -6.76 -9.48 -5.21
CA TYR A 93 -5.34 -9.27 -5.04
C TYR A 93 -5.03 -7.80 -4.75
N PHE A 94 -4.38 -7.56 -3.61
CA PHE A 94 -4.04 -6.20 -3.20
C PHE A 94 -2.54 -5.97 -3.30
N LYS A 95 -2.14 -4.72 -3.47
CA LYS A 95 -0.73 -4.36 -3.58
C LYS A 95 -0.46 -3.02 -2.90
N ILE A 96 0.67 -2.93 -2.20
CA ILE A 96 1.05 -1.71 -1.50
C ILE A 96 2.28 -1.08 -2.14
N GLN A 97 2.32 0.25 -2.13
CA GLN A 97 3.45 0.98 -2.71
C GLN A 97 3.63 2.33 -2.03
N ALA A 98 4.88 2.71 -1.81
CA ALA A 98 5.19 3.98 -1.17
C ALA A 98 5.59 5.04 -2.20
N ARG A 99 5.42 6.31 -1.84
CA ARG A 99 5.76 7.41 -2.73
C ARG A 99 6.12 8.66 -1.94
N ASN A 100 7.01 9.48 -2.49
CA ASN A 100 7.44 10.71 -1.84
C ASN A 100 7.29 11.90 -2.79
N SER A 101 7.66 13.08 -2.30
CA SER A 101 7.58 14.30 -3.10
C SER A 101 8.12 14.07 -4.50
N LYS A 102 8.96 13.05 -4.65
CA LYS A 102 9.54 12.72 -5.94
C LYS A 102 8.60 11.84 -6.75
N GLY A 103 8.52 10.57 -6.38
CA GLY A 103 7.65 9.64 -7.08
C GLY A 103 7.36 8.39 -6.27
N MET A 104 6.94 7.32 -6.95
CA MET A 104 6.63 6.06 -6.29
C MET A 104 7.83 5.12 -6.34
N GLY A 105 7.71 3.99 -5.64
CA GLY A 105 8.79 3.01 -5.62
C GLY A 105 8.39 1.68 -6.22
N PRO A 106 8.99 0.60 -5.72
CA PRO A 106 8.71 -0.75 -6.21
C PRO A 106 7.32 -1.23 -5.82
N MET A 107 6.93 -2.39 -6.35
CA MET A 107 5.61 -2.96 -6.06
C MET A 107 5.75 -4.32 -5.39
N SER A 108 5.01 -4.52 -4.30
CA SER A 108 5.06 -5.79 -3.58
C SER A 108 4.35 -6.89 -4.36
N GLU A 109 4.54 -8.12 -3.92
CA GLU A 109 3.92 -9.27 -4.59
C GLU A 109 2.41 -9.26 -4.41
N ALA A 110 1.69 -9.62 -5.47
CA ALA A 110 0.23 -9.64 -5.43
C ALA A 110 -0.27 -10.46 -4.24
N VAL A 111 -0.81 -9.78 -3.25
CA VAL A 111 -1.33 -10.44 -2.05
C VAL A 111 -2.77 -10.93 -2.27
N GLN A 112 -2.91 -12.24 -2.43
CA GLN A 112 -4.23 -12.84 -2.65
C GLN A 112 -4.98 -13.00 -1.34
N PHE A 113 -6.11 -12.32 -1.21
CA PHE A 113 -6.92 -12.39 0.00
C PHE A 113 -8.38 -12.67 -0.34
N ARG A 114 -8.97 -13.61 0.39
CA ARG A 114 -10.36 -13.99 0.16
C ARG A 114 -11.30 -13.09 0.95
N THR A 115 -12.39 -12.69 0.30
CA THR A 115 -13.38 -11.81 0.94
C THR A 115 -14.31 -12.60 1.85
N PRO A 116 -14.78 -11.96 2.92
CA PRO A 116 -15.69 -12.58 3.89
C PRO A 116 -17.08 -12.82 3.31
N LYS A 117 -18.05 -13.05 4.18
CA LYS A 117 -19.42 -13.30 3.76
C LYS A 117 -20.41 -12.56 4.66
N ALA A 118 -21.57 -12.22 4.10
CA ALA A 118 -22.59 -11.52 4.85
C ALA A 118 -23.20 -12.42 5.92
N SER A 119 -23.46 -13.68 5.56
CA SER A 119 -24.04 -14.64 6.48
C SER A 119 -22.97 -15.52 7.10
N GLY A 120 -23.21 -15.95 8.34
CA GLY A 120 -22.25 -16.80 9.03
C GLY A 120 -21.23 -16.00 9.81
N PRO A 121 -21.42 -15.90 11.13
CA PRO A 121 -20.52 -15.16 12.01
C PRO A 121 -19.17 -15.85 12.17
N SER A 122 -18.13 -15.24 11.61
CA SER A 122 -16.79 -15.79 11.68
C SER A 122 -16.24 -15.71 13.10
N SER A 123 -15.26 -16.55 13.40
CA SER A 123 -14.65 -16.57 14.72
C SER A 123 -13.18 -16.17 14.66
N GLY A 124 -12.72 -15.44 15.67
CA GLY A 124 -11.34 -15.00 15.71
C GLY A 124 -10.89 -14.59 17.09
N GLY A 1 28.24 42.61 12.95
CA GLY A 1 27.49 41.41 12.62
C GLY A 1 27.35 41.20 11.12
N SER A 2 26.60 40.17 10.73
CA SER A 2 26.40 39.86 9.33
C SER A 2 24.96 39.43 9.07
N SER A 3 24.59 39.37 7.79
CA SER A 3 23.23 38.97 7.41
C SER A 3 23.25 38.18 6.10
N GLY A 4 22.34 37.22 5.99
CA GLY A 4 22.26 36.41 4.80
C GLY A 4 21.53 37.10 3.67
N SER A 5 20.26 37.45 3.92
CA SER A 5 19.45 38.12 2.91
C SER A 5 19.47 37.35 1.59
N SER A 6 19.33 36.04 1.67
CA SER A 6 19.33 35.19 0.49
C SER A 6 17.93 34.65 0.20
N GLY A 7 17.30 34.09 1.22
CA GLY A 7 15.96 33.54 1.06
C GLY A 7 15.81 32.20 1.72
N THR A 8 14.56 31.76 1.90
CA THR A 8 14.27 30.48 2.54
C THR A 8 14.99 29.35 1.83
N ALA A 9 15.43 28.36 2.60
CA ALA A 9 16.13 27.21 2.04
C ALA A 9 15.16 26.24 1.38
N HIS A 10 14.82 26.52 0.13
CA HIS A 10 13.89 25.67 -0.62
C HIS A 10 14.07 25.88 -2.12
N GLY A 11 13.59 24.92 -2.91
CA GLY A 11 13.70 25.01 -4.35
C GLY A 11 14.35 23.79 -4.97
N THR A 12 15.68 23.77 -4.98
CA THR A 12 16.43 22.66 -5.55
C THR A 12 16.87 21.69 -4.46
N THR A 13 16.06 20.66 -4.22
CA THR A 13 16.36 19.66 -3.20
C THR A 13 16.83 18.35 -3.84
N PHE A 14 17.82 17.72 -3.22
CA PHE A 14 18.35 16.46 -3.72
C PHE A 14 17.83 15.29 -2.91
N GLU A 15 16.77 14.64 -3.41
CA GLU A 15 16.18 13.50 -2.74
C GLU A 15 16.16 12.28 -3.63
N LEU A 16 16.14 11.10 -3.03
CA LEU A 16 16.12 9.84 -3.77
C LEU A 16 14.91 9.00 -3.41
N VAL A 17 13.98 8.85 -4.35
CA VAL A 17 12.78 8.06 -4.12
C VAL A 17 13.12 6.72 -3.48
N PRO A 18 12.14 6.16 -2.74
CA PRO A 18 12.31 4.88 -2.06
C PRO A 18 12.37 3.71 -3.04
N THR A 19 13.57 3.17 -3.25
CA THR A 19 13.77 2.06 -4.15
C THR A 19 13.53 0.73 -3.45
N SER A 20 12.74 0.76 -2.38
CA SER A 20 12.43 -0.44 -1.62
C SER A 20 10.93 -0.56 -1.36
N PRO A 21 10.40 -1.77 -1.49
CA PRO A 21 8.97 -2.05 -1.28
C PRO A 21 8.58 -1.93 0.18
N PRO A 22 7.26 -1.91 0.44
CA PRO A 22 6.72 -1.80 1.80
C PRO A 22 6.96 -3.06 2.62
N LYS A 23 6.51 -3.04 3.88
CA LYS A 23 6.67 -4.18 4.77
C LYS A 23 5.45 -4.34 5.67
N ASP A 24 5.48 -5.35 6.53
CA ASP A 24 4.39 -5.61 7.46
C ASP A 24 3.05 -5.59 6.73
N VAL A 25 3.00 -6.22 5.55
CA VAL A 25 1.79 -6.27 4.75
C VAL A 25 0.76 -7.22 5.37
N THR A 26 -0.39 -6.69 5.75
CA THR A 26 -1.45 -7.49 6.35
C THR A 26 -2.81 -7.07 5.83
N VAL A 27 -3.69 -8.06 5.63
CA VAL A 27 -5.03 -7.80 5.13
C VAL A 27 -6.08 -8.52 5.98
N VAL A 28 -6.90 -7.74 6.67
CA VAL A 28 -7.95 -8.29 7.52
C VAL A 28 -9.32 -7.77 7.12
N SER A 29 -10.37 -8.43 7.61
CA SER A 29 -11.73 -8.04 7.29
C SER A 29 -12.28 -7.08 8.35
N LYS A 30 -13.30 -6.32 7.99
CA LYS A 30 -13.91 -5.37 8.90
C LYS A 30 -15.06 -6.03 9.67
N GLU A 31 -15.16 -5.72 10.96
CA GLU A 31 -16.20 -6.28 11.81
C GLU A 31 -17.54 -5.60 11.54
N GLY A 32 -18.49 -6.37 11.01
CA GLY A 32 -19.80 -5.82 10.71
C GLY A 32 -20.10 -5.84 9.23
N LYS A 33 -19.14 -5.41 8.41
CA LYS A 33 -19.31 -5.38 6.97
C LYS A 33 -18.23 -6.19 6.27
N PRO A 34 -18.66 -7.25 5.56
CA PRO A 34 -17.74 -8.12 4.83
C PRO A 34 -17.10 -7.44 3.63
N LYS A 35 -17.95 -6.86 2.78
CA LYS A 35 -17.47 -6.17 1.59
C LYS A 35 -16.34 -5.21 1.93
N THR A 36 -16.28 -4.80 3.19
CA THR A 36 -15.24 -3.88 3.65
C THR A 36 -14.05 -4.64 4.23
N ILE A 37 -12.85 -4.15 3.94
CA ILE A 37 -11.63 -4.77 4.43
C ILE A 37 -10.57 -3.74 4.78
N ILE A 38 -9.63 -4.12 5.64
CA ILE A 38 -8.57 -3.22 6.05
C ILE A 38 -7.20 -3.77 5.67
N VAL A 39 -6.35 -2.91 5.11
CA VAL A 39 -5.01 -3.31 4.70
C VAL A 39 -3.94 -2.45 5.36
N ASN A 40 -3.21 -3.04 6.30
CA ASN A 40 -2.16 -2.32 7.01
C ASN A 40 -0.78 -2.65 6.42
N TRP A 41 0.17 -1.76 6.65
CA TRP A 41 1.52 -1.95 6.15
C TRP A 41 2.51 -1.06 6.90
N GLN A 42 3.78 -1.16 6.52
CA GLN A 42 4.83 -0.36 7.17
C GLN A 42 5.82 0.16 6.14
N PRO A 43 6.45 1.30 6.45
CA PRO A 43 7.44 1.93 5.56
C PRO A 43 8.73 1.13 5.47
N PRO A 44 9.41 1.24 4.32
CA PRO A 44 10.67 0.53 4.07
C PRO A 44 11.81 1.07 4.91
N SER A 45 12.70 0.17 5.34
CA SER A 45 13.84 0.56 6.16
C SER A 45 14.77 1.50 5.39
N GLU A 46 14.70 1.43 4.07
CA GLU A 46 15.54 2.27 3.22
C GLU A 46 14.74 3.42 2.64
N ALA A 47 14.43 4.40 3.48
CA ALA A 47 13.67 5.57 3.06
C ALA A 47 14.58 6.76 2.80
N ASN A 48 15.44 6.63 1.80
CA ASN A 48 16.38 7.70 1.44
C ASN A 48 15.71 9.06 1.58
N GLY A 49 14.43 9.12 1.24
CA GLY A 49 13.70 10.37 1.32
C GLY A 49 12.61 10.34 2.37
N LYS A 50 11.80 11.40 2.42
CA LYS A 50 10.73 11.49 3.39
C LYS A 50 9.41 10.98 2.79
N ILE A 51 8.66 10.22 3.58
CA ILE A 51 7.39 9.68 3.14
C ILE A 51 6.29 10.72 3.20
N THR A 52 5.44 10.76 2.19
CA THR A 52 4.33 11.71 2.13
C THR A 52 2.99 11.00 2.00
N GLY A 53 2.99 9.91 1.24
CA GLY A 53 1.76 9.15 1.04
C GLY A 53 2.02 7.76 0.50
N TYR A 54 0.95 7.02 0.22
CA TYR A 54 1.07 5.67 -0.31
C TYR A 54 0.00 5.41 -1.37
N ILE A 55 0.14 4.29 -2.07
CA ILE A 55 -0.81 3.92 -3.12
C ILE A 55 -1.12 2.43 -3.07
N ILE A 56 -2.40 2.10 -3.21
CA ILE A 56 -2.84 0.71 -3.18
C ILE A 56 -3.47 0.30 -4.51
N TYR A 57 -3.06 -0.84 -5.03
CA TYR A 57 -3.58 -1.34 -6.30
C TYR A 57 -4.29 -2.68 -6.11
N TYR A 58 -5.56 -2.73 -6.47
CA TYR A 58 -6.34 -3.95 -6.34
C TYR A 58 -7.18 -4.20 -7.59
N SER A 59 -7.21 -5.46 -8.03
CA SER A 59 -7.97 -5.83 -9.22
C SER A 59 -8.35 -7.31 -9.18
N THR A 60 -9.45 -7.65 -9.83
CA THR A 60 -9.92 -9.03 -9.87
C THR A 60 -8.91 -9.94 -10.56
N ASP A 61 -8.14 -9.37 -11.49
CA ASP A 61 -7.13 -10.13 -12.21
C ASP A 61 -5.78 -10.01 -11.54
N VAL A 62 -4.95 -11.04 -11.70
CA VAL A 62 -3.62 -11.06 -11.09
C VAL A 62 -2.53 -10.92 -12.16
N ASN A 63 -2.89 -11.22 -13.41
CA ASN A 63 -1.94 -11.12 -14.52
C ASN A 63 -2.14 -9.83 -15.29
N ALA A 64 -3.29 -9.17 -15.06
CA ALA A 64 -3.59 -7.92 -15.73
C ALA A 64 -2.50 -6.87 -15.47
N GLU A 65 -2.20 -6.08 -16.49
CA GLU A 65 -1.19 -5.04 -16.37
C GLU A 65 -1.57 -4.03 -15.29
N ILE A 66 -0.59 -3.65 -14.47
CA ILE A 66 -0.82 -2.68 -13.40
C ILE A 66 -1.70 -1.53 -13.88
N HIS A 67 -1.63 -1.25 -15.18
CA HIS A 67 -2.41 -0.17 -15.77
C HIS A 67 -3.90 -0.34 -15.44
N ASP A 68 -4.41 -1.56 -15.62
CA ASP A 68 -5.81 -1.84 -15.34
C ASP A 68 -6.10 -1.76 -13.84
N TRP A 69 -5.12 -2.15 -13.04
CA TRP A 69 -5.27 -2.12 -11.59
C TRP A 69 -5.64 -0.73 -11.11
N VAL A 70 -6.73 -0.64 -10.34
CA VAL A 70 -7.19 0.64 -9.81
C VAL A 70 -6.13 1.29 -8.93
N ILE A 71 -6.16 2.61 -8.85
CA ILE A 71 -5.21 3.35 -8.03
C ILE A 71 -5.88 3.96 -6.81
N GLU A 72 -5.53 3.46 -5.63
CA GLU A 72 -6.10 3.95 -4.39
C GLU A 72 -5.07 4.77 -3.61
N PRO A 73 -4.98 6.07 -3.96
CA PRO A 73 -4.04 6.99 -3.31
C PRO A 73 -4.44 7.30 -1.87
N VAL A 74 -3.47 7.24 -0.96
CA VAL A 74 -3.73 7.52 0.44
C VAL A 74 -2.99 8.78 0.90
N VAL A 75 -3.55 9.48 1.88
CA VAL A 75 -2.95 10.69 2.40
C VAL A 75 -2.71 10.59 3.90
N GLY A 76 -2.22 11.67 4.50
CA GLY A 76 -1.96 11.67 5.92
C GLY A 76 -1.01 10.56 6.34
N ASN A 77 0.03 10.36 5.54
CA ASN A 77 1.02 9.32 5.82
C ASN A 77 0.35 8.08 6.43
N ARG A 78 -0.89 7.84 6.05
CA ARG A 78 -1.65 6.70 6.54
C ARG A 78 -1.00 5.38 6.10
N LEU A 79 -0.88 4.45 7.03
CA LEU A 79 -0.28 3.15 6.73
C LEU A 79 -1.36 2.08 6.54
N THR A 80 -2.62 2.51 6.61
CA THR A 80 -3.74 1.59 6.44
C THR A 80 -4.84 2.23 5.59
N HIS A 81 -5.54 1.40 4.81
CA HIS A 81 -6.61 1.87 3.96
C HIS A 81 -7.86 1.00 4.11
N GLN A 82 -9.01 1.65 4.19
CA GLN A 82 -10.27 0.93 4.34
C GLN A 82 -11.05 0.91 3.02
N ILE A 83 -11.00 -0.22 2.33
CA ILE A 83 -11.69 -0.37 1.05
C ILE A 83 -13.05 -1.05 1.25
N GLN A 84 -14.03 -0.61 0.47
CA GLN A 84 -15.38 -1.17 0.56
C GLN A 84 -15.97 -1.37 -0.83
N GLU A 85 -17.20 -1.86 -0.88
CA GLU A 85 -17.89 -2.09 -2.15
C GLU A 85 -17.14 -3.14 -2.97
N LEU A 86 -16.79 -4.25 -2.34
CA LEU A 86 -16.08 -5.32 -3.02
C LEU A 86 -16.95 -6.57 -3.13
N THR A 87 -16.53 -7.51 -3.97
CA THR A 87 -17.26 -8.75 -4.17
C THR A 87 -16.88 -9.79 -3.13
N LEU A 88 -17.82 -10.67 -2.80
CA LEU A 88 -17.58 -11.72 -1.81
C LEU A 88 -17.27 -13.05 -2.49
N ASP A 89 -16.88 -14.03 -1.69
CA ASP A 89 -16.56 -15.36 -2.22
C ASP A 89 -15.68 -15.24 -3.47
N THR A 90 -14.85 -14.22 -3.51
CA THR A 90 -13.96 -13.99 -4.64
C THR A 90 -12.59 -13.50 -4.18
N PRO A 91 -11.53 -14.23 -4.57
CA PRO A 91 -10.16 -13.89 -4.22
C PRO A 91 -9.67 -12.62 -4.91
N TYR A 92 -9.43 -11.57 -4.13
CA TYR A 92 -8.96 -10.31 -4.69
C TYR A 92 -7.47 -10.09 -4.39
N TYR A 93 -6.75 -9.57 -5.38
CA TYR A 93 -5.32 -9.32 -5.22
C TYR A 93 -5.06 -7.83 -4.99
N PHE A 94 -4.35 -7.53 -3.91
CA PHE A 94 -4.03 -6.14 -3.57
C PHE A 94 -2.53 -5.89 -3.71
N LYS A 95 -2.13 -4.63 -3.63
CA LYS A 95 -0.73 -4.26 -3.75
C LYS A 95 -0.45 -2.95 -2.99
N ILE A 96 0.70 -2.90 -2.32
CA ILE A 96 1.09 -1.72 -1.56
C ILE A 96 2.37 -1.11 -2.11
N GLN A 97 2.51 0.20 -1.97
CA GLN A 97 3.69 0.91 -2.45
C GLN A 97 3.85 2.26 -1.74
N ALA A 98 5.09 2.70 -1.59
CA ALA A 98 5.38 3.96 -0.93
C ALA A 98 5.90 4.99 -1.93
N ARG A 99 5.56 6.25 -1.71
CA ARG A 99 6.01 7.33 -2.59
C ARG A 99 6.14 8.65 -1.83
N ASN A 100 7.03 9.51 -2.30
CA ASN A 100 7.25 10.81 -1.66
C ASN A 100 7.07 11.94 -2.65
N SER A 101 7.10 13.18 -2.15
CA SER A 101 6.94 14.34 -3.00
C SER A 101 7.60 14.13 -4.35
N LYS A 102 8.73 13.44 -4.36
CA LYS A 102 9.46 13.17 -5.58
C LYS A 102 8.65 12.26 -6.50
N GLY A 103 8.58 10.97 -6.15
CA GLY A 103 7.84 10.02 -6.95
C GLY A 103 7.54 8.74 -6.20
N MET A 104 7.14 7.70 -6.93
CA MET A 104 6.82 6.42 -6.32
C MET A 104 7.97 5.43 -6.49
N GLY A 105 7.98 4.40 -5.65
CA GLY A 105 9.04 3.40 -5.72
C GLY A 105 8.57 2.10 -6.33
N PRO A 106 9.26 1.00 -6.00
CA PRO A 106 8.93 -0.33 -6.51
C PRO A 106 7.63 -0.87 -5.92
N MET A 107 6.95 -1.73 -6.67
CA MET A 107 5.69 -2.31 -6.21
C MET A 107 5.94 -3.63 -5.49
N SER A 108 5.02 -3.99 -4.60
CA SER A 108 5.14 -5.22 -3.83
C SER A 108 4.40 -6.37 -4.52
N GLU A 109 4.48 -7.55 -3.94
CA GLU A 109 3.82 -8.73 -4.50
C GLU A 109 2.31 -8.65 -4.32
N ALA A 110 1.58 -9.32 -5.19
CA ALA A 110 0.12 -9.31 -5.13
C ALA A 110 -0.37 -10.12 -3.94
N VAL A 111 -1.04 -9.45 -3.00
CA VAL A 111 -1.57 -10.10 -1.82
C VAL A 111 -2.90 -10.77 -2.09
N GLN A 112 -2.92 -12.09 -2.07
CA GLN A 112 -4.14 -12.85 -2.33
C GLN A 112 -4.96 -13.02 -1.05
N PHE A 113 -6.14 -12.43 -1.02
CA PHE A 113 -7.02 -12.52 0.14
C PHE A 113 -8.46 -12.76 -0.28
N ARG A 114 -9.03 -13.87 0.17
CA ARG A 114 -10.39 -14.23 -0.16
C ARG A 114 -11.38 -13.37 0.63
N THR A 115 -12.44 -12.92 -0.04
CA THR A 115 -13.46 -12.10 0.59
C THR A 115 -14.38 -12.94 1.47
N PRO A 116 -14.86 -12.34 2.57
CA PRO A 116 -15.76 -13.03 3.52
C PRO A 116 -17.14 -13.26 2.92
N LYS A 117 -18.11 -13.55 3.78
CA LYS A 117 -19.48 -13.80 3.34
C LYS A 117 -20.48 -13.17 4.31
N ALA A 118 -21.72 -13.02 3.85
CA ALA A 118 -22.77 -12.42 4.66
C ALA A 118 -23.43 -13.47 5.56
N SER A 119 -22.61 -14.30 6.18
CA SER A 119 -23.11 -15.36 7.06
C SER A 119 -22.74 -15.06 8.52
N GLY A 120 -23.73 -14.63 9.29
CA GLY A 120 -23.49 -14.33 10.69
C GLY A 120 -24.48 -13.33 11.25
N PRO A 121 -24.54 -13.23 12.58
CA PRO A 121 -25.45 -12.31 13.27
C PRO A 121 -25.06 -10.85 13.08
N SER A 122 -25.82 -9.94 13.68
CA SER A 122 -25.55 -8.52 13.57
C SER A 122 -24.48 -8.09 14.57
N SER A 123 -24.69 -8.44 15.84
CA SER A 123 -23.74 -8.11 16.89
C SER A 123 -23.82 -9.10 18.04
N GLY A 124 -22.71 -9.78 18.31
CA GLY A 124 -22.67 -10.75 19.38
C GLY A 124 -22.08 -10.18 20.66
N GLY A 1 45.84 21.01 -16.92
CA GLY A 1 44.65 21.63 -17.45
C GLY A 1 43.41 21.29 -16.65
N SER A 2 42.93 22.25 -15.86
CA SER A 2 41.75 22.04 -15.04
C SER A 2 41.17 23.38 -14.57
N SER A 3 39.87 23.39 -14.29
CA SER A 3 39.20 24.60 -13.84
C SER A 3 37.91 24.26 -13.09
N GLY A 4 37.31 25.27 -12.47
CA GLY A 4 36.09 25.06 -11.72
C GLY A 4 35.26 26.32 -11.60
N SER A 5 34.34 26.52 -12.53
CA SER A 5 33.48 27.71 -12.51
C SER A 5 33.03 28.03 -11.09
N SER A 6 33.45 29.20 -10.60
CA SER A 6 33.09 29.63 -9.26
C SER A 6 31.62 29.33 -8.96
N GLY A 7 31.39 28.58 -7.88
CA GLY A 7 30.04 28.22 -7.51
C GLY A 7 29.49 29.12 -6.41
N THR A 8 28.33 29.72 -6.66
CA THR A 8 27.71 30.61 -5.68
C THR A 8 27.14 29.82 -4.52
N ALA A 9 26.37 28.78 -4.83
CA ALA A 9 25.76 27.94 -3.80
C ALA A 9 26.71 26.83 -3.36
N HIS A 10 26.33 26.09 -2.32
CA HIS A 10 27.15 25.00 -1.81
C HIS A 10 26.30 23.75 -1.57
N GLY A 11 26.78 22.61 -2.05
CA GLY A 11 26.05 21.37 -1.88
C GLY A 11 24.73 21.36 -2.61
N THR A 12 24.30 20.18 -3.05
CA THR A 12 23.04 20.05 -3.76
C THR A 12 22.07 19.14 -3.01
N THR A 13 20.80 19.52 -3.01
CA THR A 13 19.77 18.75 -2.32
C THR A 13 19.12 17.74 -3.27
N PHE A 14 19.56 16.49 -3.19
CA PHE A 14 19.02 15.43 -4.04
C PHE A 14 18.39 14.33 -3.19
N GLU A 15 17.60 13.48 -3.84
CA GLU A 15 16.94 12.37 -3.15
C GLU A 15 16.80 11.16 -4.07
N LEU A 16 16.59 9.99 -3.47
CA LEU A 16 16.44 8.76 -4.23
C LEU A 16 15.16 8.03 -3.83
N VAL A 17 14.23 7.92 -4.77
CA VAL A 17 12.96 7.23 -4.52
C VAL A 17 13.19 5.85 -3.94
N PRO A 18 12.23 5.37 -3.13
CA PRO A 18 12.30 4.06 -2.51
C PRO A 18 12.16 2.92 -3.51
N THR A 19 13.29 2.33 -3.90
CA THR A 19 13.29 1.24 -4.86
C THR A 19 12.97 -0.09 -4.19
N SER A 20 12.43 -0.01 -2.98
CA SER A 20 12.08 -1.21 -2.22
C SER A 20 10.64 -1.14 -1.73
N PRO A 21 9.94 -2.29 -1.76
CA PRO A 21 8.55 -2.39 -1.33
C PRO A 21 8.40 -2.23 0.19
N PRO A 22 7.16 -2.04 0.65
CA PRO A 22 6.86 -1.86 2.07
C PRO A 22 7.05 -3.15 2.86
N LYS A 23 6.61 -3.14 4.12
CA LYS A 23 6.74 -4.31 4.98
C LYS A 23 5.52 -4.44 5.90
N ASP A 24 5.45 -5.55 6.62
CA ASP A 24 4.34 -5.79 7.53
C ASP A 24 3.00 -5.67 6.82
N VAL A 25 2.94 -6.21 5.60
CA VAL A 25 1.71 -6.16 4.82
C VAL A 25 0.67 -7.14 5.34
N THR A 26 -0.43 -6.62 5.86
CA THR A 26 -1.50 -7.45 6.40
C THR A 26 -2.85 -7.03 5.84
N VAL A 27 -3.71 -8.02 5.58
CA VAL A 27 -5.04 -7.75 5.04
C VAL A 27 -6.11 -8.49 5.84
N VAL A 28 -6.87 -7.75 6.62
CA VAL A 28 -7.94 -8.33 7.43
C VAL A 28 -9.31 -7.94 6.91
N SER A 29 -10.35 -8.54 7.48
CA SER A 29 -11.72 -8.25 7.06
C SER A 29 -12.50 -7.56 8.18
N LYS A 30 -13.33 -6.59 7.80
CA LYS A 30 -14.13 -5.86 8.77
C LYS A 30 -15.30 -6.70 9.28
N GLU A 31 -15.74 -6.41 10.51
CA GLU A 31 -16.84 -7.15 11.10
C GLU A 31 -18.18 -6.56 10.66
N GLY A 32 -18.39 -5.28 10.96
CA GLY A 32 -19.63 -4.62 10.58
C GLY A 32 -20.03 -4.91 9.15
N LYS A 33 -19.04 -5.09 8.29
CA LYS A 33 -19.29 -5.37 6.88
C LYS A 33 -18.30 -6.38 6.34
N PRO A 34 -18.81 -7.39 5.62
CA PRO A 34 -17.98 -8.44 5.03
C PRO A 34 -17.12 -7.93 3.88
N LYS A 35 -17.70 -7.05 3.06
CA LYS A 35 -17.00 -6.48 1.92
C LYS A 35 -15.90 -5.52 2.38
N THR A 36 -16.17 -4.79 3.46
CA THR A 36 -15.22 -3.83 4.01
C THR A 36 -13.99 -4.54 4.55
N ILE A 37 -12.82 -4.18 4.04
CA ILE A 37 -11.57 -4.78 4.48
C ILE A 37 -10.53 -3.71 4.81
N ILE A 38 -9.58 -4.07 5.65
CA ILE A 38 -8.53 -3.14 6.05
C ILE A 38 -7.15 -3.65 5.61
N VAL A 39 -6.34 -2.74 5.10
CA VAL A 39 -4.99 -3.09 4.64
C VAL A 39 -3.93 -2.26 5.36
N ASN A 40 -3.19 -2.90 6.26
CA ASN A 40 -2.15 -2.23 7.01
C ASN A 40 -0.77 -2.58 6.47
N TRP A 41 0.23 -1.76 6.79
CA TRP A 41 1.59 -1.99 6.33
C TRP A 41 2.57 -1.05 7.05
N GLN A 42 3.84 -1.18 6.72
CA GLN A 42 4.88 -0.34 7.34
C GLN A 42 5.86 0.17 6.28
N PRO A 43 6.50 1.31 6.58
CA PRO A 43 7.46 1.93 5.67
C PRO A 43 8.75 1.12 5.55
N PRO A 44 9.35 1.14 4.35
CA PRO A 44 10.59 0.41 4.08
C PRO A 44 11.79 1.02 4.80
N SER A 45 12.86 0.25 4.93
CA SER A 45 14.07 0.72 5.61
C SER A 45 14.84 1.68 4.73
N GLU A 46 14.86 1.41 3.42
CA GLU A 46 15.56 2.27 2.47
C GLU A 46 14.72 3.48 2.11
N ALA A 47 14.18 4.14 3.13
CA ALA A 47 13.35 5.32 2.91
C ALA A 47 13.94 6.21 1.82
N ASN A 48 15.26 6.32 1.79
CA ASN A 48 15.94 7.14 0.80
C ASN A 48 15.18 8.43 0.54
N GLY A 49 14.40 8.86 1.54
CA GLY A 49 13.63 10.09 1.40
C GLY A 49 12.48 10.16 2.39
N LYS A 50 11.82 11.31 2.44
CA LYS A 50 10.70 11.50 3.35
C LYS A 50 9.39 11.00 2.73
N ILE A 51 8.75 10.06 3.40
CA ILE A 51 7.49 9.51 2.91
C ILE A 51 6.37 10.55 2.96
N THR A 52 5.66 10.69 1.84
CA THR A 52 4.57 11.65 1.76
C THR A 52 3.21 10.95 1.78
N GLY A 53 3.12 9.84 1.04
CA GLY A 53 1.87 9.09 0.99
C GLY A 53 2.06 7.70 0.45
N TYR A 54 0.97 6.99 0.23
CA TYR A 54 1.02 5.63 -0.28
C TYR A 54 -0.15 5.36 -1.24
N ILE A 55 0.02 4.36 -2.10
CA ILE A 55 -1.00 4.00 -3.07
C ILE A 55 -1.27 2.51 -3.07
N ILE A 56 -2.53 2.13 -3.21
CA ILE A 56 -2.91 0.72 -3.23
C ILE A 56 -3.55 0.34 -4.57
N TYR A 57 -3.13 -0.80 -5.11
CA TYR A 57 -3.67 -1.28 -6.38
C TYR A 57 -4.27 -2.68 -6.24
N TYR A 58 -5.50 -2.83 -6.71
CA TYR A 58 -6.19 -4.12 -6.63
C TYR A 58 -6.97 -4.39 -7.90
N SER A 59 -7.40 -5.63 -8.07
CA SER A 59 -8.16 -6.03 -9.25
C SER A 59 -8.68 -7.46 -9.11
N THR A 60 -9.53 -7.87 -10.04
CA THR A 60 -10.10 -9.22 -10.02
C THR A 60 -9.21 -10.20 -10.78
N ASP A 61 -8.01 -9.75 -11.15
CA ASP A 61 -7.07 -10.59 -11.88
C ASP A 61 -5.64 -10.21 -11.54
N VAL A 62 -4.78 -11.22 -11.35
CA VAL A 62 -3.38 -10.99 -11.03
C VAL A 62 -2.53 -10.94 -12.29
N ASN A 63 -3.07 -11.44 -13.39
CA ASN A 63 -2.35 -11.46 -14.67
C ASN A 63 -2.78 -10.28 -15.53
N ALA A 64 -3.12 -9.17 -14.89
CA ALA A 64 -3.56 -7.97 -15.62
C ALA A 64 -2.46 -6.90 -15.60
N GLU A 65 -2.43 -6.09 -16.66
CA GLU A 65 -1.44 -5.03 -16.77
C GLU A 65 -1.60 -4.02 -15.64
N ILE A 66 -0.49 -3.70 -14.97
CA ILE A 66 -0.51 -2.75 -13.87
C ILE A 66 -1.53 -1.64 -14.11
N HIS A 67 -1.64 -1.23 -15.36
CA HIS A 67 -2.58 -0.17 -15.74
C HIS A 67 -4.00 -0.57 -15.39
N ASP A 68 -4.38 -1.79 -15.79
CA ASP A 68 -5.72 -2.29 -15.53
C ASP A 68 -6.08 -2.16 -14.06
N TRP A 69 -5.09 -2.31 -13.19
CA TRP A 69 -5.30 -2.21 -11.75
C TRP A 69 -5.79 -0.81 -11.38
N VAL A 70 -6.63 -0.74 -10.35
CA VAL A 70 -7.17 0.54 -9.89
C VAL A 70 -6.17 1.27 -8.99
N ILE A 71 -6.23 2.59 -9.00
CA ILE A 71 -5.34 3.40 -8.19
C ILE A 71 -6.06 3.95 -6.96
N GLU A 72 -5.63 3.51 -5.78
CA GLU A 72 -6.23 3.96 -4.53
C GLU A 72 -5.24 4.80 -3.73
N PRO A 73 -5.22 6.11 -4.01
CA PRO A 73 -4.32 7.05 -3.32
C PRO A 73 -4.72 7.27 -1.86
N VAL A 74 -3.74 7.22 -0.97
CA VAL A 74 -4.00 7.42 0.46
C VAL A 74 -3.43 8.75 0.93
N VAL A 75 -4.28 9.77 1.01
CA VAL A 75 -3.87 11.09 1.45
C VAL A 75 -3.17 11.01 2.81
N GLY A 76 -2.32 12.00 3.08
CA GLY A 76 -1.61 12.03 4.35
C GLY A 76 -0.73 10.81 4.55
N ASN A 77 0.18 10.89 5.52
CA ASN A 77 1.09 9.78 5.81
C ASN A 77 0.35 8.65 6.52
N ARG A 78 -0.47 7.93 5.77
CA ARG A 78 -1.23 6.81 6.32
C ARG A 78 -0.68 5.48 5.82
N LEU A 79 -0.60 4.51 6.73
CA LEU A 79 -0.09 3.18 6.39
C LEU A 79 -1.22 2.16 6.35
N THR A 80 -2.44 2.63 6.58
CA THR A 80 -3.61 1.76 6.57
C THR A 80 -4.70 2.31 5.68
N HIS A 81 -5.49 1.42 5.08
CA HIS A 81 -6.58 1.81 4.20
C HIS A 81 -7.82 0.96 4.43
N GLN A 82 -8.99 1.56 4.24
CA GLN A 82 -10.24 0.84 4.42
C GLN A 82 -11.13 0.94 3.19
N ILE A 83 -11.24 -0.16 2.45
CA ILE A 83 -12.05 -0.19 1.24
C ILE A 83 -13.38 -0.92 1.49
N GLN A 84 -14.45 -0.38 0.91
CA GLN A 84 -15.77 -0.97 1.06
C GLN A 84 -16.43 -1.19 -0.30
N GLU A 85 -17.64 -1.73 -0.28
CA GLU A 85 -18.39 -1.99 -1.51
C GLU A 85 -17.65 -3.00 -2.39
N LEU A 86 -16.95 -3.93 -1.75
CA LEU A 86 -16.20 -4.96 -2.47
C LEU A 86 -17.06 -6.19 -2.71
N THR A 87 -16.51 -7.17 -3.41
CA THR A 87 -17.21 -8.41 -3.72
C THR A 87 -16.85 -9.50 -2.72
N LEU A 88 -17.64 -10.57 -2.72
CA LEU A 88 -17.39 -11.69 -1.82
C LEU A 88 -17.10 -12.97 -2.60
N ASP A 89 -16.68 -14.01 -1.88
CA ASP A 89 -16.36 -15.29 -2.51
C ASP A 89 -15.52 -15.08 -3.77
N THR A 90 -14.68 -14.06 -3.75
CA THR A 90 -13.82 -13.75 -4.89
C THR A 90 -12.42 -13.36 -4.43
N PRO A 91 -11.41 -14.03 -5.00
CA PRO A 91 -10.00 -13.78 -4.67
C PRO A 91 -9.52 -12.42 -5.18
N TYR A 92 -9.43 -11.46 -4.27
CA TYR A 92 -8.99 -10.11 -4.64
C TYR A 92 -7.53 -9.89 -4.23
N TYR A 93 -6.72 -9.44 -5.19
CA TYR A 93 -5.30 -9.20 -4.93
C TYR A 93 -5.05 -7.71 -4.69
N PHE A 94 -4.26 -7.42 -3.67
CA PHE A 94 -3.93 -6.04 -3.32
C PHE A 94 -2.41 -5.81 -3.34
N LYS A 95 -2.01 -4.61 -3.72
CA LYS A 95 -0.59 -4.27 -3.77
C LYS A 95 -0.34 -2.88 -3.19
N ILE A 96 0.61 -2.79 -2.26
CA ILE A 96 0.93 -1.53 -1.62
C ILE A 96 2.15 -0.88 -2.28
N GLN A 97 2.24 0.44 -2.19
CA GLN A 97 3.35 1.17 -2.78
C GLN A 97 3.61 2.47 -2.01
N ALA A 98 4.89 2.76 -1.77
CA ALA A 98 5.27 3.98 -1.05
C ALA A 98 5.72 5.06 -2.02
N ARG A 99 5.51 6.31 -1.63
CA ARG A 99 5.91 7.45 -2.46
C ARG A 99 6.36 8.63 -1.60
N ASN A 100 7.42 9.29 -2.03
CA ASN A 100 7.96 10.44 -1.30
C ASN A 100 7.90 11.70 -2.15
N SER A 101 8.41 12.80 -1.60
CA SER A 101 8.43 14.07 -2.31
C SER A 101 8.85 13.89 -3.76
N LYS A 102 9.71 12.91 -4.00
CA LYS A 102 10.21 12.62 -5.34
C LYS A 102 9.14 11.90 -6.17
N GLY A 103 8.87 10.65 -5.82
CA GLY A 103 7.86 9.88 -6.54
C GLY A 103 7.49 8.60 -5.83
N MET A 104 7.04 7.61 -6.60
CA MET A 104 6.65 6.32 -6.03
C MET A 104 7.66 5.23 -6.40
N GLY A 105 7.65 4.14 -5.65
CA GLY A 105 8.56 3.05 -5.93
C GLY A 105 7.86 1.83 -6.50
N PRO A 106 8.52 0.67 -6.41
CA PRO A 106 7.97 -0.59 -6.92
C PRO A 106 6.79 -1.08 -6.09
N MET A 107 5.79 -1.64 -6.77
CA MET A 107 4.60 -2.15 -6.09
C MET A 107 4.91 -3.47 -5.38
N SER A 108 4.29 -3.67 -4.22
CA SER A 108 4.49 -4.88 -3.45
C SER A 108 3.94 -6.11 -4.18
N GLU A 109 4.19 -7.28 -3.62
CA GLU A 109 3.71 -8.53 -4.22
C GLU A 109 2.19 -8.63 -4.12
N ALA A 110 1.60 -9.33 -5.08
CA ALA A 110 0.15 -9.51 -5.10
C ALA A 110 -0.32 -10.29 -3.88
N VAL A 111 -0.97 -9.58 -2.96
CA VAL A 111 -1.48 -10.20 -1.73
C VAL A 111 -2.83 -10.85 -1.97
N GLN A 112 -2.83 -12.17 -2.13
CA GLN A 112 -4.07 -12.91 -2.36
C GLN A 112 -4.86 -13.08 -1.07
N PHE A 113 -6.02 -12.45 -1.01
CA PHE A 113 -6.87 -12.53 0.17
C PHE A 113 -8.32 -12.82 -0.21
N ARG A 114 -8.81 -13.98 0.21
CA ARG A 114 -10.18 -14.38 -0.10
C ARG A 114 -11.18 -13.59 0.74
N THR A 115 -12.24 -13.13 0.10
CA THR A 115 -13.27 -12.35 0.78
C THR A 115 -14.23 -13.26 1.54
N PRO A 116 -14.73 -12.77 2.68
CA PRO A 116 -15.67 -13.52 3.53
C PRO A 116 -17.03 -13.67 2.88
N LYS A 117 -18.03 -14.04 3.69
CA LYS A 117 -19.39 -14.22 3.19
C LYS A 117 -20.41 -13.64 4.16
N ALA A 118 -21.61 -13.36 3.67
CA ALA A 118 -22.67 -12.79 4.49
C ALA A 118 -23.46 -13.89 5.18
N SER A 119 -24.01 -14.81 4.39
CA SER A 119 -24.80 -15.92 4.91
C SER A 119 -23.92 -16.90 5.68
N GLY A 120 -24.32 -17.20 6.92
CA GLY A 120 -23.55 -18.11 7.74
C GLY A 120 -24.04 -18.14 9.18
N PRO A 121 -23.23 -18.74 10.07
CA PRO A 121 -23.56 -18.84 11.49
C PRO A 121 -23.51 -17.49 12.20
N SER A 122 -24.66 -16.84 12.31
CA SER A 122 -24.74 -15.54 12.96
C SER A 122 -25.69 -15.59 14.15
N SER A 123 -25.16 -15.94 15.32
CA SER A 123 -25.97 -16.03 16.53
C SER A 123 -25.26 -15.34 17.69
N GLY A 124 -25.97 -14.39 18.31
CA GLY A 124 -25.40 -13.66 19.43
C GLY A 124 -24.35 -12.66 19.01
N GLY A 1 30.82 -0.30 -1.99
CA GLY A 1 30.75 1.11 -2.32
C GLY A 1 31.85 1.92 -1.65
N SER A 2 31.76 2.04 -0.33
CA SER A 2 32.75 2.81 0.44
C SER A 2 33.11 4.10 -0.28
N SER A 3 32.10 4.76 -0.83
CA SER A 3 32.30 6.02 -1.55
C SER A 3 31.00 6.81 -1.64
N GLY A 4 31.12 8.13 -1.78
CA GLY A 4 29.96 8.97 -1.88
C GLY A 4 29.39 9.33 -0.52
N SER A 5 30.24 9.84 0.36
CA SER A 5 29.82 10.23 1.71
C SER A 5 29.09 11.56 1.68
N SER A 6 28.20 11.76 2.66
CA SER A 6 27.43 12.99 2.74
C SER A 6 28.36 14.22 2.66
N GLY A 7 28.39 14.84 1.50
CA GLY A 7 29.24 16.01 1.30
C GLY A 7 28.98 16.69 -0.02
N THR A 8 29.78 16.37 -1.03
CA THR A 8 29.63 16.97 -2.35
C THR A 8 28.41 16.41 -3.07
N ALA A 9 27.40 17.25 -3.24
CA ALA A 9 26.17 16.85 -3.92
C ALA A 9 25.67 17.95 -4.84
N HIS A 10 24.54 17.69 -5.50
CA HIS A 10 23.95 18.66 -6.42
C HIS A 10 22.95 19.55 -5.69
N GLY A 11 23.40 20.20 -4.62
CA GLY A 11 22.52 21.06 -3.86
C GLY A 11 22.61 20.81 -2.36
N THR A 12 21.94 21.65 -1.58
CA THR A 12 21.95 21.51 -0.13
C THR A 12 21.11 20.31 0.31
N THR A 13 19.84 20.30 -0.09
CA THR A 13 18.94 19.21 0.27
C THR A 13 18.85 18.18 -0.85
N PHE A 14 19.06 16.92 -0.51
CA PHE A 14 19.01 15.84 -1.49
C PHE A 14 18.15 14.69 -0.97
N GLU A 15 17.26 14.20 -1.84
CA GLU A 15 16.38 13.09 -1.46
C GLU A 15 16.57 11.91 -2.42
N LEU A 16 16.05 10.76 -2.02
CA LEU A 16 16.15 9.54 -2.83
C LEU A 16 14.92 8.67 -2.67
N VAL A 17 14.13 8.56 -3.74
CA VAL A 17 12.92 7.74 -3.71
C VAL A 17 13.21 6.35 -3.18
N PRO A 18 12.21 5.75 -2.51
CA PRO A 18 12.34 4.40 -1.94
C PRO A 18 12.39 3.32 -3.01
N THR A 19 13.59 2.82 -3.29
CA THR A 19 13.78 1.78 -4.30
C THR A 19 13.52 0.40 -3.72
N SER A 20 12.78 0.35 -2.61
CA SER A 20 12.46 -0.91 -1.96
C SER A 20 10.99 -0.97 -1.58
N PRO A 21 10.39 -2.17 -1.70
CA PRO A 21 8.98 -2.39 -1.37
C PRO A 21 8.71 -2.29 0.13
N PRO A 22 7.42 -2.14 0.48
CA PRO A 22 7.00 -2.03 1.88
C PRO A 22 7.15 -3.34 2.63
N LYS A 23 6.74 -3.35 3.90
CA LYS A 23 6.83 -4.54 4.74
C LYS A 23 5.62 -4.65 5.65
N ASP A 24 5.58 -5.73 6.44
CA ASP A 24 4.47 -5.95 7.36
C ASP A 24 3.14 -5.83 6.65
N VAL A 25 3.04 -6.40 5.46
CA VAL A 25 1.82 -6.36 4.68
C VAL A 25 0.78 -7.33 5.21
N THR A 26 -0.43 -6.84 5.45
CA THR A 26 -1.51 -7.67 5.97
C THR A 26 -2.86 -7.17 5.48
N VAL A 27 -3.78 -8.10 5.24
CA VAL A 27 -5.12 -7.76 4.77
C VAL A 27 -6.19 -8.39 5.66
N VAL A 28 -6.83 -7.57 6.49
CA VAL A 28 -7.87 -8.05 7.39
C VAL A 28 -9.25 -7.61 6.91
N SER A 29 -10.28 -8.21 7.49
CA SER A 29 -11.66 -7.88 7.11
C SER A 29 -12.36 -7.12 8.24
N LYS A 30 -13.45 -6.45 7.91
CA LYS A 30 -14.21 -5.69 8.88
C LYS A 30 -15.42 -6.48 9.37
N GLU A 31 -15.65 -6.46 10.68
CA GLU A 31 -16.77 -7.18 11.27
C GLU A 31 -18.10 -6.55 10.87
N GLY A 32 -18.29 -5.30 11.26
CA GLY A 32 -19.53 -4.60 10.94
C GLY A 32 -19.98 -4.87 9.51
N LYS A 33 -19.03 -4.92 8.59
CA LYS A 33 -19.32 -5.17 7.19
C LYS A 33 -18.32 -6.13 6.57
N PRO A 34 -18.82 -7.17 5.89
CA PRO A 34 -17.98 -8.17 5.24
C PRO A 34 -17.24 -7.61 4.02
N LYS A 35 -17.98 -6.98 3.12
CA LYS A 35 -17.39 -6.40 1.92
C LYS A 35 -16.26 -5.44 2.29
N THR A 36 -16.41 -4.73 3.40
CA THR A 36 -15.40 -3.79 3.85
C THR A 36 -14.18 -4.51 4.42
N ILE A 37 -13.00 -4.01 4.07
CA ILE A 37 -11.76 -4.61 4.54
C ILE A 37 -10.74 -3.54 4.94
N ILE A 38 -9.78 -3.92 5.77
CA ILE A 38 -8.74 -2.99 6.21
C ILE A 38 -7.35 -3.54 5.93
N VAL A 39 -6.59 -2.83 5.10
CA VAL A 39 -5.24 -3.24 4.75
C VAL A 39 -4.21 -2.56 5.65
N ASN A 40 -3.55 -3.35 6.49
CA ASN A 40 -2.53 -2.81 7.40
C ASN A 40 -1.13 -3.13 6.89
N TRP A 41 -0.32 -2.09 6.73
CA TRP A 41 1.05 -2.26 6.26
C TRP A 41 2.00 -1.31 6.97
N GLN A 42 3.26 -1.31 6.54
CA GLN A 42 4.26 -0.43 7.15
C GLN A 42 5.27 0.05 6.09
N PRO A 43 5.99 1.13 6.42
CA PRO A 43 6.98 1.71 5.52
C PRO A 43 8.22 0.81 5.36
N PRO A 44 8.89 0.92 4.21
CA PRO A 44 10.09 0.13 3.92
C PRO A 44 11.28 0.56 4.77
N SER A 45 12.03 -0.43 5.25
CA SER A 45 13.20 -0.15 6.09
C SER A 45 14.08 0.92 5.46
N GLU A 46 14.13 0.92 4.12
CA GLU A 46 14.94 1.89 3.40
C GLU A 46 14.16 3.19 3.18
N ALA A 47 14.22 4.08 4.16
CA ALA A 47 13.52 5.36 4.07
C ALA A 47 14.48 6.48 3.67
N ASN A 48 14.97 6.42 2.44
CA ASN A 48 15.89 7.43 1.93
C ASN A 48 15.15 8.71 1.58
N GLY A 49 14.33 9.18 2.51
CA GLY A 49 13.58 10.40 2.28
C GLY A 49 12.32 10.47 3.12
N LYS A 50 11.60 11.59 3.02
CA LYS A 50 10.37 11.77 3.78
C LYS A 50 9.17 11.28 3.00
N ILE A 51 8.48 10.28 3.56
CA ILE A 51 7.30 9.71 2.91
C ILE A 51 6.16 10.72 2.85
N THR A 52 5.64 10.95 1.66
CA THR A 52 4.55 11.90 1.47
C THR A 52 3.20 11.19 1.48
N GLY A 53 3.19 9.93 1.04
CA GLY A 53 1.96 9.16 1.02
C GLY A 53 2.18 7.75 0.52
N TYR A 54 1.08 7.06 0.22
CA TYR A 54 1.15 5.69 -0.27
C TYR A 54 -0.03 5.38 -1.20
N ILE A 55 0.21 4.48 -2.15
CA ILE A 55 -0.82 4.09 -3.10
C ILE A 55 -1.08 2.59 -3.06
N ILE A 56 -2.34 2.20 -3.20
CA ILE A 56 -2.71 0.79 -3.18
C ILE A 56 -3.42 0.39 -4.47
N TYR A 57 -3.07 -0.77 -5.00
CA TYR A 57 -3.68 -1.27 -6.23
C TYR A 57 -4.33 -2.62 -6.00
N TYR A 58 -5.59 -2.73 -6.44
CA TYR A 58 -6.33 -3.98 -6.28
C TYR A 58 -7.24 -4.23 -7.49
N SER A 59 -7.50 -5.50 -7.78
CA SER A 59 -8.35 -5.86 -8.91
C SER A 59 -8.59 -7.37 -8.93
N THR A 60 -9.62 -7.78 -9.66
CA THR A 60 -9.96 -9.19 -9.77
C THR A 60 -9.11 -9.89 -10.83
N ASP A 61 -7.81 -9.64 -10.77
CA ASP A 61 -6.88 -10.26 -11.72
C ASP A 61 -5.43 -10.10 -11.26
N VAL A 62 -4.66 -11.16 -11.40
CA VAL A 62 -3.26 -11.14 -10.99
C VAL A 62 -2.34 -10.86 -12.18
N ASN A 63 -2.82 -11.14 -13.37
CA ASN A 63 -2.06 -10.91 -14.59
C ASN A 63 -2.45 -9.59 -15.25
N ALA A 64 -3.56 -9.03 -14.81
CA ALA A 64 -4.05 -7.77 -15.36
C ALA A 64 -2.97 -6.70 -15.30
N GLU A 65 -2.78 -6.01 -16.42
CA GLU A 65 -1.77 -4.95 -16.50
C GLU A 65 -1.84 -4.03 -15.29
N ILE A 66 -0.68 -3.72 -14.73
CA ILE A 66 -0.61 -2.85 -13.55
C ILE A 66 -1.57 -1.67 -13.69
N HIS A 67 -1.66 -1.11 -14.89
CA HIS A 67 -2.54 0.02 -15.14
C HIS A 67 -4.00 -0.38 -14.92
N ASP A 68 -4.35 -1.60 -15.31
CA ASP A 68 -5.70 -2.09 -15.15
C ASP A 68 -6.12 -2.08 -13.69
N TRP A 69 -5.15 -2.20 -12.79
CA TRP A 69 -5.42 -2.19 -11.37
C TRP A 69 -5.83 -0.80 -10.89
N VAL A 70 -6.92 -0.73 -10.12
CA VAL A 70 -7.41 0.54 -9.61
C VAL A 70 -6.35 1.24 -8.77
N ILE A 71 -6.39 2.57 -8.77
CA ILE A 71 -5.43 3.36 -8.01
C ILE A 71 -6.07 3.95 -6.76
N GLU A 72 -5.71 3.42 -5.60
CA GLU A 72 -6.25 3.90 -4.33
C GLU A 72 -5.20 4.70 -3.57
N PRO A 73 -5.09 6.00 -3.89
CA PRO A 73 -4.13 6.90 -3.24
C PRO A 73 -4.51 7.19 -1.79
N VAL A 74 -3.51 7.15 -0.91
CA VAL A 74 -3.74 7.40 0.51
C VAL A 74 -3.18 8.78 0.90
N VAL A 75 -4.07 9.69 1.26
CA VAL A 75 -3.66 11.02 1.68
C VAL A 75 -2.97 11.00 3.03
N GLY A 76 -2.14 12.01 3.30
CA GLY A 76 -1.43 12.09 4.56
C GLY A 76 -0.57 10.88 4.81
N ASN A 77 0.17 10.90 5.92
CA ASN A 77 1.06 9.79 6.27
C ASN A 77 0.28 8.66 6.93
N ARG A 78 -0.42 7.88 6.12
CA ARG A 78 -1.22 6.77 6.63
C ARG A 78 -0.63 5.43 6.18
N LEU A 79 -0.79 4.41 7.00
CA LEU A 79 -0.28 3.08 6.68
C LEU A 79 -1.42 2.07 6.57
N THR A 80 -2.65 2.56 6.67
CA THR A 80 -3.83 1.70 6.58
C THR A 80 -4.92 2.35 5.73
N HIS A 81 -5.67 1.52 5.02
CA HIS A 81 -6.75 2.02 4.17
C HIS A 81 -8.01 1.17 4.34
N GLN A 82 -9.16 1.78 4.06
CA GLN A 82 -10.43 1.09 4.19
C GLN A 82 -11.18 1.05 2.86
N ILE A 83 -11.34 -0.14 2.31
CA ILE A 83 -12.04 -0.31 1.03
C ILE A 83 -13.36 -1.02 1.22
N GLN A 84 -14.36 -0.62 0.44
CA GLN A 84 -15.68 -1.23 0.52
C GLN A 84 -16.23 -1.54 -0.87
N GLU A 85 -17.48 -1.98 -0.92
CA GLU A 85 -18.12 -2.31 -2.19
C GLU A 85 -17.40 -3.47 -2.89
N LEU A 86 -16.90 -4.40 -2.09
CA LEU A 86 -16.18 -5.57 -2.61
C LEU A 86 -17.03 -6.83 -2.47
N THR A 87 -16.98 -7.68 -3.49
CA THR A 87 -17.74 -8.93 -3.49
C THR A 87 -17.24 -9.86 -2.39
N LEU A 88 -17.99 -10.93 -2.15
CA LEU A 88 -17.64 -11.91 -1.13
C LEU A 88 -17.06 -13.18 -1.75
N ASP A 89 -16.54 -14.07 -0.92
CA ASP A 89 -15.97 -15.32 -1.39
C ASP A 89 -15.34 -15.14 -2.77
N THR A 90 -14.43 -14.17 -2.88
CA THR A 90 -13.75 -13.90 -4.14
C THR A 90 -12.28 -13.56 -3.91
N PRO A 91 -11.40 -14.20 -4.70
CA PRO A 91 -9.96 -13.98 -4.61
C PRO A 91 -9.54 -12.59 -5.09
N TYR A 92 -9.09 -11.76 -4.17
CA TYR A 92 -8.67 -10.40 -4.50
C TYR A 92 -7.18 -10.21 -4.21
N TYR A 93 -6.51 -9.47 -5.09
CA TYR A 93 -5.08 -9.21 -4.94
C TYR A 93 -4.82 -7.73 -4.65
N PHE A 94 -4.12 -7.47 -3.55
CA PHE A 94 -3.80 -6.09 -3.17
C PHE A 94 -2.32 -5.81 -3.33
N LYS A 95 -1.99 -4.56 -3.63
CA LYS A 95 -0.59 -4.16 -3.82
C LYS A 95 -0.31 -2.84 -3.10
N ILE A 96 0.83 -2.77 -2.42
CA ILE A 96 1.22 -1.58 -1.69
C ILE A 96 2.50 -0.98 -2.26
N GLN A 97 2.68 0.32 -2.07
CA GLN A 97 3.87 1.00 -2.57
C GLN A 97 4.06 2.34 -1.84
N ALA A 98 5.31 2.68 -1.58
CA ALA A 98 5.64 3.93 -0.90
C ALA A 98 6.12 4.99 -1.87
N ARG A 99 5.55 6.18 -1.78
CA ARG A 99 5.91 7.28 -2.67
C ARG A 99 6.21 8.55 -1.86
N ASN A 100 7.22 9.29 -2.28
CA ASN A 100 7.60 10.52 -1.61
C ASN A 100 7.47 11.72 -2.55
N SER A 101 7.74 12.91 -2.02
CA SER A 101 7.65 14.13 -2.81
C SER A 101 8.32 13.95 -4.17
N LYS A 102 9.43 13.21 -4.19
CA LYS A 102 10.16 12.96 -5.42
C LYS A 102 9.30 12.18 -6.41
N GLY A 103 9.09 10.90 -6.13
CA GLY A 103 8.28 10.07 -7.01
C GLY A 103 7.76 8.83 -6.31
N MET A 104 7.62 7.74 -7.07
CA MET A 104 7.13 6.49 -6.52
C MET A 104 8.19 5.39 -6.63
N GLY A 105 8.04 4.36 -5.80
CA GLY A 105 9.00 3.26 -5.82
C GLY A 105 8.45 2.02 -6.50
N PRO A 106 9.14 0.89 -6.33
CA PRO A 106 8.74 -0.39 -6.94
C PRO A 106 7.48 -0.95 -6.29
N MET A 107 6.70 -1.68 -7.08
CA MET A 107 5.46 -2.29 -6.58
C MET A 107 5.75 -3.59 -5.86
N SER A 108 5.10 -3.79 -4.72
CA SER A 108 5.29 -5.00 -3.93
C SER A 108 4.65 -6.20 -4.61
N GLU A 109 4.88 -7.38 -4.05
CA GLU A 109 4.32 -8.61 -4.60
C GLU A 109 2.82 -8.71 -4.32
N ALA A 110 2.05 -9.05 -5.34
CA ALA A 110 0.60 -9.18 -5.20
C ALA A 110 0.24 -9.92 -3.92
N VAL A 111 -0.81 -9.45 -3.25
CA VAL A 111 -1.26 -10.07 -2.01
C VAL A 111 -2.65 -10.69 -2.17
N GLN A 112 -2.68 -12.01 -2.30
CA GLN A 112 -3.93 -12.73 -2.47
C GLN A 112 -4.67 -12.85 -1.15
N PHE A 113 -5.89 -12.33 -1.10
CA PHE A 113 -6.70 -12.38 0.11
C PHE A 113 -8.17 -12.65 -0.22
N ARG A 114 -8.68 -13.78 0.26
CA ARG A 114 -10.06 -14.16 0.00
C ARG A 114 -11.01 -13.34 0.87
N THR A 115 -11.99 -12.71 0.23
CA THR A 115 -12.96 -11.89 0.94
C THR A 115 -13.73 -12.72 1.96
N PRO A 116 -14.19 -12.06 3.04
CA PRO A 116 -14.95 -12.72 4.11
C PRO A 116 -16.34 -13.15 3.65
N LYS A 117 -17.22 -13.44 4.61
CA LYS A 117 -18.58 -13.85 4.31
C LYS A 117 -19.58 -13.16 5.23
N ALA A 118 -20.82 -13.04 4.77
CA ALA A 118 -21.86 -12.39 5.55
C ALA A 118 -22.38 -13.32 6.65
N SER A 119 -21.46 -13.86 7.44
CA SER A 119 -21.82 -14.77 8.52
C SER A 119 -21.01 -14.46 9.78
N GLY A 120 -21.70 -14.01 10.83
CA GLY A 120 -21.03 -13.69 12.07
C GLY A 120 -21.78 -14.22 13.28
N PRO A 121 -21.87 -15.55 13.39
CA PRO A 121 -22.56 -16.21 14.50
C PRO A 121 -21.82 -16.04 15.83
N SER A 122 -22.40 -16.57 16.90
CA SER A 122 -21.78 -16.50 18.22
C SER A 122 -20.30 -16.87 18.16
N SER A 123 -19.48 -16.14 18.90
CA SER A 123 -18.04 -16.39 18.93
C SER A 123 -17.67 -17.28 20.10
N GLY A 124 -17.95 -16.80 21.32
CA GLY A 124 -17.63 -17.56 22.50
C GLY A 124 -18.86 -17.93 23.29
N GLY A 1 36.38 -0.48 -7.44
CA GLY A 1 36.76 0.79 -6.84
C GLY A 1 36.34 0.87 -5.39
N SER A 2 35.96 2.07 -4.96
CA SER A 2 35.54 2.29 -3.57
C SER A 2 34.86 3.65 -3.42
N SER A 3 34.28 3.88 -2.25
CA SER A 3 33.58 5.13 -1.97
C SER A 3 34.47 6.34 -2.30
N GLY A 4 33.85 7.51 -2.42
CA GLY A 4 34.60 8.71 -2.72
C GLY A 4 33.93 9.97 -2.20
N SER A 5 34.51 10.56 -1.16
CA SER A 5 33.95 11.77 -0.56
C SER A 5 34.80 12.99 -0.90
N SER A 6 34.21 13.93 -1.63
CA SER A 6 34.92 15.14 -2.02
C SER A 6 33.94 16.28 -2.28
N GLY A 7 34.11 17.38 -1.53
CA GLY A 7 33.23 18.52 -1.68
C GLY A 7 32.72 19.03 -0.36
N THR A 8 32.69 20.35 -0.20
CA THR A 8 32.21 20.97 1.03
C THR A 8 30.83 21.61 0.83
N ALA A 9 29.81 20.97 1.39
CA ALA A 9 28.44 21.47 1.27
C ALA A 9 27.65 21.22 2.55
N HIS A 10 27.02 22.27 3.07
CA HIS A 10 26.23 22.16 4.29
C HIS A 10 25.53 20.81 4.36
N GLY A 11 25.02 20.35 3.21
CA GLY A 11 24.33 19.08 3.16
C GLY A 11 23.61 18.86 1.85
N THR A 12 22.93 17.73 1.73
CA THR A 12 22.20 17.40 0.51
C THR A 12 20.76 17.90 0.57
N THR A 13 20.45 18.92 -0.22
CA THR A 13 19.11 19.50 -0.24
C THR A 13 18.20 18.70 -1.17
N PHE A 14 18.69 17.57 -1.66
CA PHE A 14 17.92 16.71 -2.55
C PHE A 14 17.44 15.47 -1.82
N GLU A 15 16.43 14.80 -2.39
CA GLU A 15 15.87 13.60 -1.79
C GLU A 15 16.03 12.41 -2.74
N LEU A 16 15.87 11.21 -2.20
CA LEU A 16 15.98 9.99 -3.00
C LEU A 16 14.78 9.08 -2.76
N VAL A 17 13.94 8.95 -3.79
CA VAL A 17 12.76 8.10 -3.71
C VAL A 17 13.09 6.75 -3.08
N PRO A 18 12.09 6.14 -2.43
CA PRO A 18 12.25 4.83 -1.79
C PRO A 18 12.43 3.70 -2.79
N THR A 19 13.64 3.16 -2.87
CA THR A 19 13.94 2.07 -3.80
C THR A 19 13.68 0.72 -3.15
N SER A 20 12.98 0.74 -2.02
CA SER A 20 12.67 -0.50 -1.30
C SER A 20 11.16 -0.60 -1.05
N PRO A 21 10.62 -1.82 -1.23
CA PRO A 21 9.19 -2.09 -1.03
C PRO A 21 8.79 -2.02 0.44
N PRO A 22 7.48 -2.03 0.70
CA PRO A 22 6.94 -1.97 2.07
C PRO A 22 7.20 -3.25 2.85
N LYS A 23 6.69 -3.31 4.07
CA LYS A 23 6.88 -4.47 4.93
C LYS A 23 5.66 -4.67 5.84
N ASP A 24 5.63 -5.80 6.54
CA ASP A 24 4.53 -6.11 7.44
C ASP A 24 3.19 -5.84 6.78
N VAL A 25 2.98 -6.43 5.60
CA VAL A 25 1.75 -6.26 4.86
C VAL A 25 0.68 -7.24 5.32
N THR A 26 -0.37 -6.72 5.96
CA THR A 26 -1.45 -7.57 6.45
C THR A 26 -2.80 -7.08 5.93
N VAL A 27 -3.73 -8.01 5.74
CA VAL A 27 -5.06 -7.68 5.25
C VAL A 27 -6.14 -8.36 6.08
N VAL A 28 -6.98 -7.56 6.74
CA VAL A 28 -8.05 -8.08 7.56
C VAL A 28 -9.42 -7.60 7.07
N SER A 29 -10.47 -8.11 7.69
CA SER A 29 -11.83 -7.74 7.30
C SER A 29 -12.57 -7.10 8.48
N LYS A 30 -13.45 -6.15 8.19
CA LYS A 30 -14.22 -5.47 9.21
C LYS A 30 -15.04 -6.47 10.03
N GLU A 31 -15.36 -6.09 11.26
CA GLU A 31 -16.15 -6.96 12.13
C GLU A 31 -17.64 -6.70 11.94
N GLY A 32 -17.97 -5.68 11.16
CA GLY A 32 -19.36 -5.35 10.91
C GLY A 32 -19.64 -5.06 9.45
N LYS A 33 -18.65 -5.34 8.60
CA LYS A 33 -18.80 -5.11 7.16
C LYS A 33 -17.87 -6.03 6.37
N PRO A 34 -18.46 -7.07 5.75
CA PRO A 34 -17.70 -8.04 4.95
C PRO A 34 -17.18 -7.44 3.65
N LYS A 35 -18.00 -6.63 3.00
CA LYS A 35 -17.61 -5.99 1.75
C LYS A 35 -16.50 -4.97 1.98
N THR A 36 -16.19 -4.71 3.24
CA THR A 36 -15.15 -3.76 3.60
C THR A 36 -13.98 -4.46 4.27
N ILE A 37 -12.76 -4.06 3.90
CA ILE A 37 -11.55 -4.66 4.47
C ILE A 37 -10.52 -3.58 4.82
N ILE A 38 -9.64 -3.90 5.74
CA ILE A 38 -8.60 -2.97 6.16
C ILE A 38 -7.21 -3.52 5.88
N VAL A 39 -6.45 -2.83 5.05
CA VAL A 39 -5.10 -3.24 4.70
C VAL A 39 -4.06 -2.49 5.51
N ASN A 40 -3.48 -3.17 6.50
CA ASN A 40 -2.46 -2.56 7.35
C ASN A 40 -1.06 -2.92 6.86
N TRP A 41 -0.24 -1.90 6.63
CA TRP A 41 1.12 -2.11 6.17
C TRP A 41 2.11 -1.23 6.95
N GLN A 42 3.38 -1.29 6.58
CA GLN A 42 4.41 -0.49 7.23
C GLN A 42 5.47 -0.05 6.24
N PRO A 43 5.97 1.18 6.41
CA PRO A 43 7.00 1.75 5.53
C PRO A 43 8.35 1.07 5.71
N PRO A 44 9.25 1.28 4.74
CA PRO A 44 10.59 0.69 4.76
C PRO A 44 11.48 1.32 5.83
N SER A 45 12.51 0.58 6.25
CA SER A 45 13.42 1.06 7.28
C SER A 45 14.47 1.99 6.68
N GLU A 46 14.21 2.45 5.45
CA GLU A 46 15.13 3.34 4.77
C GLU A 46 14.54 4.75 4.64
N ALA A 47 13.31 4.83 4.12
CA ALA A 47 12.64 6.10 3.95
C ALA A 47 13.63 7.21 3.63
N ASN A 48 14.55 6.94 2.72
CA ASN A 48 15.56 7.91 2.32
C ASN A 48 14.97 9.31 2.30
N GLY A 49 13.68 9.41 2.00
CA GLY A 49 13.03 10.71 1.96
C GLY A 49 11.71 10.71 2.70
N LYS A 50 11.20 11.90 2.99
CA LYS A 50 9.94 12.04 3.70
C LYS A 50 8.78 11.45 2.90
N ILE A 51 8.17 10.40 3.43
CA ILE A 51 7.06 9.74 2.76
C ILE A 51 5.81 10.61 2.78
N THR A 52 5.37 11.03 1.60
CA THR A 52 4.18 11.87 1.47
C THR A 52 2.91 11.05 1.55
N GLY A 53 3.00 9.77 1.17
CA GLY A 53 1.86 8.89 1.22
C GLY A 53 2.12 7.55 0.56
N TYR A 54 1.06 6.81 0.28
CA TYR A 54 1.19 5.50 -0.34
C TYR A 54 0.00 5.20 -1.25
N ILE A 55 0.23 4.36 -2.26
CA ILE A 55 -0.83 4.00 -3.20
C ILE A 55 -1.09 2.50 -3.17
N ILE A 56 -2.35 2.12 -3.34
CA ILE A 56 -2.74 0.71 -3.34
C ILE A 56 -3.46 0.34 -4.64
N TYR A 57 -3.05 -0.78 -5.23
CA TYR A 57 -3.65 -1.24 -6.47
C TYR A 57 -4.34 -2.59 -6.27
N TYR A 58 -5.66 -2.61 -6.41
CA TYR A 58 -6.43 -3.83 -6.25
C TYR A 58 -7.22 -4.16 -7.51
N SER A 59 -7.34 -5.45 -7.81
CA SER A 59 -8.06 -5.89 -8.99
C SER A 59 -8.28 -7.40 -8.96
N THR A 60 -9.38 -7.85 -9.54
CA THR A 60 -9.71 -9.27 -9.58
C THR A 60 -8.69 -10.04 -10.41
N ASP A 61 -8.05 -9.35 -11.35
CA ASP A 61 -7.04 -9.97 -12.20
C ASP A 61 -5.65 -9.83 -11.59
N VAL A 62 -4.86 -10.90 -11.66
CA VAL A 62 -3.51 -10.89 -11.12
C VAL A 62 -2.48 -10.67 -12.22
N ASN A 63 -2.93 -10.76 -13.47
CA ASN A 63 -2.04 -10.58 -14.61
C ASN A 63 -2.37 -9.27 -15.34
N ALA A 64 -3.59 -8.79 -15.16
CA ALA A 64 -4.02 -7.55 -15.80
C ALA A 64 -2.95 -6.47 -15.69
N GLU A 65 -2.69 -5.79 -16.79
CA GLU A 65 -1.68 -4.72 -16.81
C GLU A 65 -1.86 -3.79 -15.62
N ILE A 66 -0.77 -3.57 -14.87
CA ILE A 66 -0.81 -2.69 -13.71
C ILE A 66 -1.63 -1.45 -13.99
N HIS A 67 -1.73 -1.08 -15.26
CA HIS A 67 -2.50 0.10 -15.65
C HIS A 67 -3.99 -0.13 -15.46
N ASP A 68 -4.46 -1.31 -15.87
CA ASP A 68 -5.87 -1.66 -15.74
C ASP A 68 -6.31 -1.64 -14.28
N TRP A 69 -5.37 -1.94 -13.39
CA TRP A 69 -5.66 -1.95 -11.95
C TRP A 69 -6.11 -0.58 -11.47
N VAL A 70 -6.88 -0.56 -10.40
CA VAL A 70 -7.38 0.69 -9.84
C VAL A 70 -6.33 1.37 -8.97
N ILE A 71 -6.43 2.68 -8.82
CA ILE A 71 -5.49 3.45 -8.02
C ILE A 71 -6.14 3.96 -6.74
N GLU A 72 -5.70 3.41 -5.60
CA GLU A 72 -6.24 3.80 -4.31
C GLU A 72 -5.23 4.63 -3.53
N PRO A 73 -5.23 5.95 -3.77
CA PRO A 73 -4.32 6.89 -3.11
C PRO A 73 -4.65 7.05 -1.63
N VAL A 74 -3.63 6.94 -0.78
CA VAL A 74 -3.82 7.08 0.66
C VAL A 74 -3.22 8.39 1.16
N VAL A 75 -4.08 9.40 1.32
CA VAL A 75 -3.65 10.71 1.80
C VAL A 75 -2.86 10.59 3.10
N GLY A 76 -2.20 11.68 3.49
CA GLY A 76 -1.42 11.67 4.71
C GLY A 76 -0.45 10.51 4.77
N ASN A 77 0.24 10.38 5.90
CA ASN A 77 1.21 9.30 6.08
C ASN A 77 0.53 8.04 6.62
N ARG A 78 -0.75 7.90 6.34
CA ARG A 78 -1.51 6.74 6.80
C ARG A 78 -0.83 5.44 6.40
N LEU A 79 -0.92 4.44 7.27
CA LEU A 79 -0.31 3.14 7.00
C LEU A 79 -1.38 2.07 6.79
N THR A 80 -2.64 2.48 6.81
CA THR A 80 -3.74 1.56 6.62
C THR A 80 -4.82 2.16 5.73
N HIS A 81 -5.52 1.31 4.98
CA HIS A 81 -6.58 1.77 4.09
C HIS A 81 -7.88 1.05 4.39
N GLN A 82 -9.00 1.69 4.06
CA GLN A 82 -10.31 1.11 4.29
C GLN A 82 -11.13 1.08 3.01
N ILE A 83 -11.12 -0.07 2.33
CA ILE A 83 -11.87 -0.22 1.08
C ILE A 83 -13.24 -0.83 1.34
N GLN A 84 -14.22 -0.41 0.55
CA GLN A 84 -15.58 -0.89 0.67
C GLN A 84 -16.19 -1.19 -0.69
N GLU A 85 -17.41 -1.72 -0.69
CA GLU A 85 -18.11 -2.05 -1.92
C GLU A 85 -17.30 -3.04 -2.75
N LEU A 86 -16.94 -4.16 -2.13
CA LEU A 86 -16.16 -5.20 -2.82
C LEU A 86 -16.95 -6.49 -2.93
N THR A 87 -16.51 -7.36 -3.83
CA THR A 87 -17.19 -8.64 -4.05
C THR A 87 -16.76 -9.66 -3.00
N LEU A 88 -17.64 -10.62 -2.72
CA LEU A 88 -17.36 -11.66 -1.74
C LEU A 88 -17.07 -12.99 -2.42
N ASP A 89 -16.62 -13.96 -1.64
CA ASP A 89 -16.30 -15.28 -2.16
C ASP A 89 -15.49 -15.18 -3.45
N THR A 90 -14.53 -14.25 -3.47
CA THR A 90 -13.68 -14.04 -4.64
C THR A 90 -12.29 -13.60 -4.23
N PRO A 91 -11.27 -14.25 -4.80
CA PRO A 91 -9.86 -13.95 -4.50
C PRO A 91 -9.44 -12.60 -5.07
N TYR A 92 -9.19 -11.64 -4.19
CA TYR A 92 -8.78 -10.31 -4.61
C TYR A 92 -7.29 -10.08 -4.34
N TYR A 93 -6.62 -9.40 -5.26
CA TYR A 93 -5.20 -9.13 -5.13
C TYR A 93 -4.96 -7.67 -4.75
N PHE A 94 -4.01 -7.44 -3.86
CA PHE A 94 -3.67 -6.09 -3.42
C PHE A 94 -2.18 -5.82 -3.56
N LYS A 95 -1.83 -4.57 -3.82
CA LYS A 95 -0.43 -4.17 -3.96
C LYS A 95 -0.17 -2.81 -3.32
N ILE A 96 0.84 -2.76 -2.46
CA ILE A 96 1.18 -1.52 -1.78
C ILE A 96 2.51 -0.97 -2.29
N GLN A 97 2.67 0.35 -2.18
CA GLN A 97 3.89 1.00 -2.64
C GLN A 97 4.09 2.34 -1.91
N ALA A 98 5.34 2.61 -1.55
CA ALA A 98 5.67 3.85 -0.85
C ALA A 98 6.26 4.88 -1.81
N ARG A 99 5.69 6.08 -1.80
CA ARG A 99 6.17 7.15 -2.68
C ARG A 99 6.29 8.46 -1.91
N ASN A 100 7.17 9.34 -2.38
CA ASN A 100 7.38 10.63 -1.74
C ASN A 100 7.13 11.77 -2.71
N SER A 101 7.35 13.00 -2.25
CA SER A 101 7.15 14.18 -3.08
C SER A 101 7.82 14.01 -4.44
N LYS A 102 8.99 13.36 -4.45
CA LYS A 102 9.71 13.13 -5.68
C LYS A 102 8.99 12.13 -6.57
N GLY A 103 9.00 10.87 -6.18
CA GLY A 103 8.32 9.84 -6.96
C GLY A 103 7.99 8.61 -6.13
N MET A 104 7.59 7.54 -6.80
CA MET A 104 7.25 6.29 -6.13
C MET A 104 8.36 5.26 -6.28
N GLY A 105 8.25 4.16 -5.54
CA GLY A 105 9.25 3.12 -5.61
C GLY A 105 8.73 1.84 -6.22
N PRO A 106 9.37 0.71 -5.91
CA PRO A 106 8.97 -0.61 -6.42
C PRO A 106 7.65 -1.08 -5.84
N MET A 107 6.92 -1.88 -6.62
CA MET A 107 5.64 -2.41 -6.18
C MET A 107 5.80 -3.77 -5.54
N SER A 108 5.07 -4.01 -4.46
CA SER A 108 5.13 -5.27 -3.75
C SER A 108 4.37 -6.37 -4.50
N GLU A 109 4.58 -7.61 -4.10
CA GLU A 109 3.91 -8.74 -4.75
C GLU A 109 2.40 -8.66 -4.54
N ALA A 110 1.66 -9.33 -5.42
CA ALA A 110 0.20 -9.34 -5.33
C ALA A 110 -0.27 -10.17 -4.14
N VAL A 111 -0.84 -9.50 -3.15
CA VAL A 111 -1.34 -10.17 -1.95
C VAL A 111 -2.75 -10.72 -2.17
N GLN A 112 -2.83 -12.03 -2.39
CA GLN A 112 -4.12 -12.68 -2.63
C GLN A 112 -4.88 -12.85 -1.31
N PHE A 113 -5.99 -12.13 -1.18
CA PHE A 113 -6.81 -12.20 0.02
C PHE A 113 -8.27 -12.50 -0.32
N ARG A 114 -8.76 -13.64 0.16
CA ARG A 114 -10.14 -14.04 -0.10
C ARG A 114 -11.11 -13.18 0.69
N THR A 115 -12.15 -12.70 0.01
CA THR A 115 -13.16 -11.87 0.65
C THR A 115 -14.05 -12.68 1.58
N PRO A 116 -14.56 -12.04 2.64
CA PRO A 116 -15.43 -12.69 3.62
C PRO A 116 -16.81 -13.02 3.04
N LYS A 117 -17.76 -13.29 3.93
CA LYS A 117 -19.11 -13.63 3.51
C LYS A 117 -20.14 -13.02 4.45
N ALA A 118 -21.35 -12.80 3.94
CA ALA A 118 -22.42 -12.22 4.73
C ALA A 118 -23.12 -13.29 5.57
N SER A 119 -23.29 -13.02 6.86
CA SER A 119 -23.94 -13.94 7.77
C SER A 119 -24.95 -13.23 8.65
N GLY A 120 -26.10 -13.87 8.86
CA GLY A 120 -27.13 -13.27 9.69
C GLY A 120 -26.86 -13.45 11.17
N PRO A 121 -27.18 -14.63 11.71
CA PRO A 121 -26.98 -14.95 13.13
C PRO A 121 -25.50 -15.09 13.48
N SER A 122 -24.88 -13.98 13.85
CA SER A 122 -23.47 -13.98 14.22
C SER A 122 -23.28 -13.70 15.70
N SER A 123 -22.62 -14.62 16.40
CA SER A 123 -22.39 -14.48 17.82
C SER A 123 -21.72 -13.15 18.13
N GLY A 124 -22.00 -12.61 19.32
CA GLY A 124 -21.42 -11.34 19.71
C GLY A 124 -20.01 -11.16 19.19
N GLY A 1 15.77 -0.11 -24.88
CA GLY A 1 15.87 1.34 -25.02
C GLY A 1 16.77 1.96 -23.98
N SER A 2 17.47 3.03 -24.36
CA SER A 2 18.38 3.71 -23.45
C SER A 2 18.29 5.22 -23.63
N SER A 3 18.46 5.95 -22.53
CA SER A 3 18.38 7.41 -22.55
C SER A 3 19.51 8.02 -21.73
N GLY A 4 20.00 9.17 -22.17
CA GLY A 4 21.07 9.85 -21.45
C GLY A 4 21.49 11.15 -22.11
N SER A 5 20.58 12.12 -22.09
CA SER A 5 20.86 13.42 -22.71
C SER A 5 21.86 14.22 -21.86
N SER A 6 22.30 15.35 -22.40
CA SER A 6 23.26 16.20 -21.70
C SER A 6 22.72 17.62 -21.55
N GLY A 7 23.07 18.27 -20.44
CA GLY A 7 22.61 19.62 -20.20
C GLY A 7 21.66 19.71 -19.02
N THR A 8 21.36 20.94 -18.59
CA THR A 8 20.47 21.15 -17.46
C THR A 8 19.36 20.10 -17.42
N ALA A 9 19.04 19.64 -16.22
CA ALA A 9 18.00 18.64 -16.04
C ALA A 9 16.96 19.09 -15.02
N HIS A 10 15.92 18.28 -14.82
CA HIS A 10 14.87 18.60 -13.87
C HIS A 10 14.38 17.34 -13.15
N GLY A 11 13.67 17.54 -12.05
CA GLY A 11 13.17 16.41 -11.29
C GLY A 11 14.09 16.01 -10.16
N THR A 12 14.43 14.73 -10.10
CA THR A 12 15.31 14.22 -9.05
C THR A 12 16.71 14.84 -9.16
N THR A 13 16.98 15.82 -8.32
CA THR A 13 18.27 16.50 -8.32
C THR A 13 19.07 16.16 -7.07
N PHE A 14 18.41 16.23 -5.92
CA PHE A 14 19.06 15.93 -4.64
C PHE A 14 18.17 15.04 -3.77
N GLU A 15 17.45 14.13 -4.41
CA GLU A 15 16.56 13.22 -3.71
C GLU A 15 16.47 11.87 -4.42
N LEU A 16 16.48 10.80 -3.65
CA LEU A 16 16.39 9.45 -4.21
C LEU A 16 15.11 8.76 -3.76
N VAL A 17 14.27 8.42 -4.73
CA VAL A 17 13.00 7.75 -4.45
C VAL A 17 13.23 6.45 -3.69
N PRO A 18 12.21 6.03 -2.92
CA PRO A 18 12.27 4.80 -2.13
C PRO A 18 12.26 3.55 -3.00
N THR A 19 13.45 3.01 -3.28
CA THR A 19 13.57 1.82 -4.09
C THR A 19 13.34 0.56 -3.27
N SER A 20 12.71 0.72 -2.12
CA SER A 20 12.42 -0.42 -1.23
C SER A 20 10.93 -0.52 -0.94
N PRO A 21 10.39 -1.74 -1.07
CA PRO A 21 8.96 -2.01 -0.83
C PRO A 21 8.60 -1.89 0.64
N PRO A 22 7.29 -1.77 0.92
CA PRO A 22 6.78 -1.65 2.29
C PRO A 22 6.93 -2.94 3.08
N LYS A 23 6.57 -2.88 4.36
CA LYS A 23 6.67 -4.06 5.23
C LYS A 23 5.37 -4.26 6.01
N ASP A 24 5.33 -5.33 6.80
CA ASP A 24 4.14 -5.64 7.60
C ASP A 24 2.89 -5.62 6.74
N VAL A 25 3.02 -6.10 5.50
CA VAL A 25 1.90 -6.15 4.57
C VAL A 25 0.85 -7.15 5.03
N THR A 26 -0.26 -6.64 5.57
CA THR A 26 -1.34 -7.51 6.04
C THR A 26 -2.69 -7.01 5.56
N VAL A 27 -3.61 -7.93 5.32
CA VAL A 27 -4.94 -7.59 4.85
C VAL A 27 -6.02 -8.20 5.74
N VAL A 28 -6.73 -7.35 6.47
CA VAL A 28 -7.78 -7.80 7.36
C VAL A 28 -9.15 -7.35 6.88
N SER A 29 -10.20 -7.94 7.44
CA SER A 29 -11.57 -7.59 7.06
C SER A 29 -12.28 -6.85 8.19
N LYS A 30 -13.42 -6.26 7.87
CA LYS A 30 -14.20 -5.51 8.86
C LYS A 30 -15.38 -6.35 9.36
N GLU A 31 -15.60 -6.30 10.67
CA GLU A 31 -16.69 -7.05 11.28
C GLU A 31 -18.05 -6.48 10.86
N GLY A 32 -18.30 -5.23 11.23
CA GLY A 32 -19.55 -4.59 10.90
C GLY A 32 -19.96 -4.83 9.46
N LYS A 33 -18.97 -4.84 8.56
CA LYS A 33 -19.23 -5.07 7.14
C LYS A 33 -18.20 -6.03 6.55
N PRO A 34 -18.69 -7.06 5.85
CA PRO A 34 -17.83 -8.06 5.22
C PRO A 34 -17.06 -7.50 4.03
N LYS A 35 -17.76 -6.82 3.14
CA LYS A 35 -17.15 -6.22 1.95
C LYS A 35 -15.99 -5.31 2.34
N THR A 36 -16.20 -4.52 3.40
CA THR A 36 -15.18 -3.60 3.88
C THR A 36 -13.99 -4.35 4.45
N ILE A 37 -12.79 -3.93 4.09
CA ILE A 37 -11.57 -4.55 4.58
C ILE A 37 -10.50 -3.52 4.90
N ILE A 38 -9.66 -3.84 5.87
CA ILE A 38 -8.58 -2.93 6.28
C ILE A 38 -7.21 -3.53 5.98
N VAL A 39 -6.41 -2.81 5.22
CA VAL A 39 -5.07 -3.27 4.87
C VAL A 39 -4.00 -2.49 5.62
N ASN A 40 -3.26 -3.18 6.48
CA ASN A 40 -2.21 -2.54 7.27
C ASN A 40 -0.84 -2.76 6.61
N TRP A 41 0.12 -1.95 7.02
CA TRP A 41 1.48 -2.05 6.48
C TRP A 41 2.43 -1.09 7.20
N GLN A 42 3.67 -1.03 6.73
CA GLN A 42 4.66 -0.17 7.33
C GLN A 42 5.64 0.35 6.28
N PRO A 43 6.31 1.47 6.58
CA PRO A 43 7.28 2.08 5.68
C PRO A 43 8.56 1.26 5.55
N PRO A 44 9.23 1.38 4.40
CA PRO A 44 10.46 0.65 4.12
C PRO A 44 11.63 1.15 4.96
N SER A 45 12.38 0.22 5.55
CA SER A 45 13.52 0.57 6.39
C SER A 45 14.39 1.61 5.71
N GLU A 46 14.55 1.48 4.39
CA GLU A 46 15.36 2.42 3.63
C GLU A 46 14.52 3.58 3.11
N ALA A 47 14.48 4.66 3.88
CA ALA A 47 13.71 5.84 3.50
C ALA A 47 14.62 6.94 2.95
N ASN A 48 15.23 6.65 1.80
CA ASN A 48 16.13 7.61 1.16
C ASN A 48 15.63 9.04 1.35
N GLY A 49 14.32 9.21 1.24
CA GLY A 49 13.72 10.53 1.40
C GLY A 49 12.61 10.55 2.43
N LYS A 50 11.56 11.33 2.15
CA LYS A 50 10.43 11.43 3.06
C LYS A 50 9.17 10.86 2.40
N ILE A 51 8.48 9.98 3.13
CA ILE A 51 7.26 9.38 2.63
C ILE A 51 6.07 10.32 2.78
N THR A 52 5.56 10.81 1.65
CA THR A 52 4.43 11.73 1.66
C THR A 52 3.10 10.95 1.73
N GLY A 53 3.06 9.83 1.02
CA GLY A 53 1.85 9.03 1.01
C GLY A 53 2.08 7.64 0.45
N TYR A 54 1.01 6.86 0.30
CA TYR A 54 1.11 5.51 -0.21
C TYR A 54 -0.04 5.21 -1.18
N ILE A 55 0.24 4.36 -2.17
CA ILE A 55 -0.77 3.99 -3.15
C ILE A 55 -1.05 2.50 -3.12
N ILE A 56 -2.32 2.13 -3.26
CA ILE A 56 -2.72 0.73 -3.24
C ILE A 56 -3.38 0.33 -4.56
N TYR A 57 -2.96 -0.81 -5.10
CA TYR A 57 -3.51 -1.31 -6.35
C TYR A 57 -4.18 -2.65 -6.17
N TYR A 58 -5.41 -2.78 -6.67
CA TYR A 58 -6.16 -4.03 -6.55
C TYR A 58 -7.07 -4.23 -7.76
N SER A 59 -7.28 -5.48 -8.13
CA SER A 59 -8.12 -5.82 -9.27
C SER A 59 -8.32 -7.33 -9.39
N THR A 60 -9.57 -7.75 -9.57
CA THR A 60 -9.88 -9.17 -9.69
C THR A 60 -8.88 -9.87 -10.59
N ASP A 61 -8.40 -9.17 -11.61
CA ASP A 61 -7.44 -9.74 -12.54
C ASP A 61 -6.01 -9.45 -12.08
N VAL A 62 -5.18 -10.49 -12.06
CA VAL A 62 -3.79 -10.34 -11.65
C VAL A 62 -2.87 -10.15 -12.85
N ASN A 63 -3.31 -10.63 -14.00
CA ASN A 63 -2.53 -10.51 -15.23
C ASN A 63 -2.79 -9.16 -15.91
N ALA A 64 -3.87 -8.50 -15.50
CA ALA A 64 -4.22 -7.20 -16.07
C ALA A 64 -3.06 -6.22 -15.96
N GLU A 65 -2.99 -5.29 -16.91
CA GLU A 65 -1.92 -4.30 -16.91
C GLU A 65 -2.00 -3.41 -15.68
N ILE A 66 -0.85 -3.17 -15.05
CA ILE A 66 -0.78 -2.34 -13.85
C ILE A 66 -1.72 -1.15 -13.96
N HIS A 67 -1.97 -0.71 -15.20
CA HIS A 67 -2.86 0.42 -15.43
C HIS A 67 -4.29 0.06 -15.10
N ASP A 68 -4.73 -1.11 -15.55
CA ASP A 68 -6.10 -1.57 -15.30
C ASP A 68 -6.39 -1.59 -13.80
N TRP A 69 -5.33 -1.71 -13.00
CA TRP A 69 -5.49 -1.76 -11.55
C TRP A 69 -5.91 -0.40 -11.01
N VAL A 70 -6.91 -0.40 -10.13
CA VAL A 70 -7.42 0.82 -9.54
C VAL A 70 -6.36 1.48 -8.67
N ILE A 71 -6.37 2.81 -8.64
CA ILE A 71 -5.41 3.56 -7.83
C ILE A 71 -6.05 4.10 -6.56
N GLU A 72 -5.67 3.53 -5.42
CA GLU A 72 -6.21 3.96 -4.14
C GLU A 72 -5.18 4.75 -3.35
N PRO A 73 -5.09 6.06 -3.62
CA PRO A 73 -4.14 6.95 -2.94
C PRO A 73 -4.50 7.18 -1.48
N VAL A 74 -3.53 7.04 -0.59
CA VAL A 74 -3.74 7.24 0.83
C VAL A 74 -3.12 8.55 1.31
N VAL A 75 -3.98 9.52 1.63
CA VAL A 75 -3.52 10.81 2.10
C VAL A 75 -2.80 10.69 3.44
N GLY A 76 -1.97 11.68 3.74
CA GLY A 76 -1.22 11.66 4.99
C GLY A 76 -0.32 10.45 5.12
N ASN A 77 0.37 10.34 6.25
CA ASN A 77 1.26 9.22 6.50
C ASN A 77 0.51 8.03 7.07
N ARG A 78 -0.66 7.75 6.51
CA ARG A 78 -1.48 6.63 6.97
C ARG A 78 -0.90 5.30 6.53
N LEU A 79 -0.90 4.33 7.44
CA LEU A 79 -0.36 3.01 7.13
C LEU A 79 -1.49 1.99 6.96
N THR A 80 -2.72 2.49 6.94
CA THR A 80 -3.89 1.62 6.78
C THR A 80 -4.88 2.22 5.78
N HIS A 81 -5.67 1.37 5.15
CA HIS A 81 -6.67 1.81 4.18
C HIS A 81 -7.95 1.00 4.32
N GLN A 82 -9.08 1.64 4.00
CA GLN A 82 -10.37 0.97 4.09
C GLN A 82 -11.00 0.82 2.70
N ILE A 83 -10.98 -0.40 2.19
CA ILE A 83 -11.54 -0.68 0.87
C ILE A 83 -12.85 -1.45 0.99
N GLN A 84 -13.95 -0.81 0.62
CA GLN A 84 -15.27 -1.44 0.69
C GLN A 84 -15.89 -1.53 -0.70
N GLU A 85 -17.13 -2.01 -0.75
CA GLU A 85 -17.84 -2.15 -2.02
C GLU A 85 -17.14 -3.15 -2.93
N LEU A 86 -16.80 -4.31 -2.38
CA LEU A 86 -16.12 -5.35 -3.14
C LEU A 86 -16.95 -6.63 -3.19
N THR A 87 -16.56 -7.55 -4.06
CA THR A 87 -17.27 -8.82 -4.19
C THR A 87 -16.89 -9.79 -3.09
N LEU A 88 -17.83 -10.67 -2.73
CA LEU A 88 -17.58 -11.65 -1.68
C LEU A 88 -17.24 -13.01 -2.27
N ASP A 89 -16.71 -13.90 -1.45
CA ASP A 89 -16.34 -15.23 -1.89
C ASP A 89 -15.60 -15.18 -3.22
N THR A 90 -14.67 -14.23 -3.34
CA THR A 90 -13.90 -14.08 -4.56
C THR A 90 -12.46 -13.68 -4.25
N PRO A 91 -11.51 -14.30 -4.97
CA PRO A 91 -10.08 -14.03 -4.78
C PRO A 91 -9.69 -12.65 -5.29
N TYR A 92 -9.13 -11.84 -4.39
CA TYR A 92 -8.71 -10.49 -4.74
C TYR A 92 -7.23 -10.29 -4.46
N TYR A 93 -6.55 -9.54 -5.33
CA TYR A 93 -5.13 -9.27 -5.18
C TYR A 93 -4.89 -7.80 -4.90
N PHE A 94 -4.18 -7.53 -3.80
CA PHE A 94 -3.87 -6.15 -3.42
C PHE A 94 -2.36 -5.91 -3.44
N LYS A 95 -1.97 -4.67 -3.71
CA LYS A 95 -0.56 -4.30 -3.75
C LYS A 95 -0.33 -2.93 -3.14
N ILE A 96 0.61 -2.86 -2.19
CA ILE A 96 0.92 -1.59 -1.53
C ILE A 96 2.26 -1.05 -1.99
N GLN A 97 2.36 0.27 -2.08
CA GLN A 97 3.60 0.92 -2.50
C GLN A 97 3.84 2.20 -1.73
N ALA A 98 5.10 2.60 -1.61
CA ALA A 98 5.46 3.81 -0.89
C ALA A 98 5.97 4.89 -1.86
N ARG A 99 5.25 6.00 -1.92
CA ARG A 99 5.64 7.11 -2.81
C ARG A 99 5.97 8.35 -1.99
N ASN A 100 6.88 9.17 -2.53
CA ASN A 100 7.29 10.40 -1.86
C ASN A 100 7.04 11.61 -2.75
N SER A 101 7.46 12.78 -2.27
CA SER A 101 7.29 14.02 -3.01
C SER A 101 7.88 13.89 -4.42
N LYS A 102 8.93 13.10 -4.54
CA LYS A 102 9.59 12.89 -5.83
C LYS A 102 8.75 11.99 -6.73
N GLY A 103 8.67 10.71 -6.37
CA GLY A 103 7.89 9.77 -7.16
C GLY A 103 7.49 8.54 -6.36
N MET A 104 7.13 7.47 -7.08
CA MET A 104 6.72 6.24 -6.43
C MET A 104 7.83 5.19 -6.50
N GLY A 105 7.81 4.23 -5.58
CA GLY A 105 8.82 3.19 -5.57
C GLY A 105 8.31 1.87 -6.13
N PRO A 106 8.97 0.78 -5.76
CA PRO A 106 8.59 -0.57 -6.23
C PRO A 106 7.27 -1.03 -5.63
N MET A 107 6.67 -2.05 -6.25
CA MET A 107 5.40 -2.60 -5.77
C MET A 107 5.60 -3.96 -5.15
N SER A 108 4.80 -4.26 -4.13
CA SER A 108 4.88 -5.54 -3.43
C SER A 108 4.21 -6.64 -4.24
N GLU A 109 4.30 -7.88 -3.73
CA GLU A 109 3.70 -9.02 -4.41
C GLU A 109 2.18 -9.00 -4.27
N ALA A 110 1.50 -9.60 -5.24
CA ALA A 110 0.05 -9.64 -5.24
C ALA A 110 -0.48 -10.43 -4.04
N VAL A 111 -1.06 -9.73 -3.07
CA VAL A 111 -1.59 -10.36 -1.88
C VAL A 111 -2.98 -10.93 -2.13
N GLN A 112 -3.06 -12.23 -2.34
CA GLN A 112 -4.33 -12.90 -2.59
C GLN A 112 -5.12 -13.06 -1.30
N PHE A 113 -6.10 -12.19 -1.09
CA PHE A 113 -6.93 -12.24 0.11
C PHE A 113 -8.37 -12.58 -0.24
N ARG A 114 -8.82 -13.75 0.20
CA ARG A 114 -10.19 -14.20 -0.08
C ARG A 114 -11.20 -13.39 0.74
N THR A 115 -12.07 -12.66 0.05
CA THR A 115 -13.08 -11.85 0.72
C THR A 115 -13.92 -12.69 1.68
N PRO A 116 -14.36 -12.06 2.78
CA PRO A 116 -15.17 -12.73 3.80
C PRO A 116 -16.57 -13.06 3.29
N LYS A 117 -17.48 -13.35 4.23
CA LYS A 117 -18.86 -13.68 3.88
C LYS A 117 -19.83 -13.08 4.89
N ALA A 118 -21.07 -12.87 4.46
CA ALA A 118 -22.10 -12.29 5.32
C ALA A 118 -22.59 -13.33 6.33
N SER A 119 -22.27 -13.11 7.60
CA SER A 119 -22.67 -14.03 8.66
C SER A 119 -23.46 -13.29 9.73
N GLY A 120 -23.97 -14.04 10.70
CA GLY A 120 -24.74 -13.44 11.79
C GLY A 120 -23.86 -12.87 12.88
N PRO A 121 -24.15 -11.63 13.28
CA PRO A 121 -23.39 -10.93 14.32
C PRO A 121 -23.62 -11.54 15.70
N SER A 122 -22.66 -12.34 16.16
CA SER A 122 -22.76 -12.99 17.47
C SER A 122 -21.94 -12.23 18.51
N SER A 123 -22.14 -12.58 19.78
CA SER A 123 -21.42 -11.94 20.87
C SER A 123 -19.94 -12.31 20.84
N GLY A 124 -19.10 -11.35 20.51
CA GLY A 124 -17.66 -11.60 20.46
C GLY A 124 -16.85 -10.39 20.86
N GLY A 1 39.53 12.26 16.66
CA GLY A 1 38.66 11.11 16.82
C GLY A 1 38.18 10.55 15.50
N SER A 2 39.10 10.44 14.53
CA SER A 2 38.75 9.91 13.21
C SER A 2 37.40 10.46 12.75
N SER A 3 37.18 11.75 12.99
CA SER A 3 35.92 12.39 12.61
C SER A 3 35.97 12.84 11.14
N GLY A 4 34.81 12.82 10.48
CA GLY A 4 34.75 13.23 9.10
C GLY A 4 33.66 12.50 8.34
N SER A 5 32.50 13.15 8.18
CA SER A 5 31.38 12.56 7.48
C SER A 5 30.87 13.49 6.39
N SER A 6 30.43 12.91 5.28
CA SER A 6 29.92 13.70 4.16
C SER A 6 28.47 14.10 4.40
N GLY A 7 28.21 15.40 4.31
CA GLY A 7 26.86 15.90 4.53
C GLY A 7 26.85 17.26 5.21
N THR A 8 27.00 18.32 4.42
CA THR A 8 27.00 19.68 4.96
C THR A 8 25.76 20.45 4.51
N ALA A 9 25.54 20.49 3.20
CA ALA A 9 24.39 21.20 2.65
C ALA A 9 23.12 20.88 3.44
N HIS A 10 22.22 21.86 3.51
CA HIS A 10 20.97 21.68 4.23
C HIS A 10 20.08 20.64 3.55
N GLY A 11 19.73 20.90 2.29
CA GLY A 11 18.89 19.97 1.55
C GLY A 11 19.09 20.08 0.05
N THR A 12 20.34 20.09 -0.38
CA THR A 12 20.67 20.19 -1.79
C THR A 12 20.78 18.82 -2.44
N THR A 13 21.62 17.96 -1.86
CA THR A 13 21.82 16.62 -2.37
C THR A 13 20.52 16.03 -2.91
N PHE A 14 20.59 15.42 -4.09
CA PHE A 14 19.41 14.83 -4.71
C PHE A 14 18.93 13.61 -3.92
N GLU A 15 17.71 13.68 -3.40
CA GLU A 15 17.14 12.59 -2.63
C GLU A 15 17.03 11.32 -3.46
N LEU A 16 16.93 10.17 -2.80
CA LEU A 16 16.82 8.89 -3.48
C LEU A 16 15.48 8.23 -3.18
N VAL A 17 14.68 8.04 -4.22
CA VAL A 17 13.37 7.40 -4.07
C VAL A 17 13.50 6.04 -3.39
N PRO A 18 12.43 5.61 -2.71
CA PRO A 18 12.39 4.33 -2.02
C PRO A 18 12.36 3.14 -2.97
N THR A 19 13.52 2.50 -3.13
CA THR A 19 13.63 1.35 -4.03
C THR A 19 13.23 0.06 -3.32
N SER A 20 12.75 0.19 -2.09
CA SER A 20 12.34 -0.97 -1.31
C SER A 20 10.84 -0.92 -1.00
N PRO A 21 10.17 -2.07 -1.15
CA PRO A 21 8.73 -2.18 -0.89
C PRO A 21 8.39 -2.05 0.59
N PRO A 22 7.10 -1.80 0.88
CA PRO A 22 6.62 -1.65 2.26
C PRO A 22 6.64 -2.97 3.03
N LYS A 23 6.67 -2.88 4.35
CA LYS A 23 6.69 -4.07 5.20
C LYS A 23 5.40 -4.18 6.00
N ASP A 24 5.30 -5.22 6.84
CA ASP A 24 4.13 -5.44 7.66
C ASP A 24 2.86 -5.45 6.81
N VAL A 25 3.01 -5.85 5.54
CA VAL A 25 1.88 -5.90 4.63
C VAL A 25 0.89 -6.99 5.03
N THR A 26 -0.26 -6.58 5.56
CA THR A 26 -1.28 -7.50 6.00
C THR A 26 -2.66 -7.05 5.56
N VAL A 27 -3.54 -8.01 5.28
CA VAL A 27 -4.90 -7.70 4.85
C VAL A 27 -5.92 -8.40 5.73
N VAL A 28 -6.68 -7.62 6.51
CA VAL A 28 -7.69 -8.17 7.39
C VAL A 28 -9.09 -7.79 6.92
N SER A 29 -10.10 -8.25 7.66
CA SER A 29 -11.49 -7.96 7.31
C SER A 29 -12.13 -7.04 8.35
N LYS A 30 -13.31 -6.54 8.04
CA LYS A 30 -14.03 -5.64 8.95
C LYS A 30 -15.18 -6.38 9.64
N GLU A 31 -15.37 -6.07 10.91
CA GLU A 31 -16.44 -6.70 11.70
C GLU A 31 -17.76 -5.99 11.48
N GLY A 32 -18.65 -6.61 10.70
CA GLY A 32 -19.94 -6.03 10.43
C GLY A 32 -20.19 -5.82 8.96
N LYS A 33 -19.11 -5.61 8.20
CA LYS A 33 -19.21 -5.40 6.76
C LYS A 33 -18.27 -6.33 6.01
N PRO A 34 -18.83 -7.41 5.45
CA PRO A 34 -18.06 -8.40 4.68
C PRO A 34 -17.56 -7.84 3.35
N LYS A 35 -18.17 -6.75 2.91
CA LYS A 35 -17.79 -6.11 1.65
C LYS A 35 -16.65 -5.12 1.86
N THR A 36 -16.30 -4.89 3.12
CA THR A 36 -15.23 -3.97 3.47
C THR A 36 -14.03 -4.71 4.06
N ILE A 37 -12.84 -4.16 3.85
CA ILE A 37 -11.61 -4.76 4.36
C ILE A 37 -10.58 -3.70 4.71
N ILE A 38 -9.67 -4.05 5.59
CA ILE A 38 -8.61 -3.12 6.00
C ILE A 38 -7.23 -3.67 5.64
N VAL A 39 -6.48 -2.87 4.88
CA VAL A 39 -5.14 -3.26 4.46
C VAL A 39 -4.07 -2.53 5.26
N ASN A 40 -3.46 -3.24 6.21
CA ASN A 40 -2.42 -2.66 7.06
C ASN A 40 -1.05 -2.87 6.44
N TRP A 41 -0.11 -2.00 6.79
CA TRP A 41 1.26 -2.09 6.27
C TRP A 41 2.18 -1.12 6.99
N GLN A 42 3.44 -1.07 6.56
CA GLN A 42 4.42 -0.17 7.16
C GLN A 42 5.42 0.32 6.11
N PRO A 43 6.12 1.42 6.43
CA PRO A 43 7.11 2.02 5.55
C PRO A 43 8.35 1.15 5.40
N PRO A 44 9.02 1.25 4.25
CA PRO A 44 10.23 0.49 3.96
C PRO A 44 11.42 0.96 4.80
N SER A 45 12.46 0.13 4.86
CA SER A 45 13.66 0.46 5.62
C SER A 45 14.60 1.33 4.81
N GLU A 46 14.44 1.30 3.50
CA GLU A 46 15.27 2.09 2.60
C GLU A 46 14.55 3.36 2.15
N ALA A 47 13.81 3.97 3.08
CA ALA A 47 13.07 5.19 2.78
C ALA A 47 13.94 6.19 2.03
N ASN A 48 15.22 6.26 2.42
CA ASN A 48 16.15 7.18 1.78
C ASN A 48 15.48 8.53 1.49
N GLY A 49 14.44 8.84 2.25
CA GLY A 49 13.73 10.09 2.06
C GLY A 49 12.36 10.08 2.68
N LYS A 50 11.93 11.23 3.19
CA LYS A 50 10.62 11.36 3.83
C LYS A 50 9.53 10.74 2.96
N ILE A 51 8.57 10.08 3.60
CA ILE A 51 7.47 9.44 2.88
C ILE A 51 6.23 10.32 2.91
N THR A 52 5.78 10.75 1.73
CA THR A 52 4.59 11.59 1.62
C THR A 52 3.32 10.77 1.82
N GLY A 53 3.22 9.65 1.12
CA GLY A 53 2.05 8.79 1.25
C GLY A 53 2.27 7.42 0.64
N TYR A 54 1.18 6.77 0.27
CA TYR A 54 1.25 5.43 -0.33
C TYR A 54 0.06 5.19 -1.26
N ILE A 55 0.24 4.27 -2.20
CA ILE A 55 -0.80 3.94 -3.16
C ILE A 55 -1.13 2.46 -3.11
N ILE A 56 -2.43 2.14 -3.19
CA ILE A 56 -2.88 0.76 -3.16
C ILE A 56 -3.60 0.39 -4.45
N TYR A 57 -3.20 -0.73 -5.05
CA TYR A 57 -3.81 -1.20 -6.29
C TYR A 57 -4.45 -2.57 -6.10
N TYR A 58 -5.75 -2.65 -6.40
CA TYR A 58 -6.48 -3.90 -6.27
C TYR A 58 -7.32 -4.18 -7.51
N SER A 59 -7.31 -5.43 -7.95
CA SER A 59 -8.06 -5.83 -9.13
C SER A 59 -8.40 -7.32 -9.09
N THR A 60 -9.52 -7.69 -9.70
CA THR A 60 -9.94 -9.08 -9.74
C THR A 60 -8.91 -9.97 -10.41
N ASP A 61 -8.32 -9.46 -11.49
CA ASP A 61 -7.31 -10.20 -12.24
C ASP A 61 -5.92 -9.94 -11.68
N VAL A 62 -5.09 -10.98 -11.67
CA VAL A 62 -3.72 -10.85 -11.16
C VAL A 62 -2.73 -10.62 -12.29
N ASN A 63 -3.18 -10.81 -13.52
CA ASN A 63 -2.33 -10.62 -14.69
C ASN A 63 -2.70 -9.33 -15.42
N ALA A 64 -3.85 -8.78 -15.08
CA ALA A 64 -4.32 -7.55 -15.71
C ALA A 64 -3.24 -6.47 -15.69
N GLU A 65 -3.05 -5.81 -16.82
CA GLU A 65 -2.03 -4.76 -16.93
C GLU A 65 -2.12 -3.80 -15.74
N ILE A 66 -0.97 -3.51 -15.14
CA ILE A 66 -0.92 -2.61 -14.00
C ILE A 66 -1.82 -1.39 -14.21
N HIS A 67 -2.04 -1.04 -15.48
CA HIS A 67 -2.88 0.10 -15.81
C HIS A 67 -4.34 -0.20 -15.49
N ASP A 68 -4.78 -1.41 -15.83
CA ASP A 68 -6.16 -1.81 -15.58
C ASP A 68 -6.48 -1.78 -14.09
N TRP A 69 -5.44 -1.90 -13.26
CA TRP A 69 -5.61 -1.88 -11.82
C TRP A 69 -6.04 -0.50 -11.33
N VAL A 70 -6.87 -0.48 -10.29
CA VAL A 70 -7.36 0.78 -9.74
C VAL A 70 -6.28 1.45 -8.89
N ILE A 71 -6.38 2.77 -8.76
CA ILE A 71 -5.42 3.53 -7.97
C ILE A 71 -6.06 4.09 -6.70
N GLU A 72 -5.69 3.53 -5.56
CA GLU A 72 -6.23 3.98 -4.28
C GLU A 72 -5.17 4.72 -3.47
N PRO A 73 -5.07 6.04 -3.71
CA PRO A 73 -4.10 6.90 -3.01
C PRO A 73 -4.45 7.09 -1.54
N VAL A 74 -3.42 7.09 -0.69
CA VAL A 74 -3.62 7.26 0.74
C VAL A 74 -3.10 8.62 1.21
N VAL A 75 -3.97 9.41 1.81
CA VAL A 75 -3.59 10.72 2.31
C VAL A 75 -2.81 10.62 3.61
N GLY A 76 -2.07 11.68 3.94
CA GLY A 76 -1.27 11.68 5.16
C GLY A 76 -0.33 10.51 5.24
N ASN A 77 0.35 10.36 6.38
CA ASN A 77 1.29 9.27 6.57
C ASN A 77 0.58 8.02 7.09
N ARG A 78 -0.64 7.80 6.61
CA ARG A 78 -1.42 6.65 7.02
C ARG A 78 -0.88 5.36 6.40
N LEU A 79 -0.97 4.26 7.14
CA LEU A 79 -0.48 2.98 6.65
C LEU A 79 -1.62 1.96 6.57
N THR A 80 -2.85 2.45 6.69
CA THR A 80 -4.03 1.59 6.63
C THR A 80 -5.13 2.22 5.80
N HIS A 81 -5.83 1.40 5.03
CA HIS A 81 -6.93 1.87 4.18
C HIS A 81 -8.15 0.98 4.31
N GLN A 82 -9.33 1.57 4.14
CA GLN A 82 -10.58 0.82 4.24
C GLN A 82 -11.32 0.83 2.91
N ILE A 83 -11.29 -0.30 2.20
CA ILE A 83 -11.97 -0.41 0.92
C ILE A 83 -13.30 -1.13 1.06
N GLN A 84 -14.36 -0.50 0.58
CA GLN A 84 -15.70 -1.08 0.65
C GLN A 84 -16.24 -1.38 -0.74
N GLU A 85 -17.48 -1.85 -0.80
CA GLU A 85 -18.12 -2.17 -2.08
C GLU A 85 -17.33 -3.23 -2.82
N LEU A 86 -16.78 -4.19 -2.08
CA LEU A 86 -16.00 -5.27 -2.67
C LEU A 86 -16.84 -6.54 -2.79
N THR A 87 -16.50 -7.38 -3.76
CA THR A 87 -17.21 -8.62 -3.98
C THR A 87 -16.79 -9.69 -2.97
N LEU A 88 -17.71 -10.60 -2.66
CA LEU A 88 -17.43 -11.68 -1.71
C LEU A 88 -17.04 -12.96 -2.44
N ASP A 89 -16.71 -13.99 -1.66
CA ASP A 89 -16.32 -15.27 -2.23
C ASP A 89 -15.52 -15.09 -3.50
N THR A 90 -14.57 -14.14 -3.47
CA THR A 90 -13.73 -13.85 -4.63
C THR A 90 -12.34 -13.42 -4.19
N PRO A 91 -11.31 -14.09 -4.74
CA PRO A 91 -9.90 -13.80 -4.42
C PRO A 91 -9.47 -12.46 -4.99
N TYR A 92 -9.27 -11.49 -4.11
CA TYR A 92 -8.83 -10.15 -4.53
C TYR A 92 -7.34 -9.96 -4.27
N TYR A 93 -6.62 -9.49 -5.29
CA TYR A 93 -5.19 -9.25 -5.16
C TYR A 93 -4.90 -7.78 -4.89
N PHE A 94 -4.33 -7.50 -3.72
CA PHE A 94 -4.00 -6.14 -3.34
C PHE A 94 -2.49 -5.91 -3.40
N LYS A 95 -2.10 -4.64 -3.51
CA LYS A 95 -0.68 -4.28 -3.57
C LYS A 95 -0.45 -2.90 -2.98
N ILE A 96 0.65 -2.76 -2.24
CA ILE A 96 0.99 -1.48 -1.63
C ILE A 96 2.30 -0.93 -2.19
N GLN A 97 2.44 0.39 -2.14
CA GLN A 97 3.66 1.04 -2.64
C GLN A 97 3.87 2.39 -1.95
N ALA A 98 5.12 2.66 -1.57
CA ALA A 98 5.46 3.90 -0.90
C ALA A 98 6.10 4.88 -1.87
N ARG A 99 5.55 6.09 -1.94
CA ARG A 99 6.08 7.12 -2.82
C ARG A 99 6.34 8.42 -2.06
N ASN A 100 7.31 9.19 -2.54
CA ASN A 100 7.66 10.46 -1.90
C ASN A 100 7.64 11.60 -2.91
N SER A 101 7.87 12.82 -2.43
CA SER A 101 7.87 13.99 -3.29
C SER A 101 8.61 13.72 -4.59
N LYS A 102 9.66 12.91 -4.50
CA LYS A 102 10.47 12.57 -5.67
C LYS A 102 9.66 11.74 -6.66
N GLY A 103 9.43 10.48 -6.33
CA GLY A 103 8.66 9.61 -7.19
C GLY A 103 8.07 8.42 -6.46
N MET A 104 7.91 7.31 -7.17
CA MET A 104 7.34 6.10 -6.57
C MET A 104 8.37 4.98 -6.56
N GLY A 105 8.18 4.02 -5.65
CA GLY A 105 9.10 2.90 -5.55
C GLY A 105 8.53 1.63 -6.15
N PRO A 106 9.07 0.48 -5.73
CA PRO A 106 8.62 -0.83 -6.22
C PRO A 106 7.23 -1.20 -5.72
N MET A 107 6.62 -2.18 -6.37
CA MET A 107 5.27 -2.62 -5.98
C MET A 107 5.33 -3.96 -5.26
N SER A 108 4.80 -3.98 -4.04
CA SER A 108 4.80 -5.21 -3.24
C SER A 108 4.16 -6.36 -4.00
N GLU A 109 4.44 -7.58 -3.57
CA GLU A 109 3.89 -8.76 -4.22
C GLU A 109 2.37 -8.82 -4.04
N ALA A 110 1.69 -9.24 -5.10
CA ALA A 110 0.23 -9.35 -5.07
C ALA A 110 -0.24 -10.15 -3.86
N VAL A 111 -0.98 -9.50 -2.98
CA VAL A 111 -1.49 -10.17 -1.78
C VAL A 111 -2.85 -10.80 -2.04
N GLN A 112 -2.86 -12.11 -2.24
CA GLN A 112 -4.09 -12.85 -2.50
C GLN A 112 -4.89 -13.05 -1.21
N PHE A 113 -5.91 -12.21 -1.03
CA PHE A 113 -6.75 -12.30 0.17
C PHE A 113 -8.18 -12.67 -0.20
N ARG A 114 -8.61 -13.85 0.23
CA ARG A 114 -9.96 -14.31 -0.05
C ARG A 114 -10.99 -13.54 0.76
N THR A 115 -11.90 -12.86 0.07
CA THR A 115 -12.94 -12.08 0.73
C THR A 115 -13.79 -12.96 1.63
N PRO A 116 -14.22 -12.39 2.78
CA PRO A 116 -15.05 -13.10 3.75
C PRO A 116 -16.46 -13.36 3.24
N LYS A 117 -17.37 -13.70 4.14
CA LYS A 117 -18.76 -13.97 3.78
C LYS A 117 -19.71 -13.35 4.79
N ALA A 118 -20.94 -13.11 4.36
CA ALA A 118 -21.96 -12.52 5.23
C ALA A 118 -22.56 -13.57 6.16
N SER A 119 -21.70 -14.39 6.76
CA SER A 119 -22.14 -15.44 7.66
C SER A 119 -22.22 -14.93 9.10
N GLY A 120 -22.85 -13.77 9.27
CA GLY A 120 -22.98 -13.19 10.59
C GLY A 120 -21.66 -13.09 11.32
N PRO A 121 -21.67 -12.51 12.53
CA PRO A 121 -20.47 -12.34 13.35
C PRO A 121 -19.95 -13.67 13.88
N SER A 122 -18.64 -13.75 14.09
CA SER A 122 -18.02 -14.96 14.61
C SER A 122 -17.86 -14.90 16.12
N SER A 123 -18.61 -15.75 16.82
CA SER A 123 -18.56 -15.79 18.28
C SER A 123 -18.59 -17.23 18.78
N GLY A 124 -17.95 -17.45 19.93
CA GLY A 124 -17.92 -18.79 20.51
C GLY A 124 -16.75 -18.97 21.46
N GLY A 1 48.38 14.52 -5.44
CA GLY A 1 47.59 14.40 -4.23
C GLY A 1 46.83 15.68 -3.91
N SER A 2 45.56 15.53 -3.55
CA SER A 2 44.72 16.67 -3.21
C SER A 2 43.74 16.33 -2.09
N SER A 3 43.09 17.36 -1.55
CA SER A 3 42.13 17.16 -0.46
C SER A 3 40.72 17.06 -1.00
N GLY A 4 40.35 17.98 -1.90
CA GLY A 4 39.03 17.97 -2.49
C GLY A 4 37.95 18.30 -1.47
N SER A 5 37.98 19.51 -0.93
CA SER A 5 37.01 19.94 0.06
C SER A 5 36.21 21.13 -0.45
N SER A 6 35.85 21.11 -1.73
CA SER A 6 35.08 22.19 -2.35
C SER A 6 33.60 21.86 -2.36
N GLY A 7 33.08 21.44 -1.21
CA GLY A 7 31.67 21.10 -1.11
C GLY A 7 31.17 21.11 0.32
N THR A 8 30.84 22.30 0.83
CA THR A 8 30.36 22.44 2.19
C THR A 8 29.04 23.21 2.23
N ALA A 9 28.58 23.65 1.05
CA ALA A 9 27.33 24.38 0.95
C ALA A 9 26.24 23.53 0.33
N HIS A 10 25.63 22.67 1.14
CA HIS A 10 24.57 21.79 0.67
C HIS A 10 23.39 22.60 0.14
N GLY A 11 23.27 22.67 -1.18
CA GLY A 11 22.18 23.42 -1.79
C GLY A 11 21.28 22.54 -2.63
N THR A 12 21.75 22.18 -3.82
CA THR A 12 20.98 21.33 -4.73
C THR A 12 20.35 20.16 -3.98
N THR A 13 19.04 20.24 -3.77
CA THR A 13 18.32 19.17 -3.07
C THR A 13 18.02 18.01 -4.00
N PHE A 14 18.56 16.84 -3.67
CA PHE A 14 18.34 15.64 -4.48
C PHE A 14 17.80 14.50 -3.63
N GLU A 15 16.65 13.96 -4.06
CA GLU A 15 16.02 12.87 -3.33
C GLU A 15 16.07 11.58 -4.14
N LEU A 16 16.15 10.45 -3.44
CA LEU A 16 16.20 9.15 -4.10
C LEU A 16 14.99 8.30 -3.74
N VAL A 17 14.11 8.09 -4.72
CA VAL A 17 12.90 7.30 -4.50
C VAL A 17 13.21 6.02 -3.74
N PRO A 18 12.20 5.49 -3.03
CA PRO A 18 12.34 4.27 -2.24
C PRO A 18 12.50 3.03 -3.12
N THR A 19 13.71 2.49 -3.16
CA THR A 19 14.00 1.30 -3.96
C THR A 19 13.67 0.02 -3.19
N SER A 20 12.97 0.18 -2.07
CA SER A 20 12.61 -0.96 -1.23
C SER A 20 11.09 -1.02 -1.02
N PRO A 21 10.52 -2.21 -1.14
CA PRO A 21 9.09 -2.43 -0.97
C PRO A 21 8.65 -2.27 0.48
N PRO A 22 7.33 -2.10 0.69
CA PRO A 22 6.75 -1.93 2.02
C PRO A 22 6.83 -3.20 2.86
N LYS A 23 6.55 -3.07 4.16
CA LYS A 23 6.59 -4.22 5.07
C LYS A 23 5.30 -4.31 5.87
N ASP A 24 5.22 -5.31 6.74
CA ASP A 24 4.03 -5.52 7.57
C ASP A 24 2.77 -5.55 6.71
N VAL A 25 2.89 -6.12 5.51
CA VAL A 25 1.76 -6.22 4.60
C VAL A 25 0.70 -7.18 5.14
N THR A 26 -0.42 -6.64 5.58
CA THR A 26 -1.51 -7.45 6.12
C THR A 26 -2.86 -6.98 5.59
N VAL A 27 -3.76 -7.93 5.36
CA VAL A 27 -5.09 -7.61 4.86
C VAL A 27 -6.17 -8.35 5.65
N VAL A 28 -6.96 -7.59 6.40
CA VAL A 28 -8.02 -8.16 7.22
C VAL A 28 -9.40 -7.68 6.75
N SER A 29 -10.45 -8.20 7.37
CA SER A 29 -11.81 -7.83 7.00
C SER A 29 -12.50 -7.11 8.15
N LYS A 30 -13.52 -6.33 7.83
CA LYS A 30 -14.28 -5.60 8.84
C LYS A 30 -15.49 -6.39 9.30
N GLU A 31 -15.84 -6.24 10.58
CA GLU A 31 -16.98 -6.94 11.14
C GLU A 31 -18.29 -6.32 10.67
N GLY A 32 -18.55 -5.09 11.12
CA GLY A 32 -19.77 -4.41 10.72
C GLY A 32 -20.17 -4.71 9.29
N LYS A 33 -19.18 -4.81 8.41
CA LYS A 33 -19.44 -5.10 7.00
C LYS A 33 -18.41 -6.08 6.46
N PRO A 34 -18.91 -7.12 5.76
CA PRO A 34 -18.05 -8.16 5.17
C PRO A 34 -17.24 -7.62 3.99
N LYS A 35 -17.92 -6.98 3.05
CA LYS A 35 -17.27 -6.43 1.87
C LYS A 35 -16.10 -5.53 2.27
N THR A 36 -16.32 -4.70 3.29
CA THR A 36 -15.28 -3.79 3.77
C THR A 36 -14.08 -4.57 4.31
N ILE A 37 -12.89 -4.05 4.04
CA ILE A 37 -11.66 -4.69 4.49
C ILE A 37 -10.62 -3.65 4.88
N ILE A 38 -9.69 -4.05 5.74
CA ILE A 38 -8.63 -3.15 6.19
C ILE A 38 -7.26 -3.69 5.81
N VAL A 39 -6.44 -2.84 5.20
CA VAL A 39 -5.09 -3.23 4.79
C VAL A 39 -4.04 -2.41 5.52
N ASN A 40 -3.28 -3.08 6.39
CA ASN A 40 -2.24 -2.42 7.17
C ASN A 40 -0.86 -2.72 6.58
N TRP A 41 0.07 -1.79 6.76
CA TRP A 41 1.43 -1.96 6.24
C TRP A 41 2.39 -1.02 6.96
N GLN A 42 3.66 -1.03 6.52
CA GLN A 42 4.68 -0.18 7.11
C GLN A 42 5.68 0.30 6.06
N PRO A 43 6.33 1.43 6.34
CA PRO A 43 7.32 2.01 5.43
C PRO A 43 8.60 1.17 5.35
N PRO A 44 9.31 1.29 4.21
CA PRO A 44 10.56 0.55 3.99
C PRO A 44 11.69 1.06 4.87
N SER A 45 12.55 0.15 5.30
CA SER A 45 13.68 0.49 6.16
C SER A 45 14.60 1.49 5.46
N GLU A 46 14.93 1.20 4.21
CA GLU A 46 15.81 2.06 3.43
C GLU A 46 15.35 3.52 3.53
N ALA A 47 14.07 3.75 3.30
CA ALA A 47 13.51 5.11 3.36
C ALA A 47 14.53 6.14 2.89
N ASN A 48 15.09 5.91 1.70
CA ASN A 48 16.08 6.82 1.14
C ASN A 48 15.76 8.27 1.52
N GLY A 49 14.47 8.58 1.59
CA GLY A 49 14.06 9.93 1.93
C GLY A 49 12.81 9.94 2.81
N LYS A 50 12.04 11.02 2.71
CA LYS A 50 10.83 11.16 3.50
C LYS A 50 9.65 10.46 2.82
N ILE A 51 8.50 10.47 3.48
CA ILE A 51 7.30 9.84 2.93
C ILE A 51 6.09 10.77 3.05
N THR A 52 5.46 11.06 1.91
CA THR A 52 4.29 11.93 1.88
C THR A 52 3.01 11.12 1.89
N GLY A 53 3.04 9.97 1.23
CA GLY A 53 1.86 9.11 1.18
C GLY A 53 2.15 7.77 0.53
N TYR A 54 1.09 7.02 0.24
CA TYR A 54 1.24 5.71 -0.39
C TYR A 54 0.12 5.45 -1.40
N ILE A 55 0.24 4.37 -2.15
CA ILE A 55 -0.75 4.01 -3.15
C ILE A 55 -1.02 2.51 -3.16
N ILE A 56 -2.30 2.15 -3.14
CA ILE A 56 -2.69 0.74 -3.14
C ILE A 56 -3.36 0.36 -4.46
N TYR A 57 -2.95 -0.77 -5.02
CA TYR A 57 -3.52 -1.25 -6.27
C TYR A 57 -4.16 -2.62 -6.10
N TYR A 58 -5.44 -2.71 -6.43
CA TYR A 58 -6.17 -3.97 -6.31
C TYR A 58 -7.01 -4.24 -7.55
N SER A 59 -7.24 -5.51 -7.85
CA SER A 59 -8.02 -5.90 -9.02
C SER A 59 -8.31 -7.40 -9.00
N THR A 60 -9.50 -7.77 -9.47
CA THR A 60 -9.91 -9.17 -9.51
C THR A 60 -8.82 -10.03 -10.15
N ASP A 61 -8.37 -9.63 -11.33
CA ASP A 61 -7.34 -10.37 -12.06
C ASP A 61 -5.98 -10.15 -11.41
N VAL A 62 -5.06 -11.10 -11.64
CA VAL A 62 -3.72 -11.02 -11.08
C VAL A 62 -2.68 -10.77 -12.18
N ASN A 63 -3.02 -11.16 -13.40
CA ASN A 63 -2.12 -10.99 -14.53
C ASN A 63 -2.40 -9.67 -15.25
N ALA A 64 -3.57 -9.09 -14.97
CA ALA A 64 -3.96 -7.83 -15.58
C ALA A 64 -2.86 -6.78 -15.44
N GLU A 65 -2.66 -6.00 -16.50
CA GLU A 65 -1.64 -4.96 -16.51
C GLU A 65 -1.80 -4.04 -15.30
N ILE A 66 -0.69 -3.71 -14.66
CA ILE A 66 -0.71 -2.83 -13.49
C ILE A 66 -1.51 -1.57 -13.77
N HIS A 67 -1.68 -1.24 -15.05
CA HIS A 67 -2.43 -0.06 -15.45
C HIS A 67 -3.93 -0.29 -15.28
N ASP A 68 -4.37 -1.51 -15.51
CA ASP A 68 -5.78 -1.86 -15.38
C ASP A 68 -6.22 -1.82 -13.92
N TRP A 69 -5.30 -2.14 -13.02
CA TRP A 69 -5.59 -2.13 -11.60
C TRP A 69 -6.04 -0.75 -11.14
N VAL A 70 -6.88 -0.72 -10.10
CA VAL A 70 -7.39 0.53 -9.56
C VAL A 70 -6.35 1.23 -8.69
N ILE A 71 -6.39 2.55 -8.64
CA ILE A 71 -5.46 3.32 -7.84
C ILE A 71 -6.12 3.84 -6.57
N GLU A 72 -5.61 3.39 -5.42
CA GLU A 72 -6.14 3.80 -4.13
C GLU A 72 -5.10 4.59 -3.33
N PRO A 73 -5.01 5.90 -3.61
CA PRO A 73 -4.06 6.78 -2.93
C PRO A 73 -4.42 7.00 -1.46
N VAL A 74 -3.41 7.07 -0.61
CA VAL A 74 -3.62 7.29 0.82
C VAL A 74 -3.09 8.65 1.25
N VAL A 75 -3.98 9.47 1.80
CA VAL A 75 -3.60 10.80 2.26
C VAL A 75 -2.84 10.73 3.59
N GLY A 76 -2.24 11.86 3.98
CA GLY A 76 -1.49 11.90 5.21
C GLY A 76 -0.49 10.75 5.33
N ASN A 77 0.07 10.58 6.52
CA ASN A 77 1.04 9.52 6.76
C ASN A 77 0.35 8.26 7.28
N ARG A 78 -0.80 7.94 6.68
CA ARG A 78 -1.56 6.76 7.08
C ARG A 78 -0.95 5.49 6.50
N LEU A 79 -0.91 4.43 7.30
CA LEU A 79 -0.34 3.16 6.87
C LEU A 79 -1.44 2.11 6.71
N THR A 80 -2.68 2.51 6.96
CA THR A 80 -3.81 1.60 6.85
C THR A 80 -4.92 2.22 6.00
N HIS A 81 -5.54 1.39 5.16
CA HIS A 81 -6.63 1.86 4.30
C HIS A 81 -7.86 0.99 4.47
N GLN A 82 -9.03 1.57 4.19
CA GLN A 82 -10.29 0.85 4.32
C GLN A 82 -11.06 0.86 3.00
N ILE A 83 -11.13 -0.30 2.36
CA ILE A 83 -11.84 -0.43 1.09
C ILE A 83 -13.15 -1.18 1.26
N GLN A 84 -14.16 -0.78 0.49
CA GLN A 84 -15.47 -1.42 0.56
C GLN A 84 -16.05 -1.63 -0.84
N GLU A 85 -17.28 -2.12 -0.89
CA GLU A 85 -17.94 -2.36 -2.16
C GLU A 85 -17.20 -3.42 -2.97
N LEU A 86 -16.71 -4.45 -2.29
CA LEU A 86 -15.97 -5.53 -2.93
C LEU A 86 -16.83 -6.78 -3.05
N THR A 87 -16.59 -7.57 -4.09
CA THR A 87 -17.35 -8.80 -4.30
C THR A 87 -16.89 -9.90 -3.35
N LEU A 88 -17.85 -10.63 -2.80
CA LEU A 88 -17.55 -11.71 -1.88
C LEU A 88 -17.20 -13.00 -2.63
N ASP A 89 -16.90 -14.05 -1.88
CA ASP A 89 -16.56 -15.33 -2.48
C ASP A 89 -15.74 -15.14 -3.75
N THR A 90 -14.78 -14.22 -3.69
CA THR A 90 -13.92 -13.93 -4.83
C THR A 90 -12.52 -13.52 -4.39
N PRO A 91 -11.52 -14.26 -4.86
CA PRO A 91 -10.11 -13.99 -4.53
C PRO A 91 -9.59 -12.71 -5.17
N TYR A 92 -9.35 -11.70 -4.33
CA TYR A 92 -8.85 -10.42 -4.82
C TYR A 92 -7.37 -10.25 -4.50
N TYR A 93 -6.66 -9.55 -5.38
CA TYR A 93 -5.23 -9.31 -5.19
C TYR A 93 -4.95 -7.84 -4.92
N PHE A 94 -4.25 -7.57 -3.82
CA PHE A 94 -3.92 -6.21 -3.43
C PHE A 94 -2.42 -5.97 -3.51
N LYS A 95 -2.02 -4.72 -3.74
CA LYS A 95 -0.63 -4.36 -3.84
C LYS A 95 -0.35 -3.03 -3.15
N ILE A 96 0.77 -2.95 -2.45
CA ILE A 96 1.15 -1.73 -1.74
C ILE A 96 2.39 -1.10 -2.35
N GLN A 97 2.43 0.22 -2.36
CA GLN A 97 3.57 0.95 -2.92
C GLN A 97 3.77 2.29 -2.21
N ALA A 98 5.02 2.66 -1.99
CA ALA A 98 5.34 3.91 -1.33
C ALA A 98 5.78 4.98 -2.34
N ARG A 99 5.67 6.24 -1.94
CA ARG A 99 6.04 7.34 -2.81
C ARG A 99 6.41 8.58 -1.99
N ASN A 100 7.38 9.34 -2.48
CA ASN A 100 7.82 10.55 -1.80
C ASN A 100 7.82 11.75 -2.75
N SER A 101 8.24 12.90 -2.24
CA SER A 101 8.28 14.12 -3.03
C SER A 101 8.84 13.84 -4.42
N LYS A 102 9.61 12.77 -4.54
CA LYS A 102 10.21 12.39 -5.81
C LYS A 102 9.22 11.59 -6.66
N GLY A 103 9.02 10.33 -6.29
CA GLY A 103 8.11 9.47 -7.02
C GLY A 103 7.74 8.22 -6.26
N MET A 104 7.35 7.17 -7.00
CA MET A 104 6.96 5.92 -6.38
C MET A 104 8.15 4.95 -6.32
N GLY A 105 7.94 3.79 -5.72
CA GLY A 105 9.00 2.81 -5.61
C GLY A 105 8.61 1.46 -6.18
N PRO A 106 9.27 0.39 -5.71
CA PRO A 106 9.00 -0.97 -6.17
C PRO A 106 7.64 -1.49 -5.71
N MET A 107 7.04 -2.35 -6.50
CA MET A 107 5.73 -2.91 -6.17
C MET A 107 5.89 -4.26 -5.47
N SER A 108 5.19 -4.43 -4.35
CA SER A 108 5.25 -5.66 -3.59
C SER A 108 4.45 -6.77 -4.27
N GLU A 109 4.61 -8.00 -3.78
CA GLU A 109 3.90 -9.14 -4.35
C GLU A 109 2.40 -9.02 -4.10
N ALA A 110 1.60 -9.47 -5.07
CA ALA A 110 0.15 -9.42 -4.96
C ALA A 110 -0.33 -10.25 -3.78
N VAL A 111 -1.00 -9.60 -2.83
CA VAL A 111 -1.53 -10.27 -1.66
C VAL A 111 -2.88 -10.91 -1.94
N GLN A 112 -2.88 -12.22 -2.16
CA GLN A 112 -4.11 -12.95 -2.44
C GLN A 112 -4.96 -13.10 -1.18
N PHE A 113 -5.99 -12.27 -1.06
CA PHE A 113 -6.88 -12.31 0.10
C PHE A 113 -8.32 -12.59 -0.33
N ARG A 114 -8.83 -13.73 0.12
CA ARG A 114 -10.20 -14.12 -0.22
C ARG A 114 -11.22 -13.30 0.57
N THR A 115 -12.33 -12.97 -0.07
CA THR A 115 -13.38 -12.19 0.57
C THR A 115 -14.26 -13.06 1.46
N PRO A 116 -14.78 -12.47 2.54
CA PRO A 116 -15.64 -13.18 3.48
C PRO A 116 -17.01 -13.52 2.89
N LYS A 117 -17.97 -13.85 3.75
CA LYS A 117 -19.31 -14.19 3.31
C LYS A 117 -20.36 -13.60 4.25
N ALA A 118 -21.54 -13.31 3.71
CA ALA A 118 -22.63 -12.74 4.50
C ALA A 118 -23.29 -13.80 5.35
N SER A 119 -22.61 -14.21 6.42
CA SER A 119 -23.14 -15.24 7.31
C SER A 119 -23.53 -14.63 8.67
N GLY A 120 -24.37 -15.34 9.41
CA GLY A 120 -24.81 -14.85 10.70
C GLY A 120 -23.92 -15.34 11.83
N PRO A 121 -23.70 -14.49 12.83
CA PRO A 121 -22.87 -14.81 13.99
C PRO A 121 -23.53 -15.85 14.91
N SER A 122 -24.73 -16.29 14.52
CA SER A 122 -25.46 -17.27 15.31
C SER A 122 -24.52 -18.32 15.88
N SER A 123 -24.24 -18.21 17.18
CA SER A 123 -23.35 -19.14 17.85
C SER A 123 -23.72 -20.59 17.51
N GLY A 124 -22.71 -21.43 17.34
CA GLY A 124 -22.95 -22.83 17.01
C GLY A 124 -21.67 -23.59 16.77
N GLY A 1 47.83 10.40 10.11
CA GLY A 1 46.73 11.10 10.74
C GLY A 1 45.37 10.52 10.36
N SER A 2 44.32 11.09 10.93
CA SER A 2 42.96 10.62 10.66
C SER A 2 42.12 11.74 10.05
N SER A 3 40.93 11.38 9.58
CA SER A 3 40.02 12.35 8.97
C SER A 3 38.97 12.83 9.97
N GLY A 4 38.48 14.04 9.78
CA GLY A 4 37.47 14.59 10.67
C GLY A 4 36.60 15.63 10.00
N SER A 5 37.23 16.71 9.54
CA SER A 5 36.51 17.79 8.88
C SER A 5 35.65 17.25 7.74
N SER A 6 34.37 17.63 7.75
CA SER A 6 33.45 17.19 6.71
C SER A 6 32.59 18.36 6.21
N GLY A 7 32.02 18.19 5.02
CA GLY A 7 31.19 19.23 4.45
C GLY A 7 29.77 19.20 4.99
N THR A 8 29.21 20.39 5.21
CA THR A 8 27.85 20.51 5.72
C THR A 8 26.89 21.03 4.66
N ALA A 9 25.82 20.28 4.41
CA ALA A 9 24.83 20.68 3.42
C ALA A 9 23.72 21.52 4.05
N HIS A 10 23.64 22.78 3.64
CA HIS A 10 22.63 23.69 4.16
C HIS A 10 21.39 23.70 3.27
N GLY A 11 20.98 22.51 2.83
CA GLY A 11 19.81 22.39 1.98
C GLY A 11 20.04 21.48 0.80
N THR A 12 19.06 20.63 0.52
CA THR A 12 19.16 19.68 -0.60
C THR A 12 17.80 19.48 -1.26
N THR A 13 17.80 19.53 -2.59
CA THR A 13 16.57 19.36 -3.37
C THR A 13 16.49 17.95 -3.95
N PHE A 14 17.59 17.50 -4.55
CA PHE A 14 17.64 16.17 -5.16
C PHE A 14 17.34 15.09 -4.12
N GLU A 15 16.68 14.02 -4.56
CA GLU A 15 16.34 12.93 -3.67
C GLU A 15 16.33 11.60 -4.43
N LEU A 16 16.14 10.51 -3.70
CA LEU A 16 16.11 9.18 -4.31
C LEU A 16 14.84 8.43 -3.91
N VAL A 17 14.00 8.12 -4.89
CA VAL A 17 12.76 7.41 -4.63
C VAL A 17 13.01 6.12 -3.87
N PRO A 18 12.00 5.65 -3.12
CA PRO A 18 12.09 4.42 -2.33
C PRO A 18 12.15 3.17 -3.21
N THR A 19 13.36 2.66 -3.43
CA THR A 19 13.55 1.48 -4.25
C THR A 19 13.31 0.20 -3.44
N SER A 20 12.57 0.34 -2.34
CA SER A 20 12.26 -0.80 -1.48
C SER A 20 10.77 -0.88 -1.19
N PRO A 21 10.22 -2.10 -1.26
CA PRO A 21 8.80 -2.34 -1.01
C PRO A 21 8.43 -2.16 0.46
N PRO A 22 7.14 -1.87 0.71
CA PRO A 22 6.64 -1.66 2.08
C PRO A 22 6.62 -2.96 2.88
N LYS A 23 6.57 -2.82 4.21
CA LYS A 23 6.54 -3.98 5.09
C LYS A 23 5.24 -4.02 5.90
N ASP A 24 5.14 -4.99 6.79
CA ASP A 24 3.94 -5.15 7.62
C ASP A 24 2.69 -5.27 6.76
N VAL A 25 2.86 -5.84 5.57
CA VAL A 25 1.73 -6.02 4.64
C VAL A 25 0.73 -7.01 5.20
N THR A 26 -0.41 -6.50 5.65
CA THR A 26 -1.47 -7.35 6.20
C THR A 26 -2.83 -6.99 5.62
N VAL A 27 -3.68 -8.00 5.47
CA VAL A 27 -5.02 -7.79 4.91
C VAL A 27 -6.08 -8.49 5.76
N VAL A 28 -6.83 -7.71 6.53
CA VAL A 28 -7.88 -8.25 7.38
C VAL A 28 -9.26 -7.83 6.89
N SER A 29 -10.29 -8.49 7.41
CA SER A 29 -11.66 -8.20 7.01
C SER A 29 -12.31 -7.22 7.99
N LYS A 30 -13.28 -6.46 7.51
CA LYS A 30 -13.98 -5.49 8.34
C LYS A 30 -14.92 -6.18 9.31
N GLU A 31 -15.07 -5.61 10.50
CA GLU A 31 -15.96 -6.17 11.52
C GLU A 31 -17.40 -5.75 11.29
N GLY A 32 -18.21 -6.69 10.81
CA GLY A 32 -19.60 -6.39 10.54
C GLY A 32 -19.93 -6.38 9.05
N LYS A 33 -19.04 -5.78 8.27
CA LYS A 33 -19.23 -5.70 6.83
C LYS A 33 -18.25 -6.61 6.10
N PRO A 34 -18.77 -7.68 5.48
CA PRO A 34 -17.96 -8.64 4.74
C PRO A 34 -17.40 -8.06 3.44
N LYS A 35 -18.18 -7.17 2.82
CA LYS A 35 -17.76 -6.54 1.58
C LYS A 35 -16.67 -5.50 1.83
N THR A 36 -16.44 -5.19 3.11
CA THR A 36 -15.42 -4.22 3.49
C THR A 36 -14.25 -4.89 4.19
N ILE A 37 -13.05 -4.40 3.92
CA ILE A 37 -11.85 -4.96 4.54
C ILE A 37 -10.85 -3.85 4.89
N ILE A 38 -9.90 -4.18 5.75
CA ILE A 38 -8.88 -3.22 6.16
C ILE A 38 -7.48 -3.74 5.85
N VAL A 39 -6.61 -2.85 5.36
CA VAL A 39 -5.24 -3.22 5.03
C VAL A 39 -4.24 -2.29 5.70
N ASN A 40 -3.29 -2.88 6.41
CA ASN A 40 -2.26 -2.09 7.10
C ASN A 40 -0.88 -2.39 6.54
N TRP A 41 0.09 -1.55 6.90
CA TRP A 41 1.46 -1.72 6.43
C TRP A 41 2.39 -0.72 7.11
N GLN A 42 3.67 -0.80 6.77
CA GLN A 42 4.68 0.10 7.34
C GLN A 42 5.67 0.56 6.29
N PRO A 43 6.30 1.71 6.54
CA PRO A 43 7.28 2.29 5.62
C PRO A 43 8.58 1.49 5.58
N PRO A 44 9.24 1.46 4.41
CA PRO A 44 10.49 0.74 4.22
C PRO A 44 11.66 1.39 4.97
N SER A 45 12.30 0.61 5.83
CA SER A 45 13.43 1.11 6.62
C SER A 45 14.32 2.01 5.77
N GLU A 46 14.42 1.70 4.49
CA GLU A 46 15.24 2.49 3.57
C GLU A 46 14.75 3.93 3.52
N ALA A 47 13.49 4.11 3.13
CA ALA A 47 12.90 5.44 3.03
C ALA A 47 13.91 6.45 2.49
N ASN A 48 14.54 6.11 1.37
CA ASN A 48 15.53 6.99 0.74
C ASN A 48 15.13 8.45 0.90
N GLY A 49 13.82 8.71 0.96
CA GLY A 49 13.33 10.06 1.10
C GLY A 49 12.06 10.13 1.92
N LYS A 50 11.69 11.34 2.34
CA LYS A 50 10.48 11.54 3.13
C LYS A 50 9.26 10.97 2.42
N ILE A 51 8.75 9.86 2.94
CA ILE A 51 7.58 9.22 2.36
C ILE A 51 6.37 10.13 2.42
N THR A 52 5.92 10.59 1.25
CA THR A 52 4.76 11.47 1.16
C THR A 52 3.47 10.71 1.47
N GLY A 53 3.38 9.48 0.99
CA GLY A 53 2.20 8.68 1.22
C GLY A 53 2.33 7.27 0.67
N TYR A 54 1.20 6.63 0.40
CA TYR A 54 1.20 5.27 -0.12
C TYR A 54 -0.06 5.01 -0.95
N ILE A 55 0.08 4.16 -1.96
CA ILE A 55 -1.04 3.82 -2.84
C ILE A 55 -1.29 2.32 -2.85
N ILE A 56 -2.56 1.94 -2.95
CA ILE A 56 -2.93 0.52 -2.98
C ILE A 56 -3.57 0.15 -4.31
N TYR A 57 -3.05 -0.89 -4.94
CA TYR A 57 -3.56 -1.35 -6.23
C TYR A 57 -4.31 -2.67 -6.08
N TYR A 58 -5.56 -2.69 -6.49
CA TYR A 58 -6.38 -3.90 -6.40
C TYR A 58 -7.32 -4.01 -7.59
N SER A 59 -7.51 -5.23 -8.09
CA SER A 59 -8.38 -5.47 -9.23
C SER A 59 -8.96 -6.88 -9.18
N THR A 60 -9.71 -7.24 -10.22
CA THR A 60 -10.33 -8.56 -10.29
C THR A 60 -9.48 -9.52 -11.12
N ASP A 61 -8.18 -9.26 -11.17
CA ASP A 61 -7.26 -10.10 -11.93
C ASP A 61 -5.81 -9.85 -11.51
N VAL A 62 -4.97 -10.87 -11.67
CA VAL A 62 -3.57 -10.75 -11.31
C VAL A 62 -2.69 -10.60 -12.55
N ASN A 63 -3.25 -10.91 -13.70
CA ASN A 63 -2.53 -10.80 -14.97
C ASN A 63 -2.78 -9.45 -15.64
N ALA A 64 -3.78 -8.74 -15.14
CA ALA A 64 -4.13 -7.44 -15.69
C ALA A 64 -2.96 -6.47 -15.60
N GLU A 65 -2.96 -5.44 -16.44
CA GLU A 65 -1.89 -4.46 -16.45
C GLU A 65 -2.13 -3.39 -15.38
N ILE A 66 -1.08 -3.05 -14.65
CA ILE A 66 -1.17 -2.04 -13.61
C ILE A 66 -2.16 -0.94 -13.99
N HIS A 67 -2.25 -0.66 -15.28
CA HIS A 67 -3.16 0.37 -15.77
C HIS A 67 -4.59 0.12 -15.29
N ASP A 68 -5.06 -1.11 -15.48
CA ASP A 68 -6.41 -1.47 -15.05
C ASP A 68 -6.53 -1.44 -13.54
N TRP A 69 -5.45 -1.82 -12.85
CA TRP A 69 -5.44 -1.84 -11.40
C TRP A 69 -5.86 -0.49 -10.83
N VAL A 70 -6.92 -0.48 -10.04
CA VAL A 70 -7.42 0.74 -9.42
C VAL A 70 -6.34 1.43 -8.59
N ILE A 71 -6.46 2.74 -8.44
CA ILE A 71 -5.49 3.51 -7.66
C ILE A 71 -6.12 4.03 -6.38
N GLU A 72 -5.73 3.45 -5.25
CA GLU A 72 -6.25 3.86 -3.95
C GLU A 72 -5.20 4.62 -3.15
N PRO A 73 -5.11 5.94 -3.40
CA PRO A 73 -4.15 6.80 -2.71
C PRO A 73 -4.48 6.98 -1.23
N VAL A 74 -3.48 6.83 -0.37
CA VAL A 74 -3.66 6.98 1.06
C VAL A 74 -3.19 8.36 1.53
N VAL A 75 -4.13 9.27 1.73
CA VAL A 75 -3.82 10.61 2.18
C VAL A 75 -3.13 10.59 3.54
N GLY A 76 -2.25 11.56 3.77
CA GLY A 76 -1.53 11.63 5.03
C GLY A 76 -0.58 10.47 5.22
N ASN A 77 0.24 10.54 6.27
CA ASN A 77 1.21 9.49 6.56
C ASN A 77 0.50 8.17 6.85
N ARG A 78 -0.82 8.22 7.00
CA ARG A 78 -1.61 7.04 7.28
C ARG A 78 -1.02 5.82 6.58
N LEU A 79 -1.12 4.66 7.23
CA LEU A 79 -0.61 3.42 6.66
C LEU A 79 -1.71 2.37 6.53
N THR A 80 -2.96 2.82 6.63
CA THR A 80 -4.10 1.93 6.53
C THR A 80 -5.13 2.47 5.54
N HIS A 81 -5.90 1.56 4.94
CA HIS A 81 -6.92 1.94 3.98
C HIS A 81 -8.14 1.03 4.08
N GLN A 82 -9.32 1.60 3.85
CA GLN A 82 -10.56 0.84 3.93
C GLN A 82 -11.20 0.71 2.56
N ILE A 83 -11.30 -0.52 2.06
CA ILE A 83 -11.90 -0.78 0.76
C ILE A 83 -13.23 -1.50 0.90
N GLN A 84 -14.32 -0.77 0.69
CA GLN A 84 -15.66 -1.33 0.79
C GLN A 84 -16.26 -1.56 -0.59
N GLU A 85 -17.47 -2.10 -0.63
CA GLU A 85 -18.16 -2.36 -1.89
C GLU A 85 -17.38 -3.35 -2.73
N LEU A 86 -16.96 -4.45 -2.12
CA LEU A 86 -16.20 -5.48 -2.81
C LEU A 86 -17.06 -6.71 -3.07
N THR A 87 -16.48 -7.71 -3.73
CA THR A 87 -17.19 -8.94 -4.04
C THR A 87 -16.80 -10.06 -3.08
N LEU A 88 -17.75 -10.93 -2.78
CA LEU A 88 -17.51 -12.04 -1.87
C LEU A 88 -17.08 -13.29 -2.64
N ASP A 89 -16.70 -14.34 -1.92
CA ASP A 89 -16.27 -15.58 -2.53
C ASP A 89 -15.43 -15.31 -3.78
N THR A 90 -14.55 -14.32 -3.69
CA THR A 90 -13.69 -13.95 -4.82
C THR A 90 -12.33 -13.45 -4.32
N PRO A 91 -11.26 -14.14 -4.74
CA PRO A 91 -9.90 -13.78 -4.36
C PRO A 91 -9.44 -12.48 -5.01
N TYR A 92 -9.24 -11.45 -4.19
CA TYR A 92 -8.81 -10.16 -4.68
C TYR A 92 -7.31 -9.94 -4.41
N TYR A 93 -6.59 -9.50 -5.43
CA TYR A 93 -5.16 -9.26 -5.30
C TYR A 93 -4.88 -7.80 -4.98
N PHE A 94 -4.29 -7.55 -3.82
CA PHE A 94 -3.97 -6.19 -3.39
C PHE A 94 -2.46 -5.97 -3.40
N LYS A 95 -2.06 -4.72 -3.63
CA LYS A 95 -0.65 -4.36 -3.66
C LYS A 95 -0.42 -3.00 -3.00
N ILE A 96 0.72 -2.86 -2.33
CA ILE A 96 1.07 -1.61 -1.66
C ILE A 96 2.36 -1.03 -2.22
N GLN A 97 2.56 0.26 -2.00
CA GLN A 97 3.75 0.95 -2.48
C GLN A 97 4.02 2.22 -1.67
N ALA A 98 5.13 2.88 -1.98
CA ALA A 98 5.50 4.11 -1.28
C ALA A 98 6.13 5.12 -2.24
N ARG A 99 5.80 6.39 -2.05
CA ARG A 99 6.33 7.45 -2.90
C ARG A 99 6.70 8.67 -2.07
N ASN A 100 7.65 9.45 -2.59
CA ASN A 100 8.10 10.66 -1.89
C ASN A 100 8.05 11.87 -2.82
N SER A 101 8.52 13.01 -2.31
CA SER A 101 8.52 14.25 -3.09
C SER A 101 8.99 13.98 -4.52
N LYS A 102 9.76 12.92 -4.70
CA LYS A 102 10.27 12.56 -6.02
C LYS A 102 9.22 11.79 -6.81
N GLY A 103 9.03 10.53 -6.45
CA GLY A 103 8.06 9.69 -7.14
C GLY A 103 7.75 8.42 -6.40
N MET A 104 7.21 7.43 -7.11
CA MET A 104 6.87 6.15 -6.50
C MET A 104 8.02 5.16 -6.62
N GLY A 105 7.84 3.97 -6.06
CA GLY A 105 8.88 2.95 -6.12
C GLY A 105 8.38 1.66 -6.74
N PRO A 106 9.11 0.56 -6.48
CA PRO A 106 8.76 -0.76 -7.01
C PRO A 106 7.50 -1.32 -6.37
N MET A 107 6.69 -2.02 -7.17
CA MET A 107 5.45 -2.62 -6.69
C MET A 107 5.74 -3.82 -5.80
N SER A 108 4.90 -4.00 -4.78
CA SER A 108 5.07 -5.13 -3.86
C SER A 108 4.47 -6.40 -4.43
N GLU A 109 4.61 -7.50 -3.70
CA GLU A 109 4.08 -8.79 -4.14
C GLU A 109 2.57 -8.82 -4.02
N ALA A 110 1.90 -9.26 -5.08
CA ALA A 110 0.44 -9.34 -5.09
C ALA A 110 -0.07 -10.16 -3.91
N VAL A 111 -0.82 -9.50 -3.03
CA VAL A 111 -1.36 -10.17 -1.85
C VAL A 111 -2.73 -10.78 -2.15
N GLN A 112 -2.77 -12.09 -2.36
CA GLN A 112 -4.01 -12.79 -2.66
C GLN A 112 -4.80 -13.06 -1.38
N PHE A 113 -5.87 -12.31 -1.18
CA PHE A 113 -6.70 -12.47 0.01
C PHE A 113 -8.15 -12.78 -0.38
N ARG A 114 -8.61 -13.96 0.00
CA ARG A 114 -9.98 -14.38 -0.32
C ARG A 114 -10.99 -13.61 0.52
N THR A 115 -12.07 -13.18 -0.12
CA THR A 115 -13.12 -12.43 0.56
C THR A 115 -13.98 -13.33 1.43
N PRO A 116 -14.45 -12.81 2.57
CA PRO A 116 -15.30 -13.56 3.51
C PRO A 116 -16.69 -13.82 2.94
N LYS A 117 -17.62 -14.18 3.82
CA LYS A 117 -18.98 -14.46 3.42
C LYS A 117 -19.98 -13.88 4.41
N ALA A 118 -21.23 -13.73 3.98
CA ALA A 118 -22.27 -13.19 4.83
C ALA A 118 -22.85 -14.26 5.75
N SER A 119 -21.99 -15.14 6.25
CA SER A 119 -22.42 -16.21 7.13
C SER A 119 -21.98 -15.96 8.56
N GLY A 120 -22.80 -15.24 9.32
CA GLY A 120 -22.47 -14.94 10.70
C GLY A 120 -23.41 -13.92 11.31
N PRO A 121 -23.97 -14.27 12.48
CA PRO A 121 -24.91 -13.39 13.20
C PRO A 121 -24.23 -12.16 13.77
N SER A 122 -25.01 -11.30 14.42
CA SER A 122 -24.48 -10.07 15.01
C SER A 122 -23.32 -10.39 15.95
N SER A 123 -22.58 -9.36 16.32
CA SER A 123 -21.44 -9.51 17.22
C SER A 123 -21.71 -8.88 18.57
N GLY A 124 -21.16 -9.48 19.63
CA GLY A 124 -21.36 -8.95 20.96
C GLY A 124 -22.75 -9.21 21.49
N GLY A 1 34.47 0.56 15.68
CA GLY A 1 33.51 0.99 16.67
C GLY A 1 32.91 2.33 16.35
N SER A 2 33.20 3.33 17.17
CA SER A 2 32.66 4.68 16.97
C SER A 2 33.69 5.56 16.25
N SER A 3 33.65 5.53 14.93
CA SER A 3 34.57 6.33 14.12
C SER A 3 34.08 6.43 12.68
N GLY A 4 34.35 7.57 12.05
CA GLY A 4 33.93 7.78 10.67
C GLY A 4 32.70 8.66 10.56
N SER A 5 32.91 9.97 10.61
CA SER A 5 31.82 10.93 10.52
C SER A 5 32.35 12.36 10.44
N SER A 6 31.44 13.30 10.19
CA SER A 6 31.82 14.70 10.09
C SER A 6 30.90 15.58 10.94
N GLY A 7 30.69 15.15 12.18
CA GLY A 7 29.84 15.91 13.09
C GLY A 7 28.38 15.85 12.69
N THR A 8 27.67 16.97 12.83
CA THR A 8 26.26 17.04 12.48
C THR A 8 26.05 17.72 11.13
N ALA A 9 26.67 17.16 10.10
CA ALA A 9 26.55 17.72 8.76
C ALA A 9 26.76 16.64 7.69
N HIS A 10 25.80 16.51 6.80
CA HIS A 10 25.87 15.52 5.73
C HIS A 10 25.93 16.19 4.37
N GLY A 11 24.88 16.93 4.04
CA GLY A 11 24.82 17.62 2.76
C GLY A 11 23.91 16.92 1.76
N THR A 12 22.61 16.99 2.01
CA THR A 12 21.63 16.36 1.13
C THR A 12 20.74 17.40 0.47
N THR A 13 20.96 17.62 -0.83
CA THR A 13 20.17 18.59 -1.58
C THR A 13 19.25 17.90 -2.58
N PHE A 14 19.05 16.60 -2.39
CA PHE A 14 18.20 15.82 -3.27
C PHE A 14 17.68 14.57 -2.57
N GLU A 15 16.53 14.08 -3.03
CA GLU A 15 15.92 12.89 -2.44
C GLU A 15 16.02 11.70 -3.39
N LEU A 16 15.59 10.53 -2.92
CA LEU A 16 15.63 9.32 -3.73
C LEU A 16 14.40 8.44 -3.45
N VAL A 17 13.51 8.36 -4.42
CA VAL A 17 12.31 7.55 -4.30
C VAL A 17 12.62 6.18 -3.70
N PRO A 18 11.63 5.59 -3.02
CA PRO A 18 11.79 4.28 -2.38
C PRO A 18 11.89 3.15 -3.40
N THR A 19 13.11 2.72 -3.70
CA THR A 19 13.35 1.66 -4.65
C THR A 19 13.17 0.29 -4.01
N SER A 20 12.49 0.25 -2.87
CA SER A 20 12.25 -0.99 -2.16
C SER A 20 10.79 -1.12 -1.75
N PRO A 21 10.27 -2.36 -1.78
CA PRO A 21 8.89 -2.64 -1.41
C PRO A 21 8.63 -2.48 0.08
N PRO A 22 7.35 -2.34 0.45
CA PRO A 22 6.94 -2.16 1.85
C PRO A 22 7.14 -3.43 2.67
N LYS A 23 6.71 -3.39 3.92
CA LYS A 23 6.84 -4.54 4.82
C LYS A 23 5.59 -4.69 5.69
N ASP A 24 5.55 -5.77 6.48
CA ASP A 24 4.43 -6.03 7.36
C ASP A 24 3.10 -5.85 6.62
N VAL A 25 3.08 -6.22 5.35
CA VAL A 25 1.88 -6.10 4.53
C VAL A 25 0.82 -7.12 4.95
N THR A 26 -0.22 -6.64 5.63
CA THR A 26 -1.28 -7.51 6.10
C THR A 26 -2.64 -7.00 5.63
N VAL A 27 -3.59 -7.92 5.48
CA VAL A 27 -4.94 -7.57 5.03
C VAL A 27 -6.00 -8.20 5.93
N VAL A 28 -6.70 -7.35 6.69
CA VAL A 28 -7.74 -7.82 7.59
C VAL A 28 -9.12 -7.34 7.13
N SER A 29 -10.15 -7.82 7.81
CA SER A 29 -11.53 -7.46 7.47
C SER A 29 -12.09 -6.47 8.49
N LYS A 30 -13.22 -5.87 8.14
CA LYS A 30 -13.87 -4.90 9.03
C LYS A 30 -14.78 -5.60 10.02
N GLU A 31 -14.91 -5.03 11.22
CA GLU A 31 -15.75 -5.60 12.25
C GLU A 31 -17.23 -5.29 11.99
N GLY A 32 -17.95 -6.28 11.46
CA GLY A 32 -19.36 -6.09 11.16
C GLY A 32 -19.64 -6.08 9.67
N LYS A 33 -18.79 -5.40 8.91
CA LYS A 33 -18.96 -5.30 7.47
C LYS A 33 -17.95 -6.19 6.75
N PRO A 34 -18.43 -7.29 6.15
CA PRO A 34 -17.59 -8.24 5.42
C PRO A 34 -17.05 -7.65 4.13
N LYS A 35 -17.93 -7.04 3.34
CA LYS A 35 -17.55 -6.43 2.08
C LYS A 35 -16.45 -5.40 2.27
N THR A 36 -16.28 -4.96 3.52
CA THR A 36 -15.27 -3.96 3.85
C THR A 36 -14.04 -4.60 4.49
N ILE A 37 -12.86 -4.18 4.06
CA ILE A 37 -11.62 -4.72 4.60
C ILE A 37 -10.61 -3.61 4.88
N ILE A 38 -9.67 -3.88 5.77
CA ILE A 38 -8.65 -2.91 6.13
C ILE A 38 -7.25 -3.44 5.85
N VAL A 39 -6.52 -2.77 4.97
CA VAL A 39 -5.17 -3.19 4.62
C VAL A 39 -4.14 -2.43 5.44
N ASN A 40 -3.32 -3.17 6.20
CA ASN A 40 -2.30 -2.56 7.03
C ASN A 40 -0.90 -2.87 6.49
N TRP A 41 0.07 -2.06 6.88
CA TRP A 41 1.44 -2.24 6.43
C TRP A 41 2.38 -1.26 7.13
N GLN A 42 3.66 -1.34 6.79
CA GLN A 42 4.66 -0.45 7.39
C GLN A 42 5.66 0.01 6.33
N PRO A 43 6.32 1.16 6.61
CA PRO A 43 7.31 1.74 5.70
C PRO A 43 8.59 0.91 5.65
N PRO A 44 9.20 0.85 4.45
CA PRO A 44 10.44 0.09 4.24
C PRO A 44 11.64 0.74 4.92
N SER A 45 12.71 -0.03 5.08
CA SER A 45 13.92 0.47 5.72
C SER A 45 14.55 1.59 4.89
N GLU A 46 14.54 1.41 3.57
CA GLU A 46 15.11 2.42 2.67
C GLU A 46 14.71 3.83 3.10
N ALA A 47 13.43 4.11 3.03
CA ALA A 47 12.91 5.43 3.40
C ALA A 47 13.90 6.53 3.05
N ASN A 48 14.46 6.45 1.84
CA ASN A 48 15.41 7.44 1.38
C ASN A 48 14.73 8.74 1.00
N GLY A 49 13.93 9.28 1.93
CA GLY A 49 13.22 10.52 1.67
C GLY A 49 11.91 10.61 2.43
N LYS A 50 11.68 11.75 3.06
CA LYS A 50 10.46 11.97 3.84
C LYS A 50 9.25 11.38 3.11
N ILE A 51 8.47 10.57 3.82
CA ILE A 51 7.28 9.96 3.24
C ILE A 51 6.11 10.93 3.22
N THR A 52 5.32 10.87 2.15
CA THR A 52 4.16 11.75 2.00
C THR A 52 2.86 10.95 1.99
N GLY A 53 2.90 9.77 1.36
CA GLY A 53 1.72 8.93 1.29
C GLY A 53 2.01 7.58 0.68
N TYR A 54 0.95 6.88 0.27
CA TYR A 54 1.11 5.55 -0.33
C TYR A 54 0.03 5.31 -1.38
N ILE A 55 0.25 4.30 -2.23
CA ILE A 55 -0.70 3.97 -3.27
C ILE A 55 -0.99 2.47 -3.28
N ILE A 56 -2.26 2.12 -3.18
CA ILE A 56 -2.67 0.73 -3.18
C ILE A 56 -3.35 0.34 -4.50
N TYR A 57 -3.06 -0.85 -4.98
CA TYR A 57 -3.64 -1.33 -6.24
C TYR A 57 -4.36 -2.67 -6.04
N TYR A 58 -5.60 -2.75 -6.49
CA TYR A 58 -6.39 -3.96 -6.36
C TYR A 58 -7.21 -4.22 -7.62
N SER A 59 -7.48 -5.49 -7.89
CA SER A 59 -8.25 -5.88 -9.07
C SER A 59 -8.57 -7.36 -9.04
N THR A 60 -9.63 -7.75 -9.76
CA THR A 60 -10.04 -9.15 -9.82
C THR A 60 -9.27 -9.90 -10.90
N ASP A 61 -7.95 -9.72 -10.89
CA ASP A 61 -7.08 -10.39 -11.86
C ASP A 61 -5.61 -10.19 -11.52
N VAL A 62 -4.92 -11.28 -11.26
CA VAL A 62 -3.49 -11.22 -10.92
C VAL A 62 -2.64 -11.06 -12.17
N ASN A 63 -3.14 -11.57 -13.29
CA ASN A 63 -2.41 -11.50 -14.56
C ASN A 63 -2.92 -10.34 -15.40
N ALA A 64 -3.45 -9.32 -14.74
CA ALA A 64 -3.98 -8.14 -15.43
C ALA A 64 -2.93 -7.03 -15.50
N GLU A 65 -2.86 -6.36 -16.65
CA GLU A 65 -1.91 -5.28 -16.84
C GLU A 65 -1.97 -4.29 -15.68
N ILE A 66 -0.79 -3.90 -15.19
CA ILE A 66 -0.71 -2.95 -14.07
C ILE A 66 -1.72 -1.83 -14.23
N HIS A 67 -1.91 -1.38 -15.47
CA HIS A 67 -2.85 -0.30 -15.75
C HIS A 67 -4.27 -0.72 -15.38
N ASP A 68 -4.61 -1.97 -15.64
CA ASP A 68 -5.94 -2.49 -15.34
C ASP A 68 -6.26 -2.33 -13.85
N TRP A 69 -5.23 -2.44 -13.02
CA TRP A 69 -5.39 -2.31 -11.58
C TRP A 69 -5.80 -0.88 -11.21
N VAL A 70 -6.75 -0.76 -10.28
CA VAL A 70 -7.22 0.54 -9.83
C VAL A 70 -6.18 1.24 -8.94
N ILE A 71 -6.19 2.56 -8.96
CA ILE A 71 -5.26 3.34 -8.16
C ILE A 71 -5.93 3.90 -6.92
N GLU A 72 -5.54 3.41 -5.75
CA GLU A 72 -6.10 3.87 -4.49
C GLU A 72 -5.08 4.69 -3.70
N PRO A 73 -4.99 5.98 -4.02
CA PRO A 73 -4.06 6.90 -3.37
C PRO A 73 -4.46 7.19 -1.93
N VAL A 74 -3.57 6.90 -0.99
CA VAL A 74 -3.83 7.13 0.43
C VAL A 74 -3.30 8.49 0.87
N VAL A 75 -4.22 9.44 1.05
CA VAL A 75 -3.84 10.79 1.48
C VAL A 75 -3.13 10.76 2.82
N GLY A 76 -2.38 11.82 3.11
CA GLY A 76 -1.65 11.90 4.36
C GLY A 76 -0.73 10.71 4.58
N ASN A 77 0.08 10.78 5.63
CA ASN A 77 1.00 9.69 5.94
C ASN A 77 0.29 8.55 6.66
N ARG A 78 -0.61 7.88 5.93
CA ARG A 78 -1.37 6.78 6.50
C ARG A 78 -0.75 5.44 6.08
N LEU A 79 -0.79 4.47 6.99
CA LEU A 79 -0.24 3.15 6.72
C LEU A 79 -1.35 2.11 6.59
N THR A 80 -2.60 2.57 6.71
CA THR A 80 -3.75 1.67 6.60
C THR A 80 -4.79 2.25 5.65
N HIS A 81 -5.51 1.37 4.95
CA HIS A 81 -6.54 1.79 4.02
C HIS A 81 -7.83 0.99 4.22
N GLN A 82 -8.96 1.59 3.88
CA GLN A 82 -10.25 0.93 4.03
C GLN A 82 -10.99 0.87 2.70
N ILE A 83 -11.42 -0.32 2.32
CA ILE A 83 -12.14 -0.51 1.06
C ILE A 83 -13.47 -1.22 1.29
N GLN A 84 -14.56 -0.56 0.96
CA GLN A 84 -15.89 -1.13 1.13
C GLN A 84 -16.53 -1.44 -0.22
N GLU A 85 -17.79 -1.86 -0.19
CA GLU A 85 -18.51 -2.18 -1.41
C GLU A 85 -17.66 -3.06 -2.32
N LEU A 86 -17.20 -4.19 -1.79
CA LEU A 86 -16.37 -5.12 -2.56
C LEU A 86 -17.15 -6.37 -2.91
N THR A 87 -16.47 -7.33 -3.52
CA THR A 87 -17.11 -8.59 -3.92
C THR A 87 -16.70 -9.72 -2.99
N LEU A 88 -17.70 -10.49 -2.54
CA LEU A 88 -17.46 -11.61 -1.64
C LEU A 88 -17.22 -12.89 -2.43
N ASP A 89 -16.94 -13.98 -1.71
CA ASP A 89 -16.70 -15.27 -2.34
C ASP A 89 -15.91 -15.11 -3.63
N THR A 90 -14.93 -14.20 -3.62
CA THR A 90 -14.11 -13.94 -4.80
C THR A 90 -12.70 -13.52 -4.40
N PRO A 91 -11.70 -14.11 -5.07
CA PRO A 91 -10.28 -13.81 -4.80
C PRO A 91 -9.90 -12.41 -5.25
N TYR A 92 -9.28 -11.66 -4.34
CA TYR A 92 -8.85 -10.30 -4.64
C TYR A 92 -7.40 -10.08 -4.23
N TYR A 93 -6.61 -9.54 -5.15
CA TYR A 93 -5.20 -9.28 -4.90
C TYR A 93 -4.95 -7.79 -4.62
N PHE A 94 -4.15 -7.51 -3.61
CA PHE A 94 -3.84 -6.13 -3.25
C PHE A 94 -2.34 -5.88 -3.30
N LYS A 95 -1.96 -4.64 -3.57
CA LYS A 95 -0.56 -4.26 -3.65
C LYS A 95 -0.33 -2.88 -3.05
N ILE A 96 0.67 -2.77 -2.18
CA ILE A 96 0.99 -1.50 -1.54
C ILE A 96 2.24 -0.89 -2.16
N GLN A 97 2.24 0.44 -2.27
CA GLN A 97 3.37 1.16 -2.85
C GLN A 97 3.65 2.44 -2.07
N ALA A 98 4.93 2.72 -1.84
CA ALA A 98 5.34 3.91 -1.11
C ALA A 98 5.82 5.00 -2.05
N ARG A 99 5.49 6.25 -1.74
CA ARG A 99 5.89 7.37 -2.57
C ARG A 99 6.21 8.60 -1.71
N ASN A 100 7.15 9.41 -2.17
CA ASN A 100 7.54 10.61 -1.43
C ASN A 100 7.48 11.84 -2.34
N SER A 101 7.88 12.99 -1.80
CA SER A 101 7.87 14.24 -2.55
C SER A 101 8.32 14.01 -4.00
N LYS A 102 9.32 13.16 -4.16
CA LYS A 102 9.85 12.85 -5.49
C LYS A 102 8.82 12.10 -6.32
N GLY A 103 8.63 10.81 -6.01
CA GLY A 103 7.68 10.01 -6.74
C GLY A 103 7.35 8.71 -6.02
N MET A 104 6.80 7.76 -6.76
CA MET A 104 6.44 6.46 -6.18
C MET A 104 7.53 5.42 -6.43
N GLY A 105 7.30 4.20 -5.97
CA GLY A 105 8.27 3.14 -6.15
C GLY A 105 7.65 1.87 -6.70
N PRO A 106 8.34 0.74 -6.49
CA PRO A 106 7.87 -0.57 -6.95
C PRO A 106 6.64 -1.05 -6.19
N MET A 107 6.07 -2.16 -6.63
CA MET A 107 4.89 -2.73 -5.98
C MET A 107 5.23 -4.05 -5.30
N SER A 108 4.47 -4.39 -4.26
CA SER A 108 4.69 -5.62 -3.52
C SER A 108 3.99 -6.80 -4.19
N GLU A 109 4.46 -8.01 -3.92
CA GLU A 109 3.88 -9.20 -4.49
C GLU A 109 2.36 -9.20 -4.34
N ALA A 110 1.67 -9.71 -5.35
CA ALA A 110 0.21 -9.77 -5.33
C ALA A 110 -0.29 -10.51 -4.09
N VAL A 111 -0.83 -9.76 -3.14
CA VAL A 111 -1.35 -10.35 -1.91
C VAL A 111 -2.76 -10.90 -2.11
N GLN A 112 -2.86 -12.22 -2.22
CA GLN A 112 -4.16 -12.87 -2.41
C GLN A 112 -4.94 -12.94 -1.11
N PHE A 113 -6.11 -12.31 -1.10
CA PHE A 113 -6.95 -12.29 0.09
C PHE A 113 -8.39 -12.65 -0.25
N ARG A 114 -8.80 -13.85 0.16
CA ARG A 114 -10.16 -14.31 -0.11
C ARG A 114 -11.18 -13.54 0.72
N THR A 115 -12.17 -12.96 0.05
CA THR A 115 -13.20 -12.20 0.72
C THR A 115 -14.08 -13.09 1.59
N PRO A 116 -14.50 -12.57 2.76
CA PRO A 116 -15.34 -13.31 3.70
C PRO A 116 -16.75 -13.52 3.19
N LYS A 117 -17.67 -13.87 4.08
CA LYS A 117 -19.06 -14.09 3.71
C LYS A 117 -20.01 -13.48 4.75
N ALA A 118 -21.24 -13.23 4.33
CA ALA A 118 -22.23 -12.64 5.23
C ALA A 118 -22.87 -13.72 6.10
N SER A 119 -22.03 -14.61 6.63
CA SER A 119 -22.51 -15.69 7.49
C SER A 119 -22.14 -15.44 8.94
N GLY A 120 -23.13 -15.52 9.83
CA GLY A 120 -22.88 -15.30 11.23
C GLY A 120 -23.38 -13.95 11.71
N PRO A 121 -24.66 -13.89 12.11
CA PRO A 121 -25.29 -12.65 12.58
C PRO A 121 -24.74 -12.22 13.93
N SER A 122 -25.15 -11.03 14.37
CA SER A 122 -24.70 -10.49 15.64
C SER A 122 -25.52 -11.06 16.79
N SER A 123 -25.05 -10.85 18.02
CA SER A 123 -25.74 -11.34 19.21
C SER A 123 -26.13 -10.19 20.12
N GLY A 124 -27.40 -10.20 20.56
CA GLY A 124 -27.88 -9.14 21.44
C GLY A 124 -29.24 -9.46 22.02
#